data_2GLX
#
_entry.id   2GLX
#
_cell.length_a   97.190
_cell.length_b   84.900
_cell.length_c   150.940
_cell.angle_alpha   90.00
_cell.angle_beta   96.30
_cell.angle_gamma   90.00
#
_symmetry.space_group_name_H-M   'P 1 21 1'
#
loop_
_entity.id
_entity.type
_entity.pdbx_description
1 polymer '1,5-anhydro-D-fructose reductase'
2 non-polymer 'ACETATE ION'
3 non-polymer 'NADPH DIHYDRO-NICOTINAMIDE-ADENINE-DINUCLEOTIDE PHOSPHATE'
4 water water
#
_entity_poly.entity_id   1
_entity_poly.type   'polypeptide(L)'
_entity_poly.pdbx_seq_one_letter_code
;NRWGLIGASTIAREWVIGAIRATGGEVVSMMSTSAERGAAYATENGIGKSVTSVEELVGDPDVDAVYVSTTNELHREQTL
AAIRAGKHVLCEKPLAMTLEDAREMVVAAREAGVVLGTNHHLRNAAAHRAMRDAIAEGRIGRPIAARVFHAVYLPPHLQG
WRLERPEAGGGVILDITVHDADTLRFVLNDDPAEAVAISHSAGMGKEGVEDGVMGVLRFQSGVIAQFHDAFTTKFAETGF
EVHGTEGSLIGRNVMTQKPVGTVTLRNAEGESQLPLDPANLYETALAAFHSAIEGHGQPSATGEDGVWSLATGLAVVKAA
ATGQAAEIETGL
;
_entity_poly.pdbx_strand_id   A,B,C,D,E,F
#
loop_
_chem_comp.id
_chem_comp.type
_chem_comp.name
_chem_comp.formula
ACT non-polymer 'ACETATE ION' 'C2 H3 O2 -1'
NDP non-polymer 'NADPH DIHYDRO-NICOTINAMIDE-ADENINE-DINUCLEOTIDE PHOSPHATE' 'C21 H30 N7 O17 P3'
#
# COMPACT_ATOMS: atom_id res chain seq x y z
N ASN A 1 0.84 7.10 18.98
CA ASN A 1 1.78 6.01 19.33
C ASN A 1 3.29 6.24 19.62
N ARG A 2 3.90 7.23 18.96
CA ARG A 2 5.35 7.45 19.06
C ARG A 2 5.80 8.81 19.62
N TRP A 3 6.51 8.77 20.74
CA TRP A 3 6.72 10.00 21.45
C TRP A 3 8.16 10.49 21.37
N GLY A 4 8.31 11.80 21.45
CA GLY A 4 9.58 12.39 21.85
C GLY A 4 9.45 13.08 23.20
N LEU A 5 10.36 12.81 24.14
CA LEU A 5 10.44 13.55 25.42
C LEU A 5 11.29 14.82 25.26
N ILE A 6 10.76 15.95 25.71
CA ILE A 6 11.58 17.08 26.02
C ILE A 6 11.70 17.18 27.53
N GLY A 7 12.86 16.77 28.03
CA GLY A 7 13.21 17.01 29.40
C GLY A 7 13.53 15.70 30.04
N ALA A 8 14.73 15.60 30.59
CA ALA A 8 15.12 14.44 31.35
C ALA A 8 14.64 14.60 32.80
N SER A 9 13.34 14.36 33.03
CA SER A 9 12.66 14.79 34.24
C SER A 9 12.39 13.62 35.22
N THR A 10 12.13 13.90 36.48
CA THR A 10 11.74 12.82 37.35
C THR A 10 10.30 12.40 37.10
N ILE A 11 9.47 13.33 36.60
CA ILE A 11 8.09 12.96 36.25
C ILE A 11 8.01 11.98 35.11
N ALA A 12 8.80 12.16 34.04
CA ALA A 12 8.75 11.19 32.96
C ALA A 12 9.34 9.86 33.43
N ARG A 13 10.40 9.93 34.21
CA ARG A 13 11.10 8.70 34.60
C ARG A 13 10.15 7.91 35.48
N GLU A 14 9.59 8.60 36.48
CA GLU A 14 8.83 7.91 37.51
C GLU A 14 7.50 7.38 37.04
N TRP A 15 6.84 8.09 36.10
CA TRP A 15 5.43 7.84 35.78
C TRP A 15 5.12 7.84 34.30
N VAL A 16 5.48 8.89 33.59
CA VAL A 16 4.92 9.07 32.25
C VAL A 16 5.51 8.19 31.15
N ILE A 17 6.79 7.89 31.24
CA ILE A 17 7.39 7.01 30.25
C ILE A 17 6.69 5.66 30.34
N GLY A 18 6.54 5.12 31.54
CA GLY A 18 5.85 3.83 31.68
C GLY A 18 4.39 3.82 31.27
N ALA A 19 3.70 4.95 31.44
CA ALA A 19 2.26 5.11 31.09
C ALA A 19 2.06 5.16 29.58
N ILE A 20 2.96 5.88 28.90
CA ILE A 20 3.08 5.77 27.45
C ILE A 20 3.26 4.32 27.01
N ARG A 21 4.17 3.57 27.62
CA ARG A 21 4.36 2.16 27.24
C ARG A 21 3.18 1.24 27.61
N ALA A 22 2.60 1.42 28.82
CA ALA A 22 1.42 0.64 29.30
C ALA A 22 0.19 0.77 28.47
N THR A 23 0.07 1.90 27.78
CA THR A 23 -1.13 2.19 27.01
C THR A 23 -0.91 2.12 25.50
N GLY A 24 0.17 1.49 25.07
CA GLY A 24 0.30 1.12 23.64
C GLY A 24 1.20 1.98 22.78
N GLY A 25 1.80 3.02 23.35
CA GLY A 25 2.70 3.90 22.60
C GLY A 25 4.17 3.59 22.83
N GLU A 26 5.07 4.39 22.26
CA GLU A 26 6.50 4.15 22.45
C GLU A 26 7.22 5.47 22.56
N VAL A 27 8.28 5.51 23.34
CA VAL A 27 9.15 6.69 23.45
C VAL A 27 10.41 6.45 22.63
N VAL A 28 10.44 7.00 21.42
CA VAL A 28 11.54 6.75 20.49
C VAL A 28 12.76 7.70 20.64
N SER A 29 12.62 8.78 21.42
CA SER A 29 13.66 9.80 21.48
C SER A 29 13.42 10.75 22.61
N MET A 30 14.48 11.44 23.01
CA MET A 30 14.34 12.39 24.08
C MET A 30 15.41 13.46 23.95
N MET A 31 15.19 14.58 24.64
CA MET A 31 16.07 15.72 24.58
C MET A 31 16.35 16.36 25.94
N SER A 32 17.65 16.51 26.18
CA SER A 32 18.19 17.08 27.38
C SER A 32 19.19 18.19 26.95
N THR A 33 19.21 19.34 27.62
CA THR A 33 20.36 20.23 27.51
C THR A 33 21.77 19.62 27.76
N SER A 34 21.85 18.36 28.24
CA SER A 34 23.15 17.72 28.48
C SER A 34 23.35 16.50 27.63
N ALA A 35 24.43 16.49 26.84
CA ALA A 35 24.76 15.30 26.07
C ALA A 35 25.01 14.16 27.01
N GLU A 36 25.75 14.42 28.09
CA GLU A 36 26.14 13.38 29.03
C GLU A 36 24.89 12.81 29.71
N ARG A 37 24.10 13.68 30.33
CA ARG A 37 22.92 13.23 31.08
C ARG A 37 21.86 12.61 30.19
N GLY A 38 21.48 13.29 29.13
CA GLY A 38 20.59 12.68 28.16
C GLY A 38 20.91 11.23 27.90
N ALA A 39 22.14 10.94 27.51
CA ALA A 39 22.50 9.62 27.04
C ALA A 39 22.42 8.53 28.15
N ALA A 40 22.83 8.89 29.37
CA ALA A 40 22.68 8.04 30.54
C ALA A 40 21.18 7.78 30.84
N TYR A 41 20.39 8.85 30.80
CA TYR A 41 18.97 8.76 31.10
C TYR A 41 18.24 8.02 29.99
N ALA A 42 18.64 8.22 28.73
CA ALA A 42 18.08 7.39 27.65
C ALA A 42 18.40 5.88 27.84
N THR A 43 19.58 5.58 28.35
CA THR A 43 19.97 4.20 28.62
C THR A 43 19.27 3.67 29.86
N GLU A 44 19.25 4.48 30.90
CA GLU A 44 18.52 4.11 32.12
C GLU A 44 17.06 3.71 31.84
N ASN A 45 16.44 4.30 30.81
CA ASN A 45 15.00 4.16 30.58
C ASN A 45 14.64 3.53 29.26
N GLY A 46 15.59 2.86 28.63
CA GLY A 46 15.26 2.11 27.44
C GLY A 46 14.76 2.97 26.30
N ILE A 47 15.32 4.16 26.15
CA ILE A 47 15.04 5.02 24.98
C ILE A 47 16.24 5.05 24.06
N GLY A 48 15.96 4.91 22.77
CA GLY A 48 16.96 4.55 21.78
C GLY A 48 17.79 5.69 21.22
N LYS A 49 17.21 6.88 21.17
CA LYS A 49 17.89 8.10 20.73
C LYS A 49 17.94 9.08 21.94
N SER A 50 19.03 9.82 22.10
CA SER A 50 18.98 11.10 22.81
C SER A 50 19.60 12.16 21.93
N VAL A 51 19.35 13.42 22.28
CA VAL A 51 19.54 14.54 21.37
C VAL A 51 19.64 15.76 22.28
N THR A 52 20.38 16.78 21.84
CA THR A 52 20.62 18.02 22.62
C THR A 52 19.94 19.19 21.89
N SER A 53 19.26 18.92 20.81
CA SER A 53 18.48 20.00 20.17
C SER A 53 16.99 19.66 20.11
N VAL A 54 16.19 20.70 20.39
CA VAL A 54 14.73 20.62 20.43
C VAL A 54 14.18 20.31 19.04
N GLU A 55 14.62 21.08 18.04
CA GLU A 55 14.30 20.82 16.65
C GLU A 55 14.69 19.42 16.18
N GLU A 56 15.77 18.87 16.70
CA GLU A 56 16.01 17.50 16.32
C GLU A 56 14.99 16.55 16.91
N LEU A 57 14.42 16.90 18.06
CA LEU A 57 13.52 15.97 18.75
C LEU A 57 12.22 16.06 18.01
N VAL A 58 11.75 17.27 17.97
CA VAL A 58 10.47 17.67 17.45
C VAL A 58 10.29 17.51 15.90
N GLY A 59 11.36 17.67 15.10
CA GLY A 59 11.34 17.41 13.68
C GLY A 59 11.67 15.97 13.30
N ASP A 60 11.91 15.12 14.30
CA ASP A 60 12.13 13.68 14.07
C ASP A 60 10.90 13.05 13.42
N PRO A 61 11.05 12.55 12.19
CA PRO A 61 9.83 12.09 11.52
C PRO A 61 9.19 10.86 12.19
N ASP A 62 9.95 10.15 13.03
CA ASP A 62 9.38 9.01 13.73
C ASP A 62 8.60 9.46 14.98
N VAL A 63 8.65 10.75 15.29
CA VAL A 63 7.99 11.30 16.46
C VAL A 63 6.62 11.86 16.06
N ASP A 64 5.57 11.25 16.63
CA ASP A 64 4.17 11.70 16.47
C ASP A 64 3.72 12.77 17.50
N ALA A 65 4.20 12.63 18.74
CA ALA A 65 3.69 13.46 19.82
C ALA A 65 4.85 13.74 20.74
N VAL A 66 4.73 14.81 21.51
CA VAL A 66 5.81 15.25 22.35
C VAL A 66 5.36 15.45 23.80
N TYR A 67 6.18 15.00 24.75
CA TYR A 67 5.91 15.28 26.14
C TYR A 67 6.91 16.28 26.71
N VAL A 68 6.40 17.44 27.14
CA VAL A 68 7.20 18.51 27.72
C VAL A 68 7.09 18.46 29.22
N SER A 69 8.17 18.06 29.89
CA SER A 69 8.26 18.15 31.33
C SER A 69 9.54 18.77 31.77
N THR A 70 9.99 19.81 31.05
CA THR A 70 11.02 20.73 31.48
C THR A 70 10.51 21.68 32.55
N THR A 71 11.41 22.45 33.18
CA THR A 71 10.98 23.49 34.08
C THR A 71 10.09 24.51 33.33
N ASN A 72 9.43 25.37 34.10
CA ASN A 72 8.18 26.01 33.69
C ASN A 72 8.40 27.14 32.74
N GLU A 73 9.61 27.71 32.73
CA GLU A 73 9.93 28.84 31.86
C GLU A 73 10.19 28.40 30.41
N LEU A 74 10.26 27.08 30.23
CA LEU A 74 10.55 26.44 28.92
C LEU A 74 9.30 25.80 28.24
N HIS A 75 8.21 25.63 29.01
CA HIS A 75 7.00 24.95 28.53
C HIS A 75 6.54 25.61 27.24
N ARG A 76 6.43 26.94 27.24
CA ARG A 76 5.86 27.58 26.07
C ARG A 76 6.63 27.39 24.77
N GLU A 77 7.91 27.76 24.76
CA GLU A 77 8.64 27.81 23.51
C GLU A 77 8.85 26.39 22.99
N GLN A 78 8.97 25.44 23.90
CA GLN A 78 9.08 24.06 23.47
C GLN A 78 7.81 23.48 22.93
N THR A 79 6.67 23.79 23.55
CA THR A 79 5.42 23.28 22.99
C THR A 79 5.06 23.96 21.66
N LEU A 80 5.48 25.22 21.47
CA LEU A 80 5.30 25.94 20.24
C LEU A 80 6.20 25.40 19.09
N ALA A 81 7.45 25.07 19.37
CA ALA A 81 8.25 24.22 18.46
C ALA A 81 7.62 22.94 18.00
N ALA A 82 7.07 22.17 18.92
CA ALA A 82 6.45 20.87 18.58
C ALA A 82 5.29 21.08 17.62
N ILE A 83 4.54 22.15 17.86
CA ILE A 83 3.33 22.44 17.08
C ILE A 83 3.71 22.90 15.67
N ARG A 84 4.69 23.79 15.62
CA ARG A 84 5.30 24.25 14.37
C ARG A 84 5.91 23.07 13.56
N ALA A 85 6.43 22.06 14.21
CA ALA A 85 6.71 20.76 13.56
C ALA A 85 5.50 19.87 13.20
N GLY A 86 4.30 20.28 13.59
CA GLY A 86 3.09 19.43 13.43
C GLY A 86 2.97 18.24 14.36
N LYS A 87 3.51 18.33 15.57
CA LYS A 87 3.41 17.26 16.54
C LYS A 87 2.36 17.59 17.61
N HIS A 88 1.58 16.59 18.03
CA HIS A 88 0.68 16.80 19.14
C HIS A 88 1.57 16.95 20.37
N VAL A 89 1.04 17.59 21.43
CA VAL A 89 1.78 17.96 22.63
C VAL A 89 0.97 17.73 23.92
N LEU A 90 1.45 16.82 24.76
CA LEU A 90 1.15 16.84 26.17
C LEU A 90 2.16 17.66 26.88
N CYS A 91 1.69 18.78 27.43
CA CYS A 91 2.57 19.68 28.16
C CYS A 91 2.32 19.57 29.66
N GLU A 92 3.38 19.71 30.47
CA GLU A 92 3.23 19.51 31.91
C GLU A 92 2.63 20.79 32.41
N LYS A 93 2.12 20.78 33.64
CA LYS A 93 1.55 21.99 34.28
C LYS A 93 2.64 22.68 35.08
N PRO A 94 2.50 23.97 35.36
CA PRO A 94 1.50 24.90 34.83
C PRO A 94 1.76 25.09 33.36
N LEU A 95 0.73 25.28 32.55
CA LEU A 95 0.92 25.21 31.11
C LEU A 95 1.94 26.27 30.69
N ALA A 96 1.95 27.39 31.38
CA ALA A 96 2.99 28.35 31.11
C ALA A 96 3.03 29.26 32.27
N MET A 97 3.72 30.38 32.07
CA MET A 97 3.99 31.24 33.18
C MET A 97 3.15 32.49 33.16
N THR A 98 2.53 32.76 32.01
CA THR A 98 1.66 33.91 31.84
C THR A 98 0.47 33.43 31.04
N LEU A 99 -0.67 34.13 31.18
CA LEU A 99 -1.88 33.77 30.44
C LEU A 99 -1.75 33.97 28.96
N GLU A 100 -1.09 35.04 28.57
CA GLU A 100 -0.88 35.29 27.16
C GLU A 100 -0.08 34.18 26.47
N ASP A 101 0.95 33.66 27.16
CA ASP A 101 1.67 32.49 26.66
C ASP A 101 0.74 31.29 26.56
N ALA A 102 0.08 30.92 27.67
CA ALA A 102 -0.84 29.75 27.66
C ALA A 102 -1.89 29.85 26.51
N ARG A 103 -2.55 30.98 26.37
CA ARG A 103 -3.47 31.19 25.25
C ARG A 103 -2.88 31.03 23.87
N GLU A 104 -1.64 31.48 23.67
CA GLU A 104 -0.94 31.33 22.39
C GLU A 104 -0.74 29.88 22.07
N MET A 105 -0.32 29.12 23.07
CA MET A 105 -0.17 27.67 22.88
C MET A 105 -1.44 26.96 22.41
N VAL A 106 -2.58 27.35 22.99
CA VAL A 106 -3.87 26.71 22.72
C VAL A 106 -4.30 27.16 21.28
N VAL A 107 -4.05 28.42 20.93
CA VAL A 107 -4.42 28.95 19.61
C VAL A 107 -3.52 28.39 18.50
N ALA A 108 -2.26 28.17 18.80
CA ALA A 108 -1.33 27.58 17.85
C ALA A 108 -1.65 26.14 17.52
N ALA A 109 -1.98 25.36 18.56
CA ALA A 109 -2.40 23.95 18.38
C ALA A 109 -3.63 23.85 17.50
N ARG A 110 -4.61 24.69 17.79
CA ARG A 110 -5.89 24.68 17.08
C ARG A 110 -5.67 24.96 15.61
N GLU A 111 -4.84 25.96 15.30
CA GLU A 111 -4.60 26.40 13.92
C GLU A 111 -3.80 25.45 13.06
N ALA A 112 -2.93 24.67 13.73
CA ALA A 112 -2.18 23.57 13.11
C ALA A 112 -2.93 22.25 13.12
N GLY A 113 -4.05 22.19 13.84
CA GLY A 113 -4.86 20.96 13.82
C GLY A 113 -4.16 19.80 14.54
N VAL A 114 -3.54 20.08 15.69
CA VAL A 114 -2.89 19.02 16.48
C VAL A 114 -3.49 19.11 17.88
N VAL A 115 -3.36 18.06 18.68
CA VAL A 115 -3.91 18.00 20.06
C VAL A 115 -2.96 18.56 21.09
N LEU A 116 -3.48 19.42 21.98
CA LEU A 116 -2.70 20.05 23.03
C LEU A 116 -3.44 19.76 24.34
N GLY A 117 -2.72 19.16 25.31
CA GLY A 117 -3.29 18.70 26.55
C GLY A 117 -2.39 19.15 27.67
N THR A 118 -2.96 19.44 28.84
CA THR A 118 -2.18 19.84 30.03
C THR A 118 -2.19 18.57 30.91
N ASN A 119 -1.06 18.19 31.52
CA ASN A 119 -1.08 16.96 32.30
C ASN A 119 -1.55 17.29 33.71
N HIS A 120 -2.85 17.54 33.84
CA HIS A 120 -3.44 17.45 35.16
C HIS A 120 -3.82 15.97 35.45
N HIS A 121 -3.09 15.35 36.37
CA HIS A 121 -3.30 13.93 36.66
C HIS A 121 -4.55 13.63 37.54
N LEU A 122 -4.86 14.51 38.49
CA LEU A 122 -5.72 14.12 39.63
C LEU A 122 -7.13 13.80 39.13
N ARG A 123 -7.53 14.58 38.13
CA ARG A 123 -8.85 14.54 37.56
C ARG A 123 -9.05 13.24 36.86
N ASN A 124 -7.96 12.49 36.64
CA ASN A 124 -7.98 11.09 36.19
C ASN A 124 -8.28 10.03 37.26
N ALA A 125 -8.14 10.40 38.53
CA ALA A 125 -8.23 9.45 39.62
C ALA A 125 -9.69 8.93 39.77
N ALA A 126 -9.88 7.64 40.08
CA ALA A 126 -11.21 7.13 40.42
C ALA A 126 -11.88 7.84 41.59
N ALA A 127 -11.10 8.33 42.55
CA ALA A 127 -11.61 9.03 43.70
C ALA A 127 -12.33 10.27 43.24
N HIS A 128 -11.66 11.05 42.40
CA HIS A 128 -12.19 12.34 42.00
C HIS A 128 -13.33 12.14 41.01
N ARG A 129 -13.26 11.09 40.21
CA ARG A 129 -14.30 10.92 39.20
C ARG A 129 -15.60 10.50 39.91
N ALA A 130 -15.41 9.77 41.01
CA ALA A 130 -16.51 9.20 41.77
C ALA A 130 -17.20 10.28 42.57
N MET A 131 -16.41 11.23 43.09
CA MET A 131 -16.94 12.48 43.66
C MET A 131 -17.64 13.40 42.64
N ARG A 132 -17.13 13.44 41.40
CA ARG A 132 -17.74 14.26 40.37
C ARG A 132 -19.11 13.68 40.08
N ASP A 133 -19.12 12.36 39.85
CA ASP A 133 -20.32 11.58 39.63
C ASP A 133 -21.31 11.68 40.76
N ALA A 134 -20.85 11.64 41.99
CA ALA A 134 -21.72 11.59 43.16
C ALA A 134 -22.47 12.91 43.27
N ILE A 135 -21.77 14.02 43.07
CA ILE A 135 -22.39 15.35 43.11
C ILE A 135 -23.44 15.55 41.97
N ALA A 136 -23.14 15.04 40.79
CA ALA A 136 -24.06 15.13 39.65
C ALA A 136 -25.26 14.18 39.74
N GLU A 137 -25.11 13.10 40.51
CA GLU A 137 -26.18 12.17 40.84
C GLU A 137 -27.02 12.60 42.07
N GLY A 138 -26.80 13.82 42.57
CA GLY A 138 -27.55 14.39 43.66
C GLY A 138 -27.12 13.92 45.08
N ARG A 139 -26.09 13.10 45.21
CA ARG A 139 -25.81 12.50 46.53
C ARG A 139 -25.54 13.41 47.72
N ILE A 140 -25.21 14.65 47.45
CA ILE A 140 -25.10 15.64 48.48
C ILE A 140 -26.08 16.76 48.27
N GLY A 141 -27.14 16.55 47.49
CA GLY A 141 -27.95 17.73 47.27
C GLY A 141 -27.13 18.75 46.58
N ARG A 142 -27.30 19.99 46.99
CA ARG A 142 -26.67 21.11 46.35
C ARG A 142 -25.38 21.38 47.10
N PRO A 143 -24.28 21.53 46.37
CA PRO A 143 -22.98 21.90 46.93
C PRO A 143 -22.94 23.31 47.53
N ILE A 144 -22.32 23.39 48.72
CA ILE A 144 -22.23 24.63 49.48
C ILE A 144 -20.74 25.07 49.52
N ALA A 145 -19.82 24.13 49.79
CA ALA A 145 -18.43 24.48 50.20
C ALA A 145 -17.50 23.33 49.89
N ALA A 146 -16.30 23.63 49.44
CA ALA A 146 -15.34 22.56 49.23
C ALA A 146 -14.08 22.89 50.02
N ARG A 147 -13.27 21.89 50.32
CA ARG A 147 -12.02 22.04 51.09
C ARG A 147 -10.99 21.09 50.50
N VAL A 148 -9.84 21.66 50.19
CA VAL A 148 -8.74 20.93 49.53
C VAL A 148 -7.52 20.99 50.48
N PHE A 149 -6.96 19.83 50.85
CA PHE A 149 -5.70 19.85 51.64
C PHE A 149 -4.62 19.14 50.87
N HIS A 150 -3.64 19.93 50.49
CA HIS A 150 -2.55 19.53 49.61
C HIS A 150 -1.28 20.04 50.25
N ALA A 151 -1.22 20.06 51.57
CA ALA A 151 0.02 20.32 52.31
C ALA A 151 0.83 19.06 52.44
N VAL A 152 1.95 18.98 51.73
CA VAL A 152 2.86 17.87 51.72
C VAL A 152 4.30 18.25 52.16
N TYR A 153 5.20 17.26 52.08
CA TYR A 153 6.67 17.48 52.27
C TYR A 153 7.42 17.27 50.96
N LEU A 154 8.02 18.32 50.45
CA LEU A 154 8.76 18.19 49.21
C LEU A 154 10.07 17.41 49.50
N PRO A 155 10.22 16.20 48.93
CA PRO A 155 11.33 15.34 49.32
C PRO A 155 12.71 15.92 48.90
N PRO A 156 13.78 15.58 49.65
CA PRO A 156 15.07 16.23 49.36
C PRO A 156 15.52 16.25 47.90
N HIS A 157 15.30 15.19 47.13
CA HIS A 157 15.66 15.23 45.70
C HIS A 157 14.94 16.29 44.81
N LEU A 158 13.93 16.97 45.36
CA LEU A 158 13.13 17.94 44.59
C LEU A 158 13.25 19.38 45.14
N GLN A 159 14.12 19.54 46.13
CA GLN A 159 14.28 20.78 46.82
C GLN A 159 15.24 21.70 46.06
N GLY A 160 15.01 21.83 44.74
CA GLY A 160 15.91 22.54 43.85
C GLY A 160 15.18 23.74 43.29
N TRP A 161 14.87 23.73 41.99
CA TRP A 161 14.17 24.83 41.32
C TRP A 161 12.84 25.19 41.98
N ARG A 162 12.15 24.19 42.51
CA ARG A 162 10.85 24.50 43.14
C ARG A 162 10.98 25.58 44.21
N LEU A 163 12.08 25.57 44.96
CA LEU A 163 12.31 26.48 46.07
C LEU A 163 13.16 27.74 45.72
N GLU A 164 13.45 27.96 44.44
CA GLU A 164 14.26 29.11 44.01
C GLU A 164 13.64 29.72 42.77
N ARG A 165 14.07 30.91 42.38
CA ARG A 165 13.78 31.42 41.05
C ARG A 165 12.28 31.37 40.80
N PRO A 166 11.56 32.35 41.35
CA PRO A 166 10.14 32.49 41.09
C PRO A 166 9.90 33.03 39.69
N GLU A 167 10.91 33.71 39.16
CA GLU A 167 10.95 34.17 37.76
C GLU A 167 10.99 33.00 36.76
N ALA A 168 11.48 31.86 37.22
CA ALA A 168 11.53 30.64 36.41
C ALA A 168 10.44 29.60 36.78
N GLY A 169 9.46 30.02 37.57
CA GLY A 169 8.33 29.14 37.89
C GLY A 169 8.28 28.42 39.23
N GLY A 170 9.19 28.69 40.16
CA GLY A 170 9.13 28.01 41.44
C GLY A 170 8.03 28.56 42.33
N GLY A 171 8.00 28.11 43.58
CA GLY A 171 6.93 28.53 44.49
C GLY A 171 5.84 27.45 44.51
N VAL A 172 5.18 27.30 45.65
CA VAL A 172 4.17 26.25 45.79
C VAL A 172 2.87 26.59 45.02
N ILE A 173 2.54 27.87 44.79
CA ILE A 173 1.30 28.21 44.08
C ILE A 173 1.28 27.69 42.66
N LEU A 174 2.34 27.95 41.92
CA LEU A 174 2.42 27.46 40.56
C LEU A 174 2.54 25.97 40.51
N ASP A 175 3.19 25.36 41.51
CA ASP A 175 3.46 23.94 41.44
C ASP A 175 2.25 23.14 41.87
N ILE A 176 1.52 23.60 42.87
CA ILE A 176 0.54 22.72 43.45
C ILE A 176 -0.85 23.29 43.37
N THR A 177 -0.98 24.58 43.64
CA THR A 177 -2.28 25.21 43.66
C THR A 177 -2.99 25.09 42.31
N VAL A 178 -2.20 25.03 41.24
CA VAL A 178 -2.76 24.71 39.90
C VAL A 178 -3.50 23.35 39.83
N HIS A 179 -3.00 22.37 40.57
CA HIS A 179 -3.70 21.08 40.57
C HIS A 179 -5.02 21.20 41.32
N ASP A 180 -5.02 21.90 42.45
CA ASP A 180 -6.25 22.02 43.22
C ASP A 180 -7.30 22.66 42.35
N ALA A 181 -6.92 23.81 41.76
CA ALA A 181 -7.82 24.59 40.89
C ALA A 181 -8.52 23.73 39.89
N ASP A 182 -7.78 22.83 39.23
CA ASP A 182 -8.31 22.08 38.10
C ASP A 182 -9.20 20.99 38.66
N THR A 183 -8.78 20.48 39.81
CA THR A 183 -9.54 19.40 40.41
C THR A 183 -10.89 19.85 40.97
N LEU A 184 -10.91 21.05 41.55
CA LEU A 184 -12.17 21.74 41.89
C LEU A 184 -13.09 21.89 40.70
N ARG A 185 -12.55 22.25 39.55
CA ARG A 185 -13.34 22.58 38.37
C ARG A 185 -13.92 21.28 37.89
N PHE A 186 -13.09 20.24 37.92
CA PHE A 186 -13.50 18.92 37.47
C PHE A 186 -14.62 18.39 38.35
N VAL A 187 -14.37 18.32 39.64
CA VAL A 187 -15.35 17.76 40.57
C VAL A 187 -16.63 18.59 40.75
N LEU A 188 -16.51 19.90 40.89
CA LEU A 188 -17.67 20.76 41.06
C LEU A 188 -18.41 21.00 39.73
N ASN A 189 -17.76 20.70 38.60
CA ASN A 189 -18.25 21.12 37.29
C ASN A 189 -18.68 22.58 37.21
N ASP A 190 -17.76 23.47 37.54
CA ASP A 190 -18.06 24.89 37.67
C ASP A 190 -16.73 25.60 37.62
N ASP A 191 -16.73 26.92 37.44
CA ASP A 191 -15.53 27.67 37.22
C ASP A 191 -15.32 28.67 38.36
N PRO A 192 -14.07 28.89 38.75
CA PRO A 192 -13.88 29.80 39.88
C PRO A 192 -14.13 31.23 39.38
N ALA A 193 -14.48 32.17 40.27
CA ALA A 193 -14.63 33.60 39.94
C ALA A 193 -13.57 34.58 40.48
N GLU A 194 -13.14 34.37 41.72
CA GLU A 194 -12.09 35.16 42.36
C GLU A 194 -11.42 34.35 43.46
N ALA A 195 -10.27 34.86 43.94
CA ALA A 195 -9.42 34.26 45.01
C ALA A 195 -9.06 35.32 45.98
N VAL A 196 -9.00 34.94 47.26
CA VAL A 196 -8.18 35.64 48.28
C VAL A 196 -7.17 34.61 48.84
N ALA A 197 -6.04 35.07 49.40
CA ALA A 197 -5.02 34.12 49.86
C ALA A 197 -4.03 34.77 50.78
N ILE A 198 -3.22 33.97 51.47
CA ILE A 198 -2.12 34.49 52.27
C ILE A 198 -1.07 33.44 52.11
N SER A 199 0.14 33.84 51.71
CA SER A 199 1.21 32.87 51.49
C SER A 199 2.31 33.12 52.47
N HIS A 200 3.13 32.10 52.73
CA HIS A 200 4.31 32.31 53.57
C HIS A 200 5.53 31.57 53.10
N SER A 201 6.64 31.83 53.73
CA SER A 201 7.87 31.13 53.41
C SER A 201 8.34 30.57 54.77
N ALA A 202 8.15 29.28 54.99
CA ALA A 202 8.28 28.78 56.36
C ALA A 202 9.50 27.85 56.45
N GLY A 203 10.57 28.20 55.74
CA GLY A 203 11.85 27.56 55.99
C GLY A 203 12.40 26.82 54.80
N MET A 204 11.59 26.59 53.77
CA MET A 204 12.05 25.79 52.64
C MET A 204 12.34 26.69 51.43
N GLY A 205 11.41 27.56 51.07
CA GLY A 205 11.60 28.49 49.96
C GLY A 205 12.75 29.43 50.26
N LYS A 206 13.67 29.57 49.30
CA LYS A 206 14.77 30.52 49.44
C LYS A 206 14.18 31.85 49.03
N GLU A 207 14.79 32.94 49.48
CA GLU A 207 14.43 34.30 48.99
C GLU A 207 12.92 34.60 49.00
N GLY A 208 12.43 35.30 47.98
CA GLY A 208 11.01 35.64 47.85
C GLY A 208 10.14 34.50 47.33
N VAL A 209 10.34 33.28 47.86
CA VAL A 209 9.67 32.07 47.32
C VAL A 209 8.76 31.44 48.37
N GLU A 210 7.47 31.37 48.05
CA GLU A 210 6.48 30.79 48.98
C GLU A 210 6.52 29.27 49.01
N ASP A 211 6.45 28.71 50.20
CA ASP A 211 6.35 27.26 50.31
C ASP A 211 5.09 26.72 51.02
N GLY A 212 4.25 27.64 51.51
CA GLY A 212 2.85 27.35 51.84
C GLY A 212 1.89 28.44 51.41
N VAL A 213 0.66 28.05 51.02
CA VAL A 213 -0.41 29.01 50.70
C VAL A 213 -1.74 28.52 51.26
N MET A 214 -2.51 29.46 51.77
CA MET A 214 -3.92 29.20 52.09
C MET A 214 -4.82 30.22 51.39
N GLY A 215 -5.94 29.79 50.86
CA GLY A 215 -6.79 30.78 50.22
C GLY A 215 -8.17 30.24 50.14
N VAL A 216 -9.00 31.02 49.47
CA VAL A 216 -10.39 30.73 49.27
C VAL A 216 -10.74 31.18 47.85
N LEU A 217 -11.38 30.29 47.09
CA LEU A 217 -11.98 30.67 45.78
C LEU A 217 -13.52 30.78 45.83
N ARG A 218 -14.07 31.86 45.25
CA ARG A 218 -15.50 31.90 45.00
C ARG A 218 -15.79 31.40 43.60
N PHE A 219 -16.66 30.39 43.53
CA PHE A 219 -17.09 29.75 42.30
C PHE A 219 -18.35 30.38 41.75
N GLN A 220 -18.61 30.19 40.47
CA GLN A 220 -19.66 30.97 39.84
C GLN A 220 -21.00 30.65 40.44
N SER A 221 -21.11 29.43 40.97
CA SER A 221 -22.34 28.91 41.57
C SER A 221 -22.62 29.56 42.92
N GLY A 222 -21.60 30.16 43.52
CA GLY A 222 -21.70 30.65 44.88
C GLY A 222 -20.96 29.83 45.93
N VAL A 223 -20.61 28.57 45.59
CA VAL A 223 -19.78 27.81 46.48
C VAL A 223 -18.43 28.42 46.79
N ILE A 224 -18.02 28.33 48.05
CA ILE A 224 -16.74 28.79 48.47
C ILE A 224 -15.83 27.57 48.75
N ALA A 225 -14.60 27.64 48.23
CA ALA A 225 -13.66 26.52 48.28
C ALA A 225 -12.36 26.97 48.89
N GLN A 226 -11.94 26.38 50.02
CA GLN A 226 -10.66 26.71 50.64
C GLN A 226 -9.56 25.74 50.21
N PHE A 227 -8.33 26.23 50.03
CA PHE A 227 -7.25 25.31 49.72
C PHE A 227 -6.06 25.52 50.65
N HIS A 228 -5.35 24.46 51.03
CA HIS A 228 -4.03 24.62 51.72
C HIS A 228 -3.03 23.79 50.94
N ASP A 229 -2.10 24.49 50.32
CA ASP A 229 -1.03 23.84 49.56
C ASP A 229 0.31 24.18 50.28
N ALA A 230 1.24 23.22 50.39
CA ALA A 230 2.48 23.38 51.17
C ALA A 230 3.56 22.36 50.84
N PHE A 231 4.83 22.79 50.85
CA PHE A 231 5.92 21.86 50.61
C PHE A 231 6.48 21.40 51.98
N THR A 232 6.11 22.10 53.05
CA THR A 232 6.86 22.01 54.32
C THR A 232 6.28 21.05 55.39
N THR A 233 5.16 20.38 55.07
CA THR A 233 4.39 19.67 56.10
C THR A 233 4.37 18.17 55.90
N LYS A 234 5.09 17.48 56.77
CA LYS A 234 5.41 16.07 56.56
C LYS A 234 4.27 15.19 57.04
N PHE A 235 3.51 15.63 58.03
CA PHE A 235 2.58 14.71 58.70
C PHE A 235 1.08 15.07 58.52
N ALA A 236 0.78 15.82 57.45
CA ALA A 236 -0.56 16.28 57.08
C ALA A 236 -1.00 15.41 55.93
N GLU A 237 -2.08 14.66 56.07
CA GLU A 237 -2.55 13.74 55.04
C GLU A 237 -3.20 14.65 53.97
N THR A 238 -3.33 14.19 52.74
CA THR A 238 -4.06 15.01 51.75
C THR A 238 -5.59 14.63 51.74
N GLY A 239 -6.39 15.49 51.13
CA GLY A 239 -7.83 15.41 51.31
C GLY A 239 -8.53 16.38 50.39
N PHE A 240 -9.77 16.08 50.04
CA PHE A 240 -10.61 16.93 49.17
C PHE A 240 -12.07 16.54 49.53
N GLU A 241 -12.77 17.56 50.05
CA GLU A 241 -14.10 17.46 50.62
C GLU A 241 -15.09 18.42 49.94
N VAL A 242 -16.31 17.93 49.68
CA VAL A 242 -17.44 18.85 49.21
C VAL A 242 -18.65 18.64 50.11
N HIS A 243 -19.17 19.76 50.63
CA HIS A 243 -20.18 19.75 51.65
C HIS A 243 -21.42 20.34 51.03
N GLY A 244 -22.46 19.52 51.02
CA GLY A 244 -23.75 19.93 50.47
C GLY A 244 -24.88 19.91 51.47
N THR A 245 -26.09 20.15 50.93
CA THR A 245 -27.25 20.46 51.74
C THR A 245 -27.83 19.13 52.19
N GLU A 246 -27.39 18.02 51.58
CA GLU A 246 -27.93 16.67 51.88
C GLU A 246 -26.87 15.61 52.02
N GLY A 247 -25.61 16.01 52.00
CA GLY A 247 -24.55 15.04 52.07
C GLY A 247 -23.19 15.74 52.10
N SER A 248 -22.20 15.03 52.57
CA SER A 248 -20.83 15.54 52.45
C SER A 248 -20.01 14.44 51.81
N LEU A 249 -19.16 14.80 50.85
CA LEU A 249 -18.16 13.82 50.39
C LEU A 249 -16.81 14.15 50.98
N ILE A 250 -16.18 13.14 51.57
CA ILE A 250 -14.93 13.30 52.30
C ILE A 250 -13.89 12.42 51.63
N GLY A 251 -13.06 13.06 50.79
CA GLY A 251 -11.91 12.39 50.13
C GLY A 251 -10.66 12.50 51.04
N ARG A 252 -10.08 11.35 51.36
CA ARG A 252 -8.89 11.30 52.19
C ARG A 252 -7.77 10.64 51.41
N ASN A 253 -6.57 11.25 51.46
CA ASN A 253 -5.45 10.62 50.77
C ASN A 253 -5.64 10.51 49.26
N VAL A 254 -6.24 11.55 48.67
CA VAL A 254 -6.64 11.52 47.27
C VAL A 254 -5.87 12.55 46.40
N MET A 255 -4.97 13.34 47.00
CA MET A 255 -4.26 14.35 46.20
C MET A 255 -2.84 13.93 45.82
N THR A 256 -2.49 12.65 45.95
CA THR A 256 -1.15 12.23 45.63
C THR A 256 -1.09 11.70 44.19
N GLN A 257 0.12 11.45 43.68
CA GLN A 257 0.30 10.92 42.33
C GLN A 257 -0.08 9.45 42.18
N LYS A 258 -0.07 8.73 43.28
CA LYS A 258 -0.47 7.32 43.25
C LYS A 258 -2.01 7.06 43.23
N PRO A 259 -2.42 5.89 42.73
CA PRO A 259 -3.85 5.75 42.66
C PRO A 259 -4.49 5.14 43.94
N VAL A 260 -4.45 5.93 45.02
CA VAL A 260 -4.86 5.54 46.38
C VAL A 260 -5.82 6.63 46.94
N GLY A 261 -6.49 6.31 48.05
CA GLY A 261 -7.32 7.25 48.81
C GLY A 261 -8.74 6.71 48.90
N THR A 262 -9.54 7.14 49.88
CA THR A 262 -10.92 6.67 49.94
C THR A 262 -11.86 7.88 49.82
N VAL A 263 -13.10 7.67 49.39
CA VAL A 263 -14.13 8.69 49.40
C VAL A 263 -15.32 8.19 50.28
N THR A 264 -15.71 8.97 51.29
CA THR A 264 -16.75 8.59 52.20
C THR A 264 -17.93 9.52 51.96
N LEU A 265 -19.13 8.97 51.74
CA LEU A 265 -20.36 9.77 51.66
C LEU A 265 -20.99 9.79 53.05
N ARG A 266 -21.19 10.96 53.62
CA ARG A 266 -21.97 11.06 54.86
C ARG A 266 -23.28 11.72 54.51
N ASN A 267 -24.37 11.06 54.89
CA ASN A 267 -25.70 11.67 54.77
C ASN A 267 -26.60 11.34 55.99
N ALA A 268 -27.92 11.51 55.88
CA ALA A 268 -28.84 11.20 57.02
C ALA A 268 -28.85 9.72 57.41
N GLU A 269 -28.57 8.86 56.44
CA GLU A 269 -28.56 7.41 56.64
C GLU A 269 -27.32 6.93 57.38
N GLY A 270 -26.21 7.67 57.28
CA GLY A 270 -24.94 7.23 57.87
C GLY A 270 -23.73 7.60 57.03
N GLU A 271 -22.74 6.69 57.04
CA GLU A 271 -21.50 6.87 56.31
C GLU A 271 -21.24 5.62 55.51
N SER A 272 -20.66 5.77 54.33
CA SER A 272 -20.06 4.62 53.66
C SER A 272 -18.98 5.06 52.69
N GLN A 273 -18.08 4.14 52.37
CA GLN A 273 -17.06 4.43 51.41
C GLN A 273 -17.57 4.14 50.02
N LEU A 274 -17.63 5.16 49.18
CA LEU A 274 -18.00 4.98 47.79
C LEU A 274 -17.06 3.97 47.15
N PRO A 275 -17.64 3.11 46.32
CA PRO A 275 -16.89 2.10 45.54
C PRO A 275 -16.05 2.73 44.43
N LEU A 276 -14.76 2.40 44.45
CA LEU A 276 -13.76 2.98 43.52
C LEU A 276 -13.20 1.89 42.62
N ASP A 277 -13.14 2.17 41.32
CA ASP A 277 -12.49 1.26 40.36
C ASP A 277 -11.15 1.91 39.90
N PRO A 278 -10.09 1.85 40.75
CA PRO A 278 -8.90 2.69 40.51
C PRO A 278 -7.95 2.17 39.39
N ALA A 279 -7.21 3.11 38.79
CA ALA A 279 -6.17 2.75 37.87
C ALA A 279 -5.14 3.87 38.00
N ASN A 280 -3.90 3.54 37.60
CA ASN A 280 -2.75 4.45 37.54
C ASN A 280 -3.17 5.76 36.84
N LEU A 281 -3.09 6.89 37.55
CA LEU A 281 -3.63 8.15 36.97
C LEU A 281 -3.08 8.54 35.61
N TYR A 282 -1.81 8.18 35.36
CA TYR A 282 -1.12 8.60 34.13
C TYR A 282 -1.35 7.57 33.00
N GLU A 283 -1.54 6.31 33.33
CA GLU A 283 -2.08 5.46 32.29
C GLU A 283 -3.43 5.97 31.82
N THR A 284 -4.32 6.35 32.71
CA THR A 284 -5.61 6.92 32.24
C THR A 284 -5.35 8.20 31.39
N ALA A 285 -4.53 9.11 31.90
CA ALA A 285 -4.18 10.37 31.15
C ALA A 285 -3.66 10.08 29.77
N LEU A 286 -2.75 9.12 29.70
CA LEU A 286 -2.15 8.77 28.42
C LEU A 286 -3.06 8.02 27.49
N ALA A 287 -3.88 7.10 28.02
CA ALA A 287 -4.86 6.41 27.18
C ALA A 287 -5.78 7.42 26.54
N ALA A 288 -6.21 8.43 27.29
CA ALA A 288 -7.09 9.46 26.76
C ALA A 288 -6.41 10.30 25.70
N PHE A 289 -5.16 10.72 25.98
CA PHE A 289 -4.38 11.50 25.03
C PHE A 289 -4.15 10.70 23.75
N HIS A 290 -3.84 9.41 23.88
CA HIS A 290 -3.67 8.58 22.68
C HIS A 290 -4.94 8.51 21.85
N SER A 291 -6.10 8.59 22.52
CA SER A 291 -7.36 8.46 21.82
C SER A 291 -7.61 9.76 21.13
N ALA A 292 -7.32 10.85 21.83
CA ALA A 292 -7.47 12.20 21.26
C ALA A 292 -6.72 12.34 19.93
N ILE A 293 -5.48 11.87 19.89
CA ILE A 293 -4.66 12.07 18.68
C ILE A 293 -5.13 11.17 17.55
N GLU A 294 -5.86 10.11 17.93
CA GLU A 294 -6.46 9.22 16.94
C GLU A 294 -7.79 9.73 16.43
N GLY A 295 -8.17 10.92 16.89
CA GLY A 295 -9.41 11.54 16.48
C GLY A 295 -10.58 11.35 17.43
N HIS A 296 -10.42 10.54 18.49
CA HIS A 296 -11.52 10.22 19.42
C HIS A 296 -11.52 10.96 20.76
N GLY A 297 -12.16 12.12 20.81
CA GLY A 297 -12.35 12.82 22.06
C GLY A 297 -11.17 13.73 22.41
N GLN A 298 -11.25 14.36 23.59
CA GLN A 298 -10.25 15.26 24.11
C GLN A 298 -9.27 14.58 25.10
N PRO A 299 -8.08 15.17 25.32
CA PRO A 299 -7.25 14.68 26.43
C PRO A 299 -8.01 14.85 27.74
N SER A 300 -7.62 14.19 28.84
CA SER A 300 -8.31 14.42 30.10
C SER A 300 -8.41 15.88 30.45
N ALA A 301 -7.26 16.55 30.55
CA ALA A 301 -7.22 18.00 30.69
C ALA A 301 -6.67 18.63 29.41
N THR A 302 -7.40 19.64 28.91
CA THR A 302 -7.21 20.22 27.60
C THR A 302 -6.24 21.38 27.76
N GLY A 303 -5.84 22.05 26.68
CA GLY A 303 -4.95 23.20 26.85
C GLY A 303 -5.72 24.32 27.56
N GLU A 304 -7.01 24.47 27.26
CA GLU A 304 -7.89 25.42 27.97
C GLU A 304 -8.07 25.16 29.47
N ASP A 305 -8.20 23.89 29.84
CA ASP A 305 -8.10 23.48 31.26
C ASP A 305 -6.79 24.02 31.87
N GLY A 306 -5.66 23.87 31.18
CA GLY A 306 -4.41 24.45 31.75
C GLY A 306 -4.41 25.96 31.74
N VAL A 307 -5.15 26.59 30.81
CA VAL A 307 -5.33 28.07 30.92
C VAL A 307 -6.13 28.47 32.10
N TRP A 308 -7.18 27.72 32.39
CA TRP A 308 -7.96 27.98 33.60
C TRP A 308 -7.18 27.79 34.85
N SER A 309 -6.47 26.67 34.96
CA SER A 309 -5.72 26.38 36.22
C SER A 309 -4.59 27.39 36.45
N LEU A 310 -3.93 27.81 35.38
CA LEU A 310 -2.94 28.93 35.44
C LEU A 310 -3.59 30.27 35.85
N ALA A 311 -4.73 30.58 35.23
CA ALA A 311 -5.49 31.80 35.56
C ALA A 311 -5.75 31.86 37.06
N THR A 312 -6.07 30.72 37.64
CA THR A 312 -6.44 30.64 39.03
C THR A 312 -5.21 30.75 39.91
N GLY A 313 -4.15 30.04 39.56
CA GLY A 313 -2.83 30.20 40.23
C GLY A 313 -2.23 31.59 40.19
N LEU A 314 -2.38 32.30 39.08
CA LEU A 314 -1.91 33.71 39.01
C LEU A 314 -2.78 34.70 39.83
N ALA A 315 -4.07 34.43 39.95
CA ALA A 315 -4.95 35.21 40.80
C ALA A 315 -4.52 35.01 42.25
N VAL A 316 -4.10 33.79 42.57
CA VAL A 316 -3.83 33.42 43.94
C VAL A 316 -2.50 34.12 44.26
N VAL A 317 -1.55 34.06 43.33
CA VAL A 317 -0.29 34.78 43.46
C VAL A 317 -0.54 36.24 43.71
N LYS A 318 -1.49 36.82 42.96
CA LYS A 318 -1.74 38.27 43.06
C LYS A 318 -2.40 38.58 44.38
N ALA A 319 -3.40 37.78 44.77
CA ALA A 319 -4.11 38.05 46.02
C ALA A 319 -3.18 37.89 47.22
N ALA A 320 -2.23 36.94 47.16
CA ALA A 320 -1.31 36.71 48.32
C ALA A 320 -0.39 37.89 48.43
N ALA A 321 0.01 38.44 47.28
CA ALA A 321 1.01 39.51 47.24
C ALA A 321 0.42 40.88 47.55
N THR A 322 -0.79 41.17 47.06
CA THR A 322 -1.39 42.49 47.30
C THR A 322 -2.34 42.55 48.50
N GLY A 323 -2.80 41.40 48.99
CA GLY A 323 -3.85 41.37 50.03
C GLY A 323 -5.27 41.68 49.55
N GLN A 324 -5.44 41.76 48.23
CA GLN A 324 -6.70 42.20 47.60
C GLN A 324 -7.28 41.04 46.81
N ALA A 325 -8.60 40.81 46.89
CA ALA A 325 -9.23 39.77 46.06
C ALA A 325 -8.89 40.03 44.63
N ALA A 326 -8.81 38.94 43.84
CA ALA A 326 -8.27 38.94 42.47
C ALA A 326 -9.20 38.11 41.66
N GLU A 327 -9.82 38.72 40.67
CA GLU A 327 -10.71 37.99 39.77
C GLU A 327 -10.00 37.01 38.87
N ILE A 328 -10.57 35.84 38.65
CA ILE A 328 -9.96 34.92 37.75
C ILE A 328 -10.53 35.15 36.33
N GLU A 329 -9.69 35.72 35.43
CA GLU A 329 -10.03 35.95 34.03
C GLU A 329 -9.09 35.25 33.06
N THR A 330 -9.59 34.27 32.31
CA THR A 330 -8.72 33.48 31.45
C THR A 330 -8.34 34.17 30.15
N GLY A 331 -9.20 35.10 29.71
CA GLY A 331 -9.06 35.72 28.40
C GLY A 331 -9.51 34.89 27.22
N LEU A 332 -10.26 33.82 27.42
CA LEU A 332 -10.41 32.82 26.37
C LEU A 332 -11.39 33.21 25.28
N ASN B 1 23.83 48.86 19.12
CA ASN B 1 23.78 49.12 20.60
C ASN B 1 23.81 47.82 21.50
N ARG B 2 22.65 47.17 21.69
CA ARG B 2 22.37 46.27 22.84
C ARG B 2 22.29 44.78 22.48
N TRP B 3 23.11 43.97 23.14
CA TRP B 3 23.24 42.57 22.74
C TRP B 3 22.69 41.63 23.79
N GLY B 4 22.12 40.52 23.35
CA GLY B 4 21.96 39.41 24.25
C GLY B 4 22.85 38.30 23.73
N LEU B 5 23.46 37.59 24.65
CA LEU B 5 24.23 36.42 24.34
C LEU B 5 23.36 35.20 24.51
N ILE B 6 23.46 34.29 23.56
CA ILE B 6 23.08 32.94 23.76
C ILE B 6 24.31 32.04 23.76
N GLY B 7 24.77 31.64 24.92
CA GLY B 7 25.86 30.68 25.03
C GLY B 7 26.79 31.28 26.07
N ALA B 8 27.03 30.55 27.14
CA ALA B 8 28.07 30.91 28.11
C ALA B 8 29.43 30.26 27.68
N SER B 9 29.87 30.68 26.50
CA SER B 9 31.02 30.15 25.77
C SER B 9 32.39 30.75 26.18
N THR B 10 33.43 30.08 25.74
CA THR B 10 34.78 30.61 25.87
C THR B 10 34.97 31.81 24.91
N ILE B 11 34.45 31.68 23.68
CA ILE B 11 34.63 32.72 22.67
C ILE B 11 34.05 34.02 23.15
N ALA B 12 32.88 33.99 23.77
CA ALA B 12 32.20 35.25 24.19
C ALA B 12 32.99 35.91 25.26
N ARG B 13 33.46 35.07 26.19
CA ARG B 13 34.14 35.55 27.38
C ARG B 13 35.50 36.17 26.98
N GLU B 14 36.31 35.42 26.23
CA GLU B 14 37.68 35.82 25.91
C GLU B 14 37.71 37.00 24.95
N TRP B 15 36.82 37.04 23.96
CA TRP B 15 36.90 38.06 22.94
C TRP B 15 35.63 38.83 22.69
N VAL B 16 34.51 38.14 22.48
CA VAL B 16 33.37 38.91 21.94
C VAL B 16 32.66 39.90 22.88
N ILE B 17 32.49 39.53 24.14
CA ILE B 17 31.87 40.48 25.10
C ILE B 17 32.70 41.78 25.11
N GLY B 18 34.01 41.66 25.32
CA GLY B 18 34.92 42.82 25.21
C GLY B 18 34.78 43.55 23.88
N ALA B 19 34.74 42.82 22.76
CA ALA B 19 34.63 43.45 21.44
C ALA B 19 33.41 44.35 21.37
N ILE B 20 32.26 43.81 21.80
CA ILE B 20 30.98 44.55 21.80
C ILE B 20 31.08 45.81 22.63
N ARG B 21 31.63 45.72 23.83
CA ARG B 21 31.79 46.93 24.64
C ARG B 21 32.85 47.91 24.11
N ALA B 22 33.94 47.39 23.55
CA ALA B 22 34.96 48.27 22.98
C ALA B 22 34.45 49.10 21.79
N THR B 23 33.42 48.62 21.09
CA THR B 23 32.97 49.34 19.88
C THR B 23 31.64 50.02 20.11
N GLY B 24 31.39 50.43 21.35
CA GLY B 24 30.30 51.33 21.63
C GLY B 24 29.00 50.64 22.00
N GLY B 25 28.99 49.31 21.97
CA GLY B 25 27.80 48.53 22.30
C GLY B 25 27.72 48.07 23.75
N GLU B 26 26.66 47.34 24.06
CA GLU B 26 26.49 46.84 25.42
C GLU B 26 25.86 45.46 25.42
N VAL B 27 26.19 44.66 26.44
CA VAL B 27 25.68 43.29 26.56
C VAL B 27 24.70 43.29 27.74
N VAL B 28 23.40 43.18 27.45
CA VAL B 28 22.39 43.47 28.49
C VAL B 28 21.86 42.20 29.13
N SER B 29 22.06 41.05 28.49
CA SER B 29 21.50 39.83 28.97
C SER B 29 22.20 38.66 28.33
N MET B 30 22.08 37.48 28.94
CA MET B 30 22.57 36.30 28.27
C MET B 30 21.75 35.10 28.62
N MET B 31 21.88 34.04 27.83
CA MET B 31 21.17 32.83 28.10
C MET B 31 22.15 31.68 28.20
N SER B 32 22.04 30.91 29.29
CA SER B 32 22.63 29.57 29.43
C SER B 32 21.59 28.48 29.80
N THR B 33 21.77 27.27 29.28
CA THR B 33 20.94 26.14 29.73
C THR B 33 21.09 25.74 31.21
N SER B 34 22.02 26.37 31.94
CA SER B 34 22.15 26.08 33.36
C SER B 34 21.90 27.33 34.14
N ALA B 35 20.99 27.27 35.10
CA ALA B 35 20.68 28.46 35.89
C ALA B 35 21.89 28.95 36.69
N GLU B 36 22.64 28.01 37.26
CA GLU B 36 23.76 28.30 38.19
C GLU B 36 24.99 28.87 37.46
N ARG B 37 25.46 28.15 36.44
CA ARG B 37 26.45 28.60 35.44
C ARG B 37 26.12 29.94 34.76
N GLY B 38 24.90 30.08 34.25
CA GLY B 38 24.48 31.35 33.70
C GLY B 38 24.73 32.48 34.67
N ALA B 39 24.28 32.31 35.92
CA ALA B 39 24.41 33.38 36.91
C ALA B 39 25.85 33.70 37.31
N ALA B 40 26.65 32.66 37.46
CA ALA B 40 28.07 32.81 37.75
C ALA B 40 28.77 33.52 36.58
N TYR B 41 28.55 33.02 35.37
CA TYR B 41 29.07 33.64 34.16
C TYR B 41 28.62 35.09 33.98
N ALA B 42 27.34 35.36 34.21
CA ALA B 42 26.88 36.75 34.13
C ALA B 42 27.56 37.66 35.14
N THR B 43 27.79 37.15 36.36
CA THR B 43 28.43 37.93 37.40
C THR B 43 29.89 38.18 37.03
N GLU B 44 30.56 37.09 36.65
CA GLU B 44 31.94 37.07 36.19
C GLU B 44 32.26 38.11 35.08
N ASN B 45 31.28 38.34 34.19
CA ASN B 45 31.51 39.07 32.97
C ASN B 45 30.70 40.32 32.92
N GLY B 46 30.25 40.78 34.09
CA GLY B 46 29.56 42.09 34.23
C GLY B 46 28.30 42.27 33.40
N ILE B 47 27.59 41.15 33.20
CA ILE B 47 26.25 41.13 32.55
C ILE B 47 25.09 41.17 33.58
N GLY B 48 24.11 42.03 33.33
CA GLY B 48 23.13 42.33 34.37
C GLY B 48 21.97 41.35 34.50
N LYS B 49 21.68 40.57 33.47
CA LYS B 49 20.58 39.59 33.52
C LYS B 49 21.15 38.27 33.02
N SER B 50 20.64 37.14 33.50
CA SER B 50 20.76 35.88 32.76
C SER B 50 19.46 35.11 32.79
N VAL B 51 19.25 34.27 31.80
CA VAL B 51 18.03 33.49 31.74
C VAL B 51 18.32 32.07 31.22
N THR B 52 17.33 31.19 31.29
CA THR B 52 17.50 29.77 30.94
C THR B 52 16.54 29.51 29.81
N SER B 53 16.02 30.59 29.23
CA SER B 53 15.08 30.54 28.12
C SER B 53 15.57 31.29 26.88
N VAL B 54 15.68 30.62 25.72
CA VAL B 54 15.98 31.31 24.46
C VAL B 54 14.98 32.38 24.14
N GLU B 55 13.69 32.10 24.28
CA GLU B 55 12.64 33.09 23.96
C GLU B 55 12.71 34.23 24.94
N GLU B 56 13.03 33.92 26.19
CA GLU B 56 13.22 34.99 27.15
C GLU B 56 14.37 35.94 26.79
N LEU B 57 15.40 35.42 26.12
CA LEU B 57 16.55 36.28 25.76
C LEU B 57 16.25 37.03 24.47
N VAL B 58 15.92 36.28 23.44
CA VAL B 58 15.65 36.84 22.11
C VAL B 58 14.46 37.83 22.09
N GLY B 59 13.43 37.58 22.91
CA GLY B 59 12.28 38.48 23.01
C GLY B 59 12.39 39.61 24.02
N ASP B 60 13.56 39.86 24.57
CA ASP B 60 13.75 40.85 25.60
C ASP B 60 13.74 42.17 24.85
N PRO B 61 12.82 43.09 25.18
CA PRO B 61 12.86 44.25 24.27
C PRO B 61 14.16 45.02 24.44
N ASP B 62 14.87 44.78 25.52
CA ASP B 62 16.16 45.42 25.62
C ASP B 62 17.15 44.92 24.59
N VAL B 63 16.91 43.74 24.01
CA VAL B 63 17.85 43.20 23.03
C VAL B 63 17.56 43.64 21.58
N ASP B 64 18.56 44.27 20.95
CA ASP B 64 18.60 44.62 19.49
C ASP B 64 19.28 43.57 18.62
N ALA B 65 20.35 42.95 19.15
CA ALA B 65 21.10 41.93 18.42
C ALA B 65 21.38 40.75 19.26
N VAL B 66 21.66 39.63 18.62
CA VAL B 66 21.92 38.42 19.40
C VAL B 66 23.14 37.67 18.86
N TYR B 67 24.08 37.38 19.76
CA TYR B 67 25.25 36.58 19.46
C TYR B 67 25.06 35.17 19.93
N VAL B 68 25.34 34.22 19.05
CA VAL B 68 25.05 32.84 19.28
C VAL B 68 26.38 32.12 19.20
N SER B 69 26.90 31.71 20.36
CA SER B 69 28.14 31.02 20.41
C SER B 69 28.03 29.71 21.19
N THR B 70 26.98 28.93 20.93
CA THR B 70 26.74 27.62 21.52
C THR B 70 27.32 26.60 20.59
N THR B 71 27.20 25.31 20.93
CA THR B 71 27.72 24.29 20.09
C THR B 71 26.91 24.13 18.79
N ASN B 72 27.48 23.47 17.78
CA ASN B 72 27.08 23.70 16.41
C ASN B 72 25.64 23.24 16.15
N GLU B 73 25.18 22.31 16.97
CA GLU B 73 23.88 21.66 16.73
C GLU B 73 22.73 22.57 17.11
N LEU B 74 23.05 23.73 17.71
CA LEU B 74 22.07 24.70 18.19
C LEU B 74 22.02 26.00 17.35
N HIS B 75 23.03 26.23 16.53
CA HIS B 75 23.17 27.49 15.78
C HIS B 75 21.89 27.78 14.97
N ARG B 76 21.45 26.82 14.16
CA ARG B 76 20.24 27.09 13.35
C ARG B 76 19.03 27.44 14.17
N GLU B 77 18.71 26.64 15.19
CA GLU B 77 17.39 26.83 15.80
C GLU B 77 17.37 28.11 16.63
N GLN B 78 18.54 28.48 17.15
CA GLN B 78 18.63 29.65 18.04
C GLN B 78 18.67 30.93 17.22
N THR B 79 19.25 30.85 16.05
CA THR B 79 19.34 31.97 15.15
C THR B 79 17.92 32.21 14.63
N LEU B 80 17.26 31.15 14.18
CA LEU B 80 15.88 31.27 13.67
C LEU B 80 14.94 31.87 14.73
N ALA B 81 15.17 31.53 16.00
CA ALA B 81 14.40 32.13 17.09
C ALA B 81 14.59 33.64 17.22
N ALA B 82 15.86 34.06 17.33
CA ALA B 82 16.23 35.48 17.27
C ALA B 82 15.59 36.23 16.09
N ILE B 83 15.62 35.64 14.91
CA ILE B 83 15.08 36.32 13.74
C ILE B 83 13.55 36.45 13.82
N ARG B 84 12.89 35.31 14.10
CA ARG B 84 11.46 35.24 14.40
C ARG B 84 11.07 36.38 15.32
N ALA B 85 12.00 36.79 16.16
CA ALA B 85 11.72 37.78 17.18
C ALA B 85 12.10 39.15 16.65
N GLY B 86 12.53 39.21 15.39
CA GLY B 86 12.91 40.47 14.76
C GLY B 86 14.26 41.03 15.20
N LYS B 87 15.16 40.16 15.66
CA LYS B 87 16.55 40.56 16.04
C LYS B 87 17.69 40.24 15.02
N HIS B 88 18.68 41.12 14.94
CA HIS B 88 19.91 40.87 14.15
C HIS B 88 20.68 39.74 14.83
N VAL B 89 21.26 38.84 14.05
CA VAL B 89 22.09 37.81 14.60
C VAL B 89 23.56 37.88 14.12
N LEU B 90 24.50 37.90 15.06
CA LEU B 90 25.83 37.39 14.74
C LEU B 90 25.96 35.94 15.18
N CYS B 91 26.03 35.00 14.24
CA CYS B 91 26.17 33.57 14.59
C CYS B 91 27.60 32.98 14.42
N GLU B 92 28.12 32.32 15.45
CA GLU B 92 29.43 31.65 15.35
C GLU B 92 29.47 30.70 14.13
N LYS B 93 30.67 30.41 13.61
CA LYS B 93 30.90 29.34 12.61
C LYS B 93 31.00 27.93 13.25
N PRO B 94 30.73 26.86 12.46
CA PRO B 94 30.07 26.90 11.15
C PRO B 94 28.63 27.38 11.32
N LEU B 95 28.17 28.20 10.38
CA LEU B 95 26.79 28.68 10.42
C LEU B 95 25.83 27.61 10.96
N ALA B 96 25.85 26.42 10.35
CA ALA B 96 24.97 25.32 10.72
C ALA B 96 25.66 24.04 10.27
N MET B 97 25.01 22.90 10.41
CA MET B 97 25.67 21.66 10.06
C MET B 97 25.25 21.07 8.74
N THR B 98 24.34 21.76 8.06
CA THR B 98 23.95 21.31 6.73
C THR B 98 23.70 22.57 5.94
N LEU B 99 23.74 22.43 4.63
CA LEU B 99 23.64 23.52 3.73
C LEU B 99 22.20 24.01 3.65
N GLU B 100 21.28 23.06 3.84
CA GLU B 100 19.87 23.35 3.88
C GLU B 100 19.55 24.25 5.08
N ASP B 101 20.10 23.92 6.26
CA ASP B 101 19.80 24.71 7.44
C ASP B 101 20.32 26.12 7.23
N ALA B 102 21.56 26.23 6.73
CA ALA B 102 22.25 27.53 6.56
C ALA B 102 21.58 28.40 5.52
N ARG B 103 21.29 27.85 4.35
CA ARG B 103 20.39 28.51 3.39
C ARG B 103 19.11 29.03 4.06
N GLU B 104 18.47 28.16 4.84
CA GLU B 104 17.25 28.57 5.55
C GLU B 104 17.51 29.80 6.38
N MET B 105 18.62 29.79 7.13
CA MET B 105 18.90 30.91 8.08
C MET B 105 19.04 32.20 7.34
N VAL B 106 19.73 32.13 6.20
CA VAL B 106 20.01 33.32 5.38
C VAL B 106 18.72 33.91 4.81
N VAL B 107 17.88 33.07 4.22
CA VAL B 107 16.61 33.57 3.68
C VAL B 107 15.66 34.08 4.76
N ALA B 108 15.56 33.33 5.87
CA ALA B 108 14.83 33.83 7.06
C ALA B 108 15.21 35.26 7.45
N ALA B 109 16.50 35.50 7.55
CA ALA B 109 17.02 36.79 7.99
C ALA B 109 16.63 37.90 7.01
N ARG B 110 16.72 37.61 5.73
CA ARG B 110 16.48 38.67 4.76
C ARG B 110 14.98 38.86 4.58
N GLU B 111 14.18 37.80 4.68
CA GLU B 111 12.73 37.96 4.68
C GLU B 111 12.27 38.70 5.93
N ALA B 112 13.04 38.56 7.00
CA ALA B 112 12.88 39.33 8.23
C ALA B 112 13.26 40.82 8.16
N GLY B 113 14.13 41.18 7.22
CA GLY B 113 14.77 42.51 7.26
C GLY B 113 15.79 42.69 8.38
N VAL B 114 16.39 41.60 8.86
CA VAL B 114 17.48 41.74 9.85
C VAL B 114 18.86 41.33 9.28
N VAL B 115 19.90 41.92 9.82
CA VAL B 115 21.30 41.57 9.52
C VAL B 115 21.72 40.21 10.11
N LEU B 116 22.20 39.30 9.25
CA LEU B 116 22.79 38.01 9.66
C LEU B 116 24.26 37.92 9.20
N GLY B 117 25.17 37.87 10.19
CA GLY B 117 26.60 37.66 9.95
C GLY B 117 27.17 36.36 10.50
N THR B 118 28.21 35.82 9.85
CA THR B 118 28.90 34.66 10.35
C THR B 118 30.19 35.26 10.96
N ASN B 119 30.61 34.76 12.09
CA ASN B 119 31.74 35.39 12.75
C ASN B 119 33.02 34.68 12.33
N HIS B 120 33.37 34.81 11.06
CA HIS B 120 34.72 34.51 10.62
C HIS B 120 35.57 35.73 10.99
N HIS B 121 36.36 35.62 12.06
CA HIS B 121 37.16 36.75 12.52
C HIS B 121 38.36 36.99 11.60
N LEU B 122 38.88 35.97 10.92
CA LEU B 122 40.20 36.18 10.32
C LEU B 122 40.19 37.23 9.20
N ARG B 123 39.12 37.24 8.43
CA ARG B 123 39.03 38.16 7.31
C ARG B 123 39.07 39.57 7.82
N ASN B 124 39.02 39.73 9.14
CA ASN B 124 39.07 41.05 9.78
C ASN B 124 40.49 41.50 10.14
N ALA B 125 41.48 40.59 10.06
CA ALA B 125 42.86 40.95 10.47
C ALA B 125 43.53 41.92 9.51
N ALA B 126 44.30 42.88 10.02
CA ALA B 126 45.13 43.77 9.15
C ALA B 126 45.95 42.98 8.11
N ALA B 127 46.32 41.75 8.46
CA ALA B 127 47.17 40.94 7.59
C ALA B 127 46.42 40.51 6.36
N HIS B 128 45.22 39.98 6.58
CA HIS B 128 44.43 39.36 5.52
C HIS B 128 43.85 40.43 4.58
N ARG B 129 43.42 41.56 5.14
CA ARG B 129 43.02 42.71 4.37
C ARG B 129 44.15 43.26 3.52
N ALA B 130 45.34 43.42 4.12
CA ALA B 130 46.58 43.81 3.39
C ALA B 130 46.87 42.95 2.19
N MET B 131 46.90 41.62 2.37
CA MET B 131 47.09 40.72 1.25
C MET B 131 45.93 40.78 0.22
N ARG B 132 44.68 40.90 0.69
CA ARG B 132 43.56 41.09 -0.27
C ARG B 132 43.78 42.31 -1.16
N ASP B 133 43.94 43.47 -0.54
CA ASP B 133 44.29 44.72 -1.25
C ASP B 133 45.56 44.57 -2.14
N ALA B 134 46.59 43.94 -1.64
CA ALA B 134 47.82 43.86 -2.42
C ALA B 134 47.57 43.06 -3.68
N ILE B 135 46.57 42.19 -3.65
CA ILE B 135 46.42 41.26 -4.74
C ILE B 135 45.55 41.95 -5.78
N ALA B 136 44.60 42.76 -5.30
CA ALA B 136 43.72 43.58 -6.14
C ALA B 136 44.52 44.68 -6.81
N GLU B 137 45.53 45.21 -6.13
CA GLU B 137 46.39 46.23 -6.72
C GLU B 137 47.36 45.72 -7.77
N GLY B 138 47.43 44.41 -7.93
CA GLY B 138 48.35 43.86 -8.95
C GLY B 138 49.77 43.53 -8.50
N ARG B 139 50.01 43.52 -7.18
CA ARG B 139 51.36 43.33 -6.62
C ARG B 139 52.02 41.95 -6.65
N ILE B 140 51.24 40.90 -6.87
CA ILE B 140 51.78 39.57 -7.25
C ILE B 140 51.48 39.15 -8.71
N GLY B 141 51.11 40.12 -9.54
CA GLY B 141 50.55 39.79 -10.84
C GLY B 141 49.27 39.00 -10.69
N ARG B 142 49.28 37.82 -11.28
CA ARG B 142 48.10 37.05 -11.35
C ARG B 142 48.35 35.89 -10.42
N PRO B 143 47.46 35.66 -9.46
CA PRO B 143 47.64 34.59 -8.53
C PRO B 143 47.70 33.25 -9.18
N ILE B 144 48.51 32.37 -8.59
CA ILE B 144 48.65 31.04 -9.13
C ILE B 144 48.34 30.00 -8.05
N ALA B 145 48.95 30.16 -6.86
CA ALA B 145 48.82 29.18 -5.82
C ALA B 145 48.70 29.84 -4.44
N ALA B 146 47.89 29.22 -3.57
CA ALA B 146 47.74 29.64 -2.19
C ALA B 146 48.07 28.48 -1.24
N ARG B 147 48.64 28.77 -0.08
CA ARG B 147 48.93 27.77 0.93
C ARG B 147 48.43 28.26 2.27
N VAL B 148 47.80 27.39 3.07
CA VAL B 148 47.20 27.84 4.36
C VAL B 148 47.66 26.83 5.38
N PHE B 149 48.26 27.31 6.46
CA PHE B 149 48.86 26.46 7.49
C PHE B 149 48.16 26.82 8.81
N HIS B 150 47.32 25.91 9.29
CA HIS B 150 46.53 26.14 10.47
C HIS B 150 46.55 24.90 11.36
N ALA B 151 47.70 24.25 11.49
CA ALA B 151 47.83 23.11 12.37
C ALA B 151 48.39 23.64 13.66
N VAL B 152 47.59 23.56 14.72
CA VAL B 152 47.95 24.07 16.01
C VAL B 152 47.67 22.96 16.99
N TYR B 153 47.96 23.17 18.26
CA TYR B 153 47.64 22.18 19.25
C TYR B 153 46.42 22.59 20.08
N LEU B 154 45.34 21.81 19.96
CA LEU B 154 44.07 22.10 20.67
C LEU B 154 44.25 22.03 22.20
N PRO B 155 44.04 23.16 22.89
CA PRO B 155 44.40 23.19 24.33
C PRO B 155 43.46 22.30 25.17
N PRO B 156 43.96 21.75 26.28
CA PRO B 156 43.10 20.83 27.05
C PRO B 156 41.75 21.42 27.52
N HIS B 157 41.72 22.68 27.95
CA HIS B 157 40.43 23.28 28.27
C HIS B 157 39.49 23.30 27.08
N LEU B 158 39.99 22.96 25.89
CA LEU B 158 39.16 23.01 24.70
C LEU B 158 39.03 21.65 24.02
N GLN B 159 39.47 20.62 24.74
CA GLN B 159 39.43 19.24 24.23
C GLN B 159 38.10 18.52 24.44
N GLY B 160 37.04 19.26 24.71
CA GLY B 160 35.72 18.66 24.87
C GLY B 160 35.12 18.26 23.55
N TRP B 161 34.05 18.93 23.16
CA TRP B 161 33.26 18.49 22.03
C TRP B 161 33.98 18.51 20.68
N ARG B 162 35.11 19.20 20.57
CA ARG B 162 35.82 19.26 19.29
C ARG B 162 36.31 17.88 18.97
N LEU B 163 36.55 17.08 20.02
CA LEU B 163 37.13 15.76 19.83
C LEU B 163 36.14 14.60 19.83
N GLU B 164 34.84 14.91 19.89
CA GLU B 164 33.76 13.92 20.09
C GLU B 164 32.50 14.30 19.26
N ARG B 165 31.50 13.43 19.22
CA ARG B 165 30.21 13.79 18.59
C ARG B 165 30.42 14.54 17.25
N PRO B 166 30.76 13.82 16.18
CA PRO B 166 30.75 14.46 14.87
C PRO B 166 29.32 14.84 14.48
N GLU B 167 28.38 13.98 14.84
CA GLU B 167 26.96 14.16 14.58
C GLU B 167 26.43 15.41 15.28
N ALA B 168 27.33 16.12 15.96
CA ALA B 168 26.97 17.32 16.71
C ALA B 168 27.99 18.43 16.52
N GLY B 169 28.85 18.30 15.50
CA GLY B 169 29.69 19.41 15.04
C GLY B 169 31.19 19.26 15.27
N GLY B 170 31.61 18.14 15.85
CA GLY B 170 33.01 17.95 16.25
C GLY B 170 34.02 17.84 15.10
N GLY B 171 35.30 17.67 15.45
CA GLY B 171 36.34 17.36 14.45
C GLY B 171 36.90 18.59 13.75
N VAL B 172 38.10 18.47 13.16
CA VAL B 172 38.85 19.67 12.71
C VAL B 172 38.32 20.37 11.45
N ILE B 173 37.60 19.64 10.60
CA ILE B 173 37.20 20.20 9.30
C ILE B 173 36.15 21.27 9.51
N LEU B 174 35.21 21.01 10.40
CA LEU B 174 34.12 21.97 10.64
C LEU B 174 34.60 23.01 11.58
N ASP B 175 35.58 22.67 12.41
CA ASP B 175 36.08 23.64 13.42
C ASP B 175 37.04 24.68 12.78
N ILE B 176 37.99 24.21 11.95
CA ILE B 176 39.03 25.12 11.40
C ILE B 176 38.99 25.31 9.88
N THR B 177 38.92 24.22 9.13
CA THR B 177 38.87 24.34 7.67
C THR B 177 37.91 25.43 7.20
N VAL B 178 36.79 25.61 7.93
CA VAL B 178 35.82 26.67 7.61
C VAL B 178 36.40 28.05 7.51
N HIS B 179 37.29 28.34 8.45
CA HIS B 179 38.08 29.59 8.52
C HIS B 179 39.03 29.74 7.35
N ASP B 180 39.77 28.67 7.07
CA ASP B 180 40.65 28.65 5.94
C ASP B 180 39.83 28.94 4.67
N ALA B 181 38.65 28.33 4.56
CA ALA B 181 37.80 28.46 3.37
C ALA B 181 37.40 29.89 3.11
N ASP B 182 36.98 30.59 4.16
CA ASP B 182 36.53 31.95 4.07
C ASP B 182 37.71 32.88 3.86
N THR B 183 38.85 32.62 4.51
CA THR B 183 39.96 33.56 4.40
C THR B 183 40.48 33.51 2.97
N LEU B 184 40.58 32.32 2.40
CA LEU B 184 40.89 32.15 1.00
C LEU B 184 39.96 32.95 0.12
N ARG B 185 38.64 32.78 0.29
CA ARG B 185 37.66 33.48 -0.53
C ARG B 185 37.86 34.97 -0.38
N PHE B 186 38.12 35.41 0.84
CA PHE B 186 38.25 36.86 1.09
C PHE B 186 39.52 37.39 0.42
N VAL B 187 40.63 36.65 0.56
CA VAL B 187 41.92 37.14 0.06
C VAL B 187 41.98 37.02 -1.47
N LEU B 188 41.56 35.88 -2.00
CA LEU B 188 41.68 35.59 -3.43
C LEU B 188 40.55 36.29 -4.18
N ASN B 189 39.56 36.77 -3.43
CA ASN B 189 38.30 37.24 -3.96
C ASN B 189 37.73 36.38 -5.07
N ASP B 190 37.50 35.11 -4.77
CA ASP B 190 37.05 34.15 -5.76
C ASP B 190 36.49 32.97 -4.97
N ASP B 191 35.72 32.08 -5.62
CA ASP B 191 35.05 30.96 -4.91
C ASP B 191 35.65 29.59 -5.24
N PRO B 192 35.69 28.68 -4.28
CA PRO B 192 36.15 27.35 -4.68
C PRO B 192 35.20 26.56 -5.56
N ALA B 193 35.74 25.61 -6.28
CA ALA B 193 34.92 24.84 -7.16
C ALA B 193 34.86 23.40 -6.68
N GLU B 194 35.90 22.97 -5.95
CA GLU B 194 36.07 21.54 -5.62
C GLU B 194 37.22 21.29 -4.68
N ALA B 195 37.23 20.11 -4.04
CA ALA B 195 38.12 19.80 -2.96
C ALA B 195 38.54 18.34 -3.02
N VAL B 196 39.81 18.09 -2.81
CA VAL B 196 40.27 16.74 -2.47
C VAL B 196 40.89 16.91 -1.10
N ALA B 197 41.12 15.81 -0.37
CA ALA B 197 41.60 15.89 1.01
C ALA B 197 41.97 14.52 1.52
N ILE B 198 42.70 14.50 2.62
CA ILE B 198 43.05 13.30 3.30
C ILE B 198 43.05 13.69 4.80
N SER B 199 42.19 13.03 5.58
CA SER B 199 42.09 13.36 6.99
C SER B 199 42.69 12.23 7.80
N HIS B 200 43.03 12.51 9.04
CA HIS B 200 43.45 11.47 9.94
C HIS B 200 43.01 11.82 11.34
N SER B 201 43.23 10.84 12.21
CA SER B 201 42.95 10.93 13.63
C SER B 201 44.25 10.48 14.26
N ALA B 202 45.06 11.41 14.74
CA ALA B 202 46.40 11.10 15.23
C ALA B 202 46.53 11.14 16.76
N GLY B 203 45.47 10.73 17.47
CA GLY B 203 45.59 10.43 18.90
C GLY B 203 44.89 11.41 19.83
N MET B 204 44.13 12.34 19.25
CA MET B 204 43.25 13.19 20.03
C MET B 204 41.77 12.93 19.70
N GLY B 205 41.43 12.97 18.41
CA GLY B 205 40.04 12.73 17.99
C GLY B 205 39.54 11.39 18.52
N LYS B 206 38.43 11.42 19.27
CA LYS B 206 37.83 10.19 19.80
C LYS B 206 36.98 9.47 18.73
N GLU B 207 37.03 8.13 18.75
CA GLU B 207 36.32 7.30 17.75
C GLU B 207 36.58 7.71 16.29
N GLY B 208 35.50 7.88 15.51
CA GLY B 208 35.61 8.33 14.12
C GLY B 208 35.67 9.85 13.91
N VAL B 209 36.45 10.54 14.74
CA VAL B 209 36.58 12.01 14.68
C VAL B 209 37.96 12.42 14.14
N GLU B 210 37.98 13.20 13.06
CA GLU B 210 39.25 13.60 12.44
C GLU B 210 39.92 14.77 13.21
N ASP B 211 41.20 14.60 13.57
CA ASP B 211 41.96 15.69 14.20
C ASP B 211 43.08 16.36 13.34
N GLY B 212 43.27 15.90 12.09
CA GLY B 212 44.11 16.58 11.09
C GLY B 212 43.59 16.32 9.69
N VAL B 213 43.55 17.36 8.86
CA VAL B 213 43.22 17.21 7.43
C VAL B 213 44.23 18.01 6.54
N MET B 214 44.69 17.43 5.43
CA MET B 214 45.28 18.19 4.34
C MET B 214 44.42 18.04 3.09
N GLY B 215 44.15 19.12 2.39
CA GLY B 215 43.49 19.01 1.10
C GLY B 215 43.90 20.13 0.14
N VAL B 216 43.23 20.21 -1.00
CA VAL B 216 43.55 21.19 -2.02
C VAL B 216 42.21 21.64 -2.54
N LEU B 217 41.99 22.93 -2.57
CA LEU B 217 40.86 23.47 -3.32
C LEU B 217 41.27 23.96 -4.70
N ARG B 218 40.41 23.80 -5.68
CA ARG B 218 40.64 24.44 -6.96
C ARG B 218 39.66 25.61 -7.08
N PHE B 219 40.14 26.84 -7.22
CA PHE B 219 39.20 27.95 -7.30
C PHE B 219 38.71 28.16 -8.72
N GLN B 220 37.72 29.03 -8.86
CA GLN B 220 37.06 29.19 -10.15
C GLN B 220 38.04 29.81 -11.12
N SER B 221 39.09 30.46 -10.59
CA SER B 221 40.05 31.21 -11.39
C SER B 221 41.10 30.30 -11.99
N GLY B 222 41.10 29.04 -11.54
CA GLY B 222 42.12 28.08 -11.90
C GLY B 222 43.21 28.01 -10.82
N VAL B 223 43.25 29.00 -9.95
CA VAL B 223 44.11 28.90 -8.76
C VAL B 223 43.88 27.58 -7.99
N ILE B 224 44.96 26.97 -7.50
CA ILE B 224 44.87 25.85 -6.58
C ILE B 224 45.40 26.25 -5.18
N ALA B 225 44.64 25.95 -4.12
CA ALA B 225 45.02 26.30 -2.74
C ALA B 225 45.12 25.04 -1.85
N GLN B 226 46.22 24.84 -1.14
CA GLN B 226 46.35 23.74 -0.21
C GLN B 226 46.12 24.23 1.21
N PHE B 227 45.59 23.37 2.08
CA PHE B 227 45.34 23.79 3.46
C PHE B 227 45.78 22.62 4.30
N HIS B 228 46.32 22.94 5.48
CA HIS B 228 46.65 21.92 6.46
C HIS B 228 46.12 22.42 7.79
N ASP B 229 45.06 21.76 8.31
CA ASP B 229 44.50 22.04 9.62
C ASP B 229 44.72 20.86 10.59
N ALA B 230 45.05 21.19 11.83
CA ALA B 230 45.25 20.14 12.84
C ALA B 230 45.08 20.64 14.24
N PHE B 231 44.81 19.71 15.17
CA PHE B 231 44.74 20.02 16.60
C PHE B 231 45.96 19.42 17.31
N THR B 232 46.80 18.73 16.56
CA THR B 232 47.79 17.86 17.19
C THR B 232 49.24 18.35 17.15
N THR B 233 49.48 19.50 16.54
CA THR B 233 50.85 19.88 16.20
C THR B 233 51.26 21.11 16.97
N LYS B 234 51.98 20.94 18.08
CA LYS B 234 52.21 22.09 18.95
C LYS B 234 53.30 23.02 18.42
N PHE B 235 54.15 22.52 17.53
CA PHE B 235 55.31 23.33 17.12
C PHE B 235 55.35 23.82 15.67
N ALA B 236 54.21 23.79 15.00
CA ALA B 236 54.10 24.27 13.65
C ALA B 236 53.55 25.68 13.79
N GLU B 237 53.96 26.60 12.92
CA GLU B 237 53.43 27.94 12.97
C GLU B 237 52.32 28.09 11.97
N THR B 238 51.41 29.02 12.21
CA THR B 238 50.35 29.16 11.23
C THR B 238 50.81 30.15 10.16
N GLY B 239 50.20 30.09 8.98
CA GLY B 239 50.57 30.99 7.92
C GLY B 239 49.60 30.93 6.77
N PHE B 240 49.79 31.83 5.83
CA PHE B 240 48.88 31.99 4.69
C PHE B 240 49.67 32.70 3.60
N GLU B 241 49.76 32.14 2.40
CA GLU B 241 50.66 32.61 1.35
C GLU B 241 49.92 32.58 0.02
N VAL B 242 50.16 33.60 -0.79
CA VAL B 242 49.70 33.56 -2.16
C VAL B 242 50.86 33.84 -3.08
N HIS B 243 51.03 32.93 -4.03
CA HIS B 243 52.13 32.99 -4.93
C HIS B 243 51.61 33.37 -6.31
N GLY B 244 52.22 34.42 -6.87
CA GLY B 244 51.76 35.01 -8.13
C GLY B 244 52.83 35.13 -9.23
N THR B 245 52.47 35.76 -10.35
CA THR B 245 53.31 35.73 -11.53
C THR B 245 54.45 36.73 -11.28
N GLU B 246 54.19 37.71 -10.43
CA GLU B 246 55.08 38.84 -10.23
C GLU B 246 55.46 39.09 -8.78
N GLY B 247 55.12 38.18 -7.87
CA GLY B 247 55.35 38.43 -6.43
C GLY B 247 54.83 37.25 -5.63
N SER B 248 55.25 37.10 -4.38
CA SER B 248 54.55 36.23 -3.40
C SER B 248 54.26 36.98 -2.11
N LEU B 249 53.12 36.68 -1.48
CA LEU B 249 52.74 37.28 -0.19
C LEU B 249 52.85 36.19 0.86
N ILE B 250 53.78 36.36 1.79
CA ILE B 250 54.07 35.33 2.81
C ILE B 250 53.64 35.84 4.19
N GLY B 251 52.40 35.50 4.57
CA GLY B 251 51.88 35.73 5.93
C GLY B 251 52.29 34.66 6.91
N ARG B 252 52.72 35.12 8.06
CA ARG B 252 53.35 34.21 9.04
C ARG B 252 52.71 34.53 10.37
N ASN B 253 52.20 33.50 11.06
CA ASN B 253 51.52 33.70 12.36
C ASN B 253 50.26 34.58 12.23
N VAL B 254 49.58 34.45 11.09
CA VAL B 254 48.40 35.25 10.81
C VAL B 254 47.05 34.51 10.98
N MET B 255 47.08 33.23 11.34
CA MET B 255 45.83 32.46 11.52
C MET B 255 45.38 32.22 12.97
N THR B 256 45.89 32.97 13.93
CA THR B 256 45.48 32.84 15.31
C THR B 256 44.39 33.89 15.63
N GLN B 257 43.74 33.81 16.80
CA GLN B 257 42.69 34.80 17.13
C GLN B 257 43.21 36.17 17.47
N LYS B 258 44.51 36.28 17.70
CA LYS B 258 45.10 37.55 18.09
C LYS B 258 45.62 38.29 16.89
N PRO B 259 45.76 39.61 17.03
CA PRO B 259 46.15 40.51 15.97
C PRO B 259 47.64 40.65 15.79
N VAL B 260 48.29 39.51 15.48
CA VAL B 260 49.74 39.37 15.43
C VAL B 260 50.06 38.77 14.03
N GLY B 261 51.32 38.83 13.61
CA GLY B 261 51.70 38.19 12.36
C GLY B 261 52.38 39.19 11.47
N THR B 262 53.09 38.68 10.46
CA THR B 262 53.66 39.54 9.43
C THR B 262 53.19 39.13 8.04
N VAL B 263 53.08 40.12 7.15
CA VAL B 263 52.96 39.90 5.69
C VAL B 263 54.15 40.52 4.97
N THR B 264 54.98 39.64 4.42
CA THR B 264 56.14 39.99 3.59
C THR B 264 55.72 39.94 2.12
N LEU B 265 55.99 41.02 1.37
CA LEU B 265 55.87 41.02 -0.13
C LEU B 265 57.23 40.61 -0.69
N ARG B 266 57.27 39.56 -1.47
CA ARG B 266 58.50 39.08 -2.05
C ARG B 266 58.36 39.16 -3.57
N ASN B 267 59.25 39.91 -4.22
CA ASN B 267 59.12 40.13 -5.65
C ASN B 267 60.50 40.33 -6.29
N ALA B 268 60.60 40.92 -7.49
CA ALA B 268 61.89 40.96 -8.19
C ALA B 268 62.93 41.86 -7.50
N GLU B 269 62.46 42.91 -6.86
CA GLU B 269 63.22 43.80 -6.02
C GLU B 269 63.76 43.26 -4.70
N GLY B 270 63.02 42.42 -4.00
CA GLY B 270 63.47 41.82 -2.76
C GLY B 270 62.27 41.49 -1.91
N GLU B 271 62.42 41.53 -0.58
CA GLU B 271 61.29 41.39 0.33
C GLU B 271 61.08 42.70 1.06
N SER B 272 59.81 43.05 1.31
CA SER B 272 59.43 44.15 2.21
C SER B 272 58.18 43.75 2.98
N GLN B 273 57.80 44.59 3.93
CA GLN B 273 56.68 44.32 4.82
C GLN B 273 55.58 45.15 4.26
N LEU B 274 54.38 44.57 4.11
CA LEU B 274 53.14 45.36 4.10
C LEU B 274 52.82 45.91 5.49
N PRO B 275 52.63 47.24 5.59
CA PRO B 275 52.39 47.85 6.91
C PRO B 275 51.00 47.44 7.43
N LEU B 276 50.96 46.85 8.62
CA LEU B 276 49.73 46.35 9.22
C LEU B 276 49.42 47.27 10.40
N ASP B 277 48.15 47.62 10.56
CA ASP B 277 47.71 48.41 11.72
C ASP B 277 46.81 47.52 12.52
N PRO B 278 47.43 46.75 13.43
CA PRO B 278 46.89 45.62 14.17
C PRO B 278 45.80 46.05 15.14
N ALA B 279 44.55 45.81 14.73
CA ALA B 279 43.43 46.04 15.58
C ALA B 279 42.81 44.68 15.93
N ASN B 280 42.31 44.56 17.16
CA ASN B 280 41.58 43.39 17.64
C ASN B 280 40.66 42.92 16.52
N LEU B 281 40.80 41.66 16.10
CA LEU B 281 40.02 41.12 15.01
C LEU B 281 38.54 41.21 15.32
N TYR B 282 38.20 41.12 16.61
CA TYR B 282 36.80 41.02 17.06
C TYR B 282 36.15 42.38 17.21
N GLU B 283 36.91 43.38 17.63
CA GLU B 283 36.44 44.78 17.53
C GLU B 283 36.15 45.24 16.10
N THR B 284 36.92 44.75 15.15
CA THR B 284 36.75 45.11 13.74
C THR B 284 35.49 44.49 13.19
N ALA B 285 35.30 43.18 13.42
CA ALA B 285 34.02 42.49 13.23
C ALA B 285 32.77 43.13 13.80
N LEU B 286 32.80 43.45 15.10
CA LEU B 286 31.68 44.08 15.76
C LEU B 286 31.35 45.50 15.29
N ALA B 287 32.36 46.32 15.03
CA ALA B 287 32.18 47.63 14.37
C ALA B 287 31.55 47.49 12.98
N ALA B 288 31.97 46.51 12.17
CA ALA B 288 31.32 46.36 10.88
C ALA B 288 29.86 45.94 11.08
N PHE B 289 29.60 45.09 12.07
CA PHE B 289 28.24 44.52 12.28
C PHE B 289 27.26 45.59 12.75
N HIS B 290 27.69 46.37 13.73
CA HIS B 290 27.02 47.59 14.14
C HIS B 290 26.78 48.53 12.99
N SER B 291 27.72 48.60 12.05
CA SER B 291 27.64 49.52 10.94
C SER B 291 26.49 49.11 10.07
N ALA B 292 26.40 47.81 9.83
CA ALA B 292 25.33 47.20 9.05
C ALA B 292 23.96 47.32 9.71
N ILE B 293 23.95 47.50 11.03
CA ILE B 293 22.71 47.64 11.78
C ILE B 293 22.22 49.07 11.55
N GLU B 294 23.16 50.00 11.42
CA GLU B 294 22.81 51.42 11.33
C GLU B 294 22.72 51.90 9.91
N GLY B 295 22.56 50.97 8.97
CA GLY B 295 22.42 51.34 7.58
C GLY B 295 23.65 51.04 6.72
N HIS B 296 24.84 51.30 7.26
CA HIS B 296 26.07 51.48 6.48
C HIS B 296 26.82 50.18 6.24
N GLY B 297 26.45 49.44 5.20
CA GLY B 297 27.21 48.26 4.74
C GLY B 297 26.69 46.86 5.11
N GLN B 298 27.54 45.86 4.99
CA GLN B 298 27.25 44.55 5.54
C GLN B 298 28.22 44.24 6.65
N PRO B 299 27.97 43.13 7.39
CA PRO B 299 28.99 42.65 8.33
C PRO B 299 30.18 42.14 7.52
N SER B 300 31.35 41.94 8.16
CA SER B 300 32.58 41.49 7.45
C SER B 300 32.33 40.19 6.78
N ALA B 301 31.68 39.26 7.50
CA ALA B 301 31.34 38.00 6.88
C ALA B 301 29.83 37.85 7.04
N THR B 302 29.14 37.64 5.91
CA THR B 302 27.70 37.59 5.88
C THR B 302 27.21 36.16 6.17
N GLY B 303 25.90 36.00 6.31
CA GLY B 303 25.37 34.64 6.27
C GLY B 303 25.76 33.86 5.01
N GLU B 304 25.73 34.51 3.86
CA GLU B 304 26.12 33.85 2.59
C GLU B 304 27.59 33.37 2.61
N ASP B 305 28.45 34.18 3.19
CA ASP B 305 29.82 33.75 3.52
C ASP B 305 29.85 32.49 4.37
N GLY B 306 28.98 32.40 5.40
CA GLY B 306 28.84 31.17 6.20
C GLY B 306 28.39 29.98 5.36
N VAL B 307 27.57 30.23 4.35
CA VAL B 307 27.03 29.12 3.54
C VAL B 307 28.18 28.63 2.66
N TRP B 308 29.01 29.54 2.19
CA TRP B 308 30.24 29.16 1.42
C TRP B 308 31.29 28.36 2.20
N SER B 309 31.58 28.79 3.42
CA SER B 309 32.56 28.07 4.22
C SER B 309 32.12 26.70 4.65
N LEU B 310 30.84 26.58 5.01
CA LEU B 310 30.26 25.28 5.33
C LEU B 310 30.26 24.43 4.07
N ALA B 311 29.78 25.00 2.96
CA ALA B 311 29.82 24.28 1.66
C ALA B 311 31.19 23.63 1.44
N THR B 312 32.25 24.46 1.56
CA THR B 312 33.63 24.01 1.43
C THR B 312 33.99 22.93 2.46
N GLY B 313 33.71 23.20 3.73
CA GLY B 313 34.04 22.24 4.79
C GLY B 313 33.35 20.90 4.54
N LEU B 314 32.15 20.95 3.96
CA LEU B 314 31.33 19.75 3.86
C LEU B 314 31.79 18.97 2.64
N ALA B 315 32.32 19.70 1.66
CA ALA B 315 33.03 19.06 0.54
C ALA B 315 34.29 18.39 1.04
N VAL B 316 34.94 19.01 2.00
CA VAL B 316 36.19 18.47 2.50
C VAL B 316 35.97 17.22 3.34
N VAL B 317 34.90 17.21 4.12
CA VAL B 317 34.46 15.96 4.80
C VAL B 317 34.15 14.87 3.78
N LYS B 318 33.39 15.19 2.75
CA LYS B 318 33.08 14.18 1.75
C LYS B 318 34.33 13.61 1.07
N ALA B 319 35.15 14.52 0.55
CA ALA B 319 36.40 14.10 -0.14
C ALA B 319 37.26 13.21 0.75
N ALA B 320 37.34 13.56 2.03
CA ALA B 320 38.29 12.89 2.88
C ALA B 320 37.72 11.53 3.20
N ALA B 321 36.38 11.42 3.16
CA ALA B 321 35.69 10.14 3.43
C ALA B 321 35.72 9.23 2.21
N THR B 322 35.20 9.72 1.08
CA THR B 322 35.10 8.94 -0.16
C THR B 322 36.44 8.69 -0.93
N GLY B 323 37.48 9.46 -0.65
CA GLY B 323 38.65 9.49 -1.53
C GLY B 323 38.39 10.12 -2.88
N GLN B 324 37.39 10.99 -2.98
CA GLN B 324 36.94 11.47 -4.28
C GLN B 324 36.65 12.96 -4.29
N ALA B 325 37.05 13.62 -5.36
CA ALA B 325 36.87 15.06 -5.46
C ALA B 325 35.42 15.37 -5.19
N ALA B 326 35.15 16.56 -4.65
CA ALA B 326 33.81 16.90 -4.22
C ALA B 326 33.58 18.33 -4.62
N GLU B 327 32.61 18.57 -5.50
CA GLU B 327 32.26 19.91 -5.92
C GLU B 327 31.70 20.75 -4.79
N ILE B 328 31.81 22.06 -4.91
CA ILE B 328 31.35 22.91 -3.85
C ILE B 328 30.19 23.66 -4.43
N GLU B 329 29.02 23.29 -3.93
CA GLU B 329 27.79 23.93 -4.34
C GLU B 329 27.09 24.50 -3.12
N THR B 330 26.95 25.81 -3.13
CA THR B 330 26.21 26.59 -2.18
C THR B 330 24.70 26.26 -2.22
N GLY B 331 24.13 26.30 -3.43
CA GLY B 331 22.71 26.12 -3.62
C GLY B 331 21.96 27.39 -3.33
N LEU B 332 22.68 28.52 -3.35
CA LEU B 332 22.09 29.84 -3.23
C LEU B 332 21.52 30.30 -4.57
N ASN C 1 -1.51 -23.86 22.57
CA ASN C 1 -0.40 -23.21 21.81
C ASN C 1 -0.86 -22.50 20.52
N ARG C 2 -1.20 -23.24 19.47
CA ARG C 2 -1.31 -22.65 18.12
C ARG C 2 -2.74 -22.64 17.58
N TRP C 3 -3.19 -21.47 17.12
CA TRP C 3 -4.62 -21.27 16.85
C TRP C 3 -4.90 -20.99 15.39
N GLY C 4 -6.08 -21.36 14.92
CA GLY C 4 -6.53 -20.99 13.60
C GLY C 4 -7.87 -20.32 13.74
N LEU C 5 -8.01 -19.15 13.12
CA LEU C 5 -9.22 -18.34 13.21
C LEU C 5 -10.17 -18.65 12.06
N ILE C 6 -11.41 -19.00 12.37
CA ILE C 6 -12.45 -18.87 11.36
C ILE C 6 -13.22 -17.59 11.63
N GLY C 7 -13.01 -16.58 10.80
CA GLY C 7 -13.72 -15.32 10.89
C GLY C 7 -12.79 -14.12 10.90
N ALA C 8 -12.91 -13.26 9.89
CA ALA C 8 -12.33 -11.91 9.98
C ALA C 8 -13.24 -10.97 10.79
N SER C 9 -13.30 -11.19 12.10
CA SER C 9 -14.37 -10.65 12.96
C SER C 9 -13.88 -9.45 13.76
N THR C 10 -14.80 -8.60 14.18
CA THR C 10 -14.41 -7.69 15.21
C THR C 10 -14.06 -8.18 16.60
N ILE C 11 -14.60 -9.32 17.05
CA ILE C 11 -14.15 -9.87 18.37
C ILE C 11 -12.77 -10.53 18.37
N ALA C 12 -12.47 -11.32 17.34
CA ALA C 12 -11.09 -11.72 17.10
C ALA C 12 -10.14 -10.53 17.15
N ARG C 13 -10.44 -9.47 16.40
CA ARG C 13 -9.51 -8.36 16.30
C ARG C 13 -9.40 -7.56 17.57
N GLU C 14 -10.54 -7.23 18.18
CA GLU C 14 -10.52 -6.40 19.39
C GLU C 14 -9.99 -7.09 20.64
N TRP C 15 -10.15 -8.41 20.76
CA TRP C 15 -9.83 -9.06 22.03
C TRP C 15 -9.19 -10.43 21.90
N VAL C 16 -9.75 -11.27 21.04
CA VAL C 16 -9.35 -12.68 21.05
C VAL C 16 -7.93 -13.01 20.59
N ILE C 17 -7.44 -12.26 19.60
CA ILE C 17 -6.07 -12.46 19.09
C ILE C 17 -5.04 -12.09 20.17
N GLY C 18 -5.19 -10.89 20.76
CA GLY C 18 -4.33 -10.44 21.86
C GLY C 18 -4.32 -11.37 23.06
N ALA C 19 -5.50 -11.82 23.46
CA ALA C 19 -5.66 -12.81 24.52
C ALA C 19 -4.89 -14.08 24.25
N ILE C 20 -5.14 -14.67 23.09
CA ILE C 20 -4.50 -15.92 22.66
C ILE C 20 -3.00 -15.83 22.87
N ARG C 21 -2.44 -14.68 22.49
CA ARG C 21 -1.00 -14.40 22.53
C ARG C 21 -0.51 -13.91 23.88
N ALA C 22 -1.34 -13.12 24.57
CA ALA C 22 -1.01 -12.66 25.92
C ALA C 22 -0.92 -13.81 26.88
N THR C 23 -1.65 -14.90 26.59
CA THR C 23 -1.54 -16.13 27.39
C THR C 23 -0.66 -17.20 26.76
N GLY C 24 0.39 -16.78 26.07
CA GLY C 24 1.43 -17.69 25.62
C GLY C 24 1.11 -18.63 24.46
N GLY C 25 -0.05 -18.51 23.85
CA GLY C 25 -0.32 -19.23 22.60
C GLY C 25 -0.03 -18.30 21.43
N GLU C 26 -0.33 -18.74 20.22
CA GLU C 26 -0.09 -17.94 19.01
C GLU C 26 -1.09 -18.23 17.87
N VAL C 27 -1.30 -17.25 16.99
CA VAL C 27 -2.23 -17.40 15.88
C VAL C 27 -1.47 -17.56 14.55
N VAL C 28 -1.61 -18.72 13.92
CA VAL C 28 -0.77 -19.10 12.79
C VAL C 28 -1.48 -19.03 11.44
N SER C 29 -2.81 -19.13 11.43
CA SER C 29 -3.60 -18.99 10.19
C SER C 29 -4.98 -18.33 10.44
N MET C 30 -5.64 -17.84 9.40
CA MET C 30 -7.06 -17.52 9.52
C MET C 30 -7.81 -17.75 8.21
N MET C 31 -9.12 -17.99 8.29
CA MET C 31 -9.95 -18.11 7.10
C MET C 31 -11.03 -17.07 7.02
N SER C 32 -11.24 -16.55 5.83
CA SER C 32 -12.26 -15.58 5.62
C SER C 32 -12.87 -15.86 4.27
N THR C 33 -14.15 -15.64 4.10
CA THR C 33 -14.74 -15.93 2.80
C THR C 33 -14.22 -14.99 1.71
N SER C 34 -13.46 -13.98 2.11
CA SER C 34 -12.92 -12.99 1.15
C SER C 34 -11.39 -13.06 1.05
N ALA C 35 -10.87 -13.38 -0.13
CA ALA C 35 -9.41 -13.49 -0.31
C ALA C 35 -8.70 -12.17 -0.03
N GLU C 36 -9.26 -11.09 -0.57
CA GLU C 36 -8.78 -9.72 -0.33
C GLU C 36 -8.85 -9.24 1.15
N ARG C 37 -10.03 -9.38 1.78
CA ARG C 37 -10.26 -8.86 3.14
C ARG C 37 -9.44 -9.73 4.09
N GLY C 38 -9.40 -11.03 3.80
CA GLY C 38 -8.68 -12.00 4.62
C GLY C 38 -7.21 -11.63 4.68
N ALA C 39 -6.65 -11.17 3.54
CA ALA C 39 -5.20 -11.00 3.42
C ALA C 39 -4.76 -9.74 4.14
N ALA C 40 -5.57 -8.69 3.99
CA ALA C 40 -5.39 -7.42 4.70
C ALA C 40 -5.62 -7.59 6.19
N TYR C 41 -6.70 -8.27 6.58
CA TYR C 41 -6.96 -8.51 8.00
C TYR C 41 -5.79 -9.25 8.61
N ALA C 42 -5.29 -10.26 7.91
CA ALA C 42 -4.11 -11.01 8.35
C ALA C 42 -2.89 -10.13 8.51
N THR C 43 -2.52 -9.40 7.48
CA THR C 43 -1.34 -8.55 7.61
C THR C 43 -1.58 -7.49 8.68
N GLU C 44 -2.81 -7.03 8.78
CA GLU C 44 -3.15 -5.96 9.70
C GLU C 44 -3.00 -6.43 11.16
N ASN C 45 -3.15 -7.73 11.37
CA ASN C 45 -3.21 -8.31 12.70
C ASN C 45 -2.09 -9.29 12.97
N GLY C 46 -1.11 -9.31 12.07
CA GLY C 46 0.11 -10.06 12.27
C GLY C 46 0.02 -11.57 12.14
N ILE C 47 -0.90 -12.05 11.32
CA ILE C 47 -1.09 -13.50 11.13
C ILE C 47 -0.39 -13.97 9.84
N GLY C 48 0.36 -15.06 9.95
CA GLY C 48 1.23 -15.53 8.86
C GLY C 48 0.52 -15.92 7.57
N LYS C 49 -0.51 -16.77 7.68
CA LYS C 49 -1.30 -17.24 6.54
C LYS C 49 -2.74 -16.71 6.56
N SER C 50 -3.30 -16.41 5.39
CA SER C 50 -4.76 -16.37 5.27
C SER C 50 -5.30 -17.33 4.20
N VAL C 51 -6.35 -18.09 4.56
CA VAL C 51 -6.99 -19.02 3.64
C VAL C 51 -8.45 -18.64 3.35
N THR C 52 -9.05 -19.21 2.30
CA THR C 52 -10.46 -18.98 1.97
C THR C 52 -11.23 -20.27 2.01
N SER C 53 -10.72 -21.22 2.76
CA SER C 53 -11.28 -22.53 2.75
C SER C 53 -11.27 -23.06 4.19
N VAL C 54 -12.45 -23.27 4.75
CA VAL C 54 -12.56 -23.77 6.11
C VAL C 54 -11.65 -24.97 6.29
N GLU C 55 -11.70 -25.89 5.31
CA GLU C 55 -11.03 -27.19 5.42
C GLU C 55 -9.53 -27.04 5.41
N GLU C 56 -9.06 -26.05 4.64
CA GLU C 56 -7.67 -25.60 4.66
C GLU C 56 -7.20 -25.08 6.02
N LEU C 57 -7.96 -24.14 6.61
CA LEU C 57 -7.64 -23.68 7.97
C LEU C 57 -7.55 -24.78 9.03
N VAL C 58 -8.54 -25.65 9.10
CA VAL C 58 -8.66 -26.55 10.24
C VAL C 58 -7.75 -27.77 10.10
N GLY C 59 -7.59 -28.22 8.84
CA GLY C 59 -6.71 -29.33 8.50
C GLY C 59 -5.26 -28.92 8.41
N ASP C 60 -4.99 -27.62 8.32
CA ASP C 60 -3.62 -27.15 8.47
C ASP C 60 -2.98 -27.84 9.67
N PRO C 61 -1.93 -28.64 9.44
CA PRO C 61 -1.60 -29.54 10.52
C PRO C 61 -0.81 -28.77 11.57
N ASP C 62 -0.62 -27.46 11.31
CA ASP C 62 0.05 -26.52 12.22
C ASP C 62 -0.87 -25.91 13.28
N VAL C 63 -2.16 -25.79 12.98
CA VAL C 63 -3.11 -25.24 13.93
C VAL C 63 -3.55 -26.35 14.85
N ASP C 64 -3.58 -26.05 16.15
CA ASP C 64 -4.03 -26.97 17.20
C ASP C 64 -5.47 -26.75 17.61
N ALA C 65 -5.90 -25.48 17.66
CA ALA C 65 -7.22 -25.12 18.23
C ALA C 65 -7.91 -24.25 17.22
N VAL C 66 -9.25 -24.31 17.15
CA VAL C 66 -9.97 -23.39 16.27
C VAL C 66 -10.88 -22.46 17.03
N TYR C 67 -10.72 -21.15 16.76
CA TYR C 67 -11.67 -20.11 17.20
C TYR C 67 -12.64 -19.71 16.08
N VAL C 68 -13.92 -19.98 16.29
CA VAL C 68 -15.01 -19.58 15.38
C VAL C 68 -15.69 -18.31 15.90
N SER C 69 -15.46 -17.19 15.21
CA SER C 69 -16.19 -15.96 15.49
C SER C 69 -16.93 -15.45 14.26
N THR C 70 -17.50 -16.35 13.45
CA THR C 70 -18.29 -15.95 12.28
C THR C 70 -19.74 -15.72 12.71
N THR C 71 -20.57 -15.16 11.83
CA THR C 71 -22.01 -15.05 12.11
C THR C 71 -22.63 -16.39 12.47
N ASN C 72 -23.84 -16.34 13.04
CA ASN C 72 -24.27 -17.43 13.94
C ASN C 72 -24.72 -18.70 13.23
N GLU C 73 -25.12 -18.57 11.97
CA GLU C 73 -25.67 -19.66 11.21
C GLU C 73 -24.54 -20.52 10.60
N LEU C 74 -23.30 -20.18 10.96
CA LEU C 74 -22.10 -20.79 10.40
C LEU C 74 -21.38 -21.53 11.48
N HIS C 75 -21.71 -21.23 12.73
CA HIS C 75 -20.98 -21.69 13.89
C HIS C 75 -20.98 -23.22 13.96
N ARG C 76 -22.14 -23.84 13.76
CA ARG C 76 -22.24 -25.30 13.87
C ARG C 76 -21.37 -26.04 12.85
N GLU C 77 -21.64 -25.80 11.57
CA GLU C 77 -20.94 -26.48 10.47
C GLU C 77 -19.43 -26.27 10.52
N GLN C 78 -19.02 -25.10 10.97
CA GLN C 78 -17.63 -24.83 11.07
C GLN C 78 -16.91 -25.47 12.24
N THR C 79 -17.56 -25.62 13.38
CA THR C 79 -16.81 -26.15 14.53
C THR C 79 -16.76 -27.68 14.44
N LEU C 80 -17.72 -28.24 13.70
CA LEU C 80 -17.77 -29.68 13.41
C LEU C 80 -16.73 -30.02 12.32
N ALA C 81 -16.63 -29.17 11.29
CA ALA C 81 -15.44 -29.19 10.45
C ALA C 81 -14.22 -29.40 11.33
N ALA C 82 -13.99 -28.48 12.27
CA ALA C 82 -12.74 -28.44 13.02
C ALA C 82 -12.59 -29.71 13.82
N ILE C 83 -13.71 -30.26 14.26
CA ILE C 83 -13.70 -31.43 15.16
C ILE C 83 -13.44 -32.72 14.38
N ARG C 84 -13.95 -32.82 13.16
CA ARG C 84 -13.59 -33.91 12.28
C ARG C 84 -12.08 -33.91 12.10
N ALA C 85 -11.48 -32.73 11.97
CA ALA C 85 -10.01 -32.58 11.88
C ALA C 85 -9.25 -32.89 13.18
N GLY C 86 -9.98 -33.28 14.22
CA GLY C 86 -9.39 -33.54 15.52
C GLY C 86 -8.81 -32.31 16.19
N LYS C 87 -9.38 -31.13 15.90
CA LYS C 87 -9.01 -29.87 16.57
C LYS C 87 -9.89 -29.50 17.80
N HIS C 88 -9.28 -28.88 18.81
CA HIS C 88 -10.05 -28.17 19.85
C HIS C 88 -10.77 -26.96 19.30
N VAL C 89 -11.85 -26.56 19.95
CA VAL C 89 -12.66 -25.44 19.45
C VAL C 89 -13.15 -24.52 20.56
N LEU C 90 -12.80 -23.23 20.47
CA LEU C 90 -13.52 -22.20 21.21
C LEU C 90 -14.56 -21.60 20.26
N CYS C 91 -15.82 -21.92 20.48
CA CYS C 91 -16.85 -21.34 19.63
C CYS C 91 -17.51 -20.14 20.29
N GLU C 92 -17.82 -19.13 19.48
CA GLU C 92 -18.44 -17.92 19.96
C GLU C 92 -19.90 -18.21 20.28
N LYS C 93 -20.46 -17.40 21.18
CA LYS C 93 -21.88 -17.41 21.49
C LYS C 93 -22.72 -16.73 20.37
N PRO C 94 -24.00 -17.13 20.21
CA PRO C 94 -24.62 -18.35 20.70
C PRO C 94 -24.01 -19.59 20.04
N LEU C 95 -23.74 -20.65 20.81
CA LEU C 95 -23.05 -21.82 20.24
C LEU C 95 -23.64 -22.15 18.86
N ALA C 96 -24.97 -22.22 18.78
CA ALA C 96 -25.68 -22.42 17.49
C ALA C 96 -27.00 -21.70 17.47
N MET C 97 -27.93 -22.15 16.64
CA MET C 97 -29.22 -21.49 16.56
C MET C 97 -30.39 -22.42 16.83
N THR C 98 -30.08 -23.67 17.16
CA THR C 98 -31.07 -24.63 17.59
C THR C 98 -30.34 -25.53 18.55
N LEU C 99 -31.06 -26.09 19.52
CA LEU C 99 -30.39 -26.91 20.52
C LEU C 99 -29.92 -28.21 19.91
N GLU C 100 -30.63 -28.65 18.86
CA GLU C 100 -30.23 -29.80 18.06
C GLU C 100 -28.80 -29.61 17.59
N ASP C 101 -28.51 -28.47 16.96
CA ASP C 101 -27.16 -28.14 16.50
C ASP C 101 -26.16 -28.08 17.65
N ALA C 102 -26.57 -27.46 18.75
CA ALA C 102 -25.63 -27.19 19.85
C ALA C 102 -25.26 -28.49 20.52
N ARG C 103 -26.27 -29.31 20.75
CA ARG C 103 -26.06 -30.61 21.37
C ARG C 103 -25.21 -31.48 20.44
N GLU C 104 -25.49 -31.44 19.15
CA GLU C 104 -24.64 -32.18 18.19
C GLU C 104 -23.18 -31.76 18.26
N MET C 105 -22.93 -30.49 18.52
CA MET C 105 -21.55 -29.99 18.64
C MET C 105 -20.83 -30.53 19.87
N VAL C 106 -21.52 -30.61 21.00
CA VAL C 106 -20.90 -31.04 22.23
C VAL C 106 -20.56 -32.53 22.21
N VAL C 107 -21.46 -33.34 21.65
CA VAL C 107 -21.23 -34.77 21.59
C VAL C 107 -20.14 -35.13 20.57
N ALA C 108 -20.10 -34.41 19.44
CA ALA C 108 -19.06 -34.60 18.44
C ALA C 108 -17.67 -34.35 19.03
N ALA C 109 -17.59 -33.34 19.87
CA ALA C 109 -16.33 -33.04 20.54
C ALA C 109 -16.05 -34.05 21.62
N ARG C 110 -17.09 -34.74 22.11
CA ARG C 110 -16.91 -35.73 23.19
C ARG C 110 -16.32 -37.00 22.59
N GLU C 111 -17.03 -37.54 21.60
CA GLU C 111 -16.58 -38.64 20.76
C GLU C 111 -15.20 -38.37 20.17
N ALA C 112 -15.00 -37.16 19.63
CA ALA C 112 -13.71 -36.77 19.06
C ALA C 112 -12.56 -36.64 20.05
N GLY C 113 -12.86 -36.46 21.33
CA GLY C 113 -11.82 -36.26 22.34
C GLY C 113 -11.21 -34.87 22.44
N VAL C 114 -11.86 -33.87 21.82
CA VAL C 114 -11.31 -32.50 21.78
C VAL C 114 -12.11 -31.59 22.70
N VAL C 115 -11.49 -30.56 23.27
CA VAL C 115 -12.28 -29.59 24.04
C VAL C 115 -13.07 -28.60 23.19
N LEU C 116 -14.36 -28.50 23.52
CA LEU C 116 -15.25 -27.45 23.05
C LEU C 116 -15.49 -26.43 24.17
N GLY C 117 -15.23 -25.17 23.87
CA GLY C 117 -15.53 -24.06 24.78
C GLY C 117 -16.57 -23.16 24.13
N THR C 118 -17.42 -22.52 24.93
CA THR C 118 -18.27 -21.44 24.42
C THR C 118 -17.68 -20.19 25.01
N ASN C 119 -17.48 -19.18 24.17
CA ASN C 119 -16.93 -17.92 24.66
C ASN C 119 -17.92 -16.97 25.38
N HIS C 120 -18.39 -17.39 26.56
CA HIS C 120 -19.08 -16.48 27.49
C HIS C 120 -17.99 -15.84 28.33
N HIS C 121 -17.78 -14.53 28.15
CA HIS C 121 -16.64 -13.81 28.75
C HIS C 121 -16.92 -13.32 30.19
N LEU C 122 -18.19 -13.10 30.54
CA LEU C 122 -18.44 -12.26 31.74
C LEU C 122 -18.21 -13.08 32.99
N ARG C 123 -18.37 -14.39 32.83
CA ARG C 123 -18.19 -15.34 33.89
C ARG C 123 -16.72 -15.42 34.25
N ASN C 124 -15.86 -14.95 33.34
CA ASN C 124 -14.44 -14.73 33.64
C ASN C 124 -14.18 -13.47 34.44
N ALA C 125 -15.16 -12.58 34.58
CA ALA C 125 -14.85 -11.28 35.20
C ALA C 125 -14.65 -11.47 36.68
N ALA C 126 -13.64 -10.82 37.23
CA ALA C 126 -13.43 -10.76 38.68
C ALA C 126 -14.66 -10.34 39.48
N ALA C 127 -15.52 -9.51 38.88
CA ALA C 127 -16.72 -8.93 39.54
C ALA C 127 -17.73 -10.02 39.76
N HIS C 128 -17.94 -10.83 38.74
CA HIS C 128 -18.91 -11.87 38.80
C HIS C 128 -18.37 -13.06 39.59
N ARG C 129 -17.07 -13.32 39.51
CA ARG C 129 -16.51 -14.35 40.38
C ARG C 129 -16.63 -13.99 41.86
N ALA C 130 -16.53 -12.71 42.19
CA ALA C 130 -16.70 -12.26 43.59
C ALA C 130 -18.13 -12.35 44.09
N MET C 131 -19.09 -12.15 43.21
CA MET C 131 -20.50 -12.32 43.59
C MET C 131 -20.87 -13.81 43.66
N ARG C 132 -20.38 -14.60 42.72
CA ARG C 132 -20.59 -16.02 42.80
C ARG C 132 -20.11 -16.48 44.16
N ASP C 133 -18.93 -16.05 44.53
CA ASP C 133 -18.28 -16.57 45.73
C ASP C 133 -18.97 -16.09 46.97
N ALA C 134 -19.41 -14.84 46.94
CA ALA C 134 -19.99 -14.22 48.10
C ALA C 134 -21.30 -14.93 48.41
N ILE C 135 -22.02 -15.33 47.36
CA ILE C 135 -23.27 -16.08 47.52
C ILE C 135 -23.01 -17.46 48.14
N ALA C 136 -22.14 -18.25 47.53
CA ALA C 136 -21.74 -19.53 48.09
C ALA C 136 -21.33 -19.48 49.58
N GLU C 137 -20.64 -18.41 49.98
CA GLU C 137 -20.15 -18.24 51.36
C GLU C 137 -21.25 -17.72 52.29
N GLY C 138 -22.45 -17.57 51.73
CA GLY C 138 -23.60 -17.16 52.52
C GLY C 138 -23.84 -15.66 52.70
N ARG C 139 -23.04 -14.80 52.08
CA ARG C 139 -23.04 -13.35 52.44
C ARG C 139 -24.35 -12.57 52.29
N ILE C 140 -25.24 -13.06 51.44
CA ILE C 140 -26.58 -12.47 51.23
C ILE C 140 -27.61 -13.51 51.71
N GLY C 141 -27.13 -14.48 52.47
CA GLY C 141 -28.01 -15.50 53.00
C GLY C 141 -28.56 -16.29 51.83
N ARG C 142 -29.84 -16.56 51.90
CA ARG C 142 -30.47 -17.27 50.83
C ARG C 142 -30.90 -16.24 49.76
N PRO C 143 -30.50 -16.44 48.48
CA PRO C 143 -30.93 -15.62 47.32
C PRO C 143 -32.43 -15.60 47.09
N ILE C 144 -32.97 -14.45 46.69
CA ILE C 144 -34.39 -14.37 46.43
C ILE C 144 -34.69 -13.94 45.02
N ALA C 145 -33.87 -13.00 44.52
CA ALA C 145 -34.18 -12.31 43.28
C ALA C 145 -32.91 -11.73 42.70
N ALA C 146 -32.90 -11.59 41.37
CA ALA C 146 -31.78 -10.99 40.63
C ALA C 146 -32.33 -10.06 39.55
N ARG C 147 -31.60 -8.99 39.30
CA ARG C 147 -31.85 -8.04 38.21
C ARG C 147 -30.58 -7.87 37.36
N VAL C 148 -30.74 -8.03 36.06
CA VAL C 148 -29.65 -7.80 35.14
C VAL C 148 -29.99 -6.71 34.16
N PHE C 149 -29.17 -5.67 34.14
CA PHE C 149 -29.34 -4.58 33.17
C PHE C 149 -28.26 -4.64 32.08
N HIS C 150 -28.68 -4.81 30.84
CA HIS C 150 -27.71 -4.93 29.78
C HIS C 150 -28.35 -4.22 28.59
N ALA C 151 -28.94 -3.06 28.84
CA ALA C 151 -29.43 -2.17 27.76
C ALA C 151 -28.32 -1.23 27.39
N VAL C 152 -27.77 -1.41 26.19
CA VAL C 152 -26.67 -0.62 25.68
C VAL C 152 -27.02 -0.14 24.30
N TYR C 153 -26.11 0.65 23.76
CA TYR C 153 -26.26 1.15 22.41
C TYR C 153 -25.28 0.48 21.45
N LEU C 154 -25.83 -0.16 20.43
CA LEU C 154 -25.04 -0.89 19.46
C LEU C 154 -24.42 0.10 18.47
N PRO C 155 -23.08 0.27 18.51
CA PRO C 155 -22.44 1.30 17.69
C PRO C 155 -22.70 1.06 16.21
N PRO C 156 -22.71 2.14 15.40
CA PRO C 156 -23.02 2.00 13.99
C PRO C 156 -22.15 0.93 13.29
N HIS C 157 -20.92 0.74 13.76
CA HIS C 157 -20.07 -0.19 13.06
C HIS C 157 -20.55 -1.64 13.21
N LEU C 158 -21.55 -1.88 14.07
CA LEU C 158 -22.05 -3.25 14.32
C LEU C 158 -23.53 -3.41 13.94
N GLN C 159 -24.07 -2.36 13.35
CA GLN C 159 -25.47 -2.27 12.98
C GLN C 159 -25.79 -2.93 11.64
N GLY C 160 -25.17 -4.07 11.36
CA GLY C 160 -25.51 -4.91 10.19
C GLY C 160 -26.27 -6.19 10.54
N TRP C 161 -25.58 -7.32 10.59
CA TRP C 161 -26.24 -8.61 10.76
C TRP C 161 -27.14 -8.68 12.00
N ARG C 162 -26.68 -8.07 13.10
CA ARG C 162 -27.51 -8.06 14.31
C ARG C 162 -28.89 -7.49 14.15
N LEU C 163 -29.03 -6.47 13.31
CA LEU C 163 -30.30 -5.79 13.12
C LEU C 163 -31.21 -6.38 12.03
N GLU C 164 -30.74 -7.40 11.32
CA GLU C 164 -31.57 -8.03 10.29
C GLU C 164 -31.48 -9.55 10.24
N ARG C 165 -32.12 -10.13 9.23
CA ARG C 165 -31.92 -11.56 8.98
C ARG C 165 -31.97 -12.27 10.33
N PRO C 166 -33.17 -12.37 10.94
CA PRO C 166 -33.28 -13.19 12.15
C PRO C 166 -32.99 -14.65 11.82
N GLU C 167 -33.25 -15.02 10.56
CA GLU C 167 -33.00 -16.37 10.07
C GLU C 167 -31.53 -16.76 10.23
N ALA C 168 -30.61 -15.79 10.07
CA ALA C 168 -29.18 -16.04 10.21
C ALA C 168 -28.56 -15.53 11.53
N GLY C 169 -29.37 -15.44 12.59
CA GLY C 169 -28.85 -15.23 13.95
C GLY C 169 -28.99 -13.84 14.57
N GLY C 170 -29.73 -12.96 13.93
CA GLY C 170 -29.84 -11.59 14.38
C GLY C 170 -30.77 -11.41 15.58
N GLY C 171 -30.80 -10.20 16.11
CA GLY C 171 -31.67 -9.89 17.24
C GLY C 171 -30.93 -9.78 18.56
N VAL C 172 -31.45 -8.94 19.44
CA VAL C 172 -30.84 -8.77 20.76
C VAL C 172 -30.96 -10.02 21.69
N ILE C 173 -31.99 -10.85 21.51
CA ILE C 173 -32.12 -12.01 22.38
C ILE C 173 -30.97 -12.98 22.18
N LEU C 174 -30.72 -13.34 20.91
CA LEU C 174 -29.63 -14.27 20.66
C LEU C 174 -28.28 -13.60 20.91
N ASP C 175 -28.19 -12.28 20.71
CA ASP C 175 -26.90 -11.59 20.87
C ASP C 175 -26.43 -11.35 22.32
N ILE C 176 -27.36 -11.02 23.21
CA ILE C 176 -27.04 -10.50 24.52
C ILE C 176 -27.68 -11.36 25.61
N THR C 177 -28.95 -11.73 25.42
CA THR C 177 -29.65 -12.40 26.48
C THR C 177 -28.90 -13.64 26.88
N VAL C 178 -28.26 -14.29 25.89
CA VAL C 178 -27.49 -15.52 26.15
C VAL C 178 -26.43 -15.32 27.20
N HIS C 179 -25.88 -14.10 27.24
CA HIS C 179 -24.79 -13.79 28.13
C HIS C 179 -25.33 -13.66 29.52
N ASP C 180 -26.46 -12.96 29.60
CA ASP C 180 -27.24 -12.84 30.83
C ASP C 180 -27.54 -14.18 31.48
N ALA C 181 -28.16 -15.07 30.70
CA ALA C 181 -28.37 -16.46 31.07
C ALA C 181 -27.12 -17.10 31.65
N ASP C 182 -25.98 -16.95 30.98
CA ASP C 182 -24.86 -17.75 31.41
C ASP C 182 -24.39 -17.24 32.75
N THR C 183 -24.58 -15.95 32.93
CA THR C 183 -23.90 -15.26 33.98
C THR C 183 -24.74 -15.45 35.24
N LEU C 184 -26.04 -15.42 35.05
CA LEU C 184 -26.97 -15.83 36.08
C LEU C 184 -26.69 -17.27 36.53
N ARG C 185 -26.57 -18.21 35.58
CA ARG C 185 -26.25 -19.60 35.97
C ARG C 185 -24.94 -19.64 36.76
N PHE C 186 -23.94 -18.92 36.29
CA PHE C 186 -22.62 -18.90 36.91
C PHE C 186 -22.67 -18.36 38.35
N VAL C 187 -23.21 -17.15 38.51
CA VAL C 187 -23.32 -16.50 39.82
C VAL C 187 -24.32 -17.13 40.81
N LEU C 188 -25.48 -17.53 40.30
CA LEU C 188 -26.47 -18.15 41.17
C LEU C 188 -26.14 -19.61 41.45
N ASN C 189 -25.28 -20.19 40.61
CA ASN C 189 -25.03 -21.62 40.64
C ASN C 189 -26.32 -22.38 40.65
N ASP C 190 -27.11 -22.19 39.60
CA ASP C 190 -28.38 -22.86 39.51
C ASP C 190 -28.90 -22.70 38.09
N ASP C 191 -29.79 -23.60 37.69
CA ASP C 191 -30.30 -23.63 36.32
C ASP C 191 -31.64 -22.96 36.20
N PRO C 192 -31.95 -22.40 35.02
CA PRO C 192 -33.23 -21.72 34.86
C PRO C 192 -34.25 -22.81 34.61
N ALA C 193 -35.50 -22.58 34.98
CA ALA C 193 -36.56 -23.55 34.70
C ALA C 193 -37.44 -23.07 33.57
N GLU C 194 -37.74 -21.78 33.52
CA GLU C 194 -38.62 -21.24 32.47
C GLU C 194 -38.51 -19.73 32.37
N ALA C 195 -39.10 -19.16 31.32
CA ALA C 195 -38.99 -17.70 31.08
C ALA C 195 -40.33 -17.11 30.68
N VAL C 196 -40.59 -15.85 31.02
CA VAL C 196 -41.57 -15.05 30.29
C VAL C 196 -40.81 -13.85 29.79
N ALA C 197 -41.35 -13.14 28.82
CA ALA C 197 -40.63 -12.08 28.16
C ALA C 197 -41.53 -11.25 27.30
N ILE C 198 -41.10 -10.03 27.02
CA ILE C 198 -41.75 -9.24 26.00
C ILE C 198 -40.60 -8.54 25.26
N SER C 199 -40.66 -8.52 23.93
CA SER C 199 -39.59 -7.90 23.15
C SER C 199 -40.13 -6.81 22.24
N HIS C 200 -39.27 -5.88 21.84
CA HIS C 200 -39.73 -4.90 20.88
C HIS C 200 -38.69 -4.54 19.84
N SER C 201 -39.16 -3.77 18.89
CA SER C 201 -38.35 -3.24 17.82
C SER C 201 -38.56 -1.71 17.89
N ALA C 202 -37.64 -1.01 18.54
CA ALA C 202 -37.78 0.41 18.80
C ALA C 202 -36.91 1.24 17.87
N GLY C 203 -36.82 0.81 16.61
CA GLY C 203 -36.29 1.63 15.50
C GLY C 203 -34.91 1.28 14.97
N MET C 204 -34.35 0.15 15.41
CA MET C 204 -33.02 -0.27 14.98
C MET C 204 -33.13 -1.55 14.17
N GLY C 205 -33.75 -2.58 14.76
CA GLY C 205 -34.03 -3.83 14.08
C GLY C 205 -34.91 -3.58 12.86
N LYS C 206 -34.57 -4.25 11.76
CA LYS C 206 -35.33 -4.11 10.54
C LYS C 206 -36.40 -5.18 10.55
N GLU C 207 -37.31 -5.12 9.57
CA GLU C 207 -38.36 -6.13 9.45
C GLU C 207 -38.78 -6.66 10.81
N GLY C 208 -38.72 -7.99 10.96
CA GLY C 208 -39.11 -8.63 12.22
C GLY C 208 -37.99 -8.89 13.23
N VAL C 209 -37.10 -7.91 13.44
CA VAL C 209 -35.96 -8.12 14.35
C VAL C 209 -36.05 -7.31 15.63
N GLU C 210 -36.05 -8.00 16.77
CA GLU C 210 -36.19 -7.34 18.07
C GLU C 210 -34.88 -6.64 18.47
N ASP C 211 -34.97 -5.42 18.97
CA ASP C 211 -33.75 -4.77 19.42
C ASP C 211 -33.70 -4.50 20.93
N GLY C 212 -34.80 -4.79 21.62
CA GLY C 212 -34.88 -4.72 23.08
C GLY C 212 -35.80 -5.79 23.62
N VAL C 213 -35.40 -6.46 24.70
CA VAL C 213 -36.24 -7.48 25.29
C VAL C 213 -36.21 -7.22 26.80
N MET C 214 -37.33 -7.49 27.48
CA MET C 214 -37.32 -7.59 28.95
C MET C 214 -38.07 -8.86 29.30
N GLY C 215 -37.62 -9.54 30.32
CA GLY C 215 -38.35 -10.72 30.77
C GLY C 215 -37.87 -11.16 32.14
N VAL C 216 -38.28 -12.36 32.55
CA VAL C 216 -38.07 -12.88 33.89
C VAL C 216 -37.73 -14.35 33.73
N LEU C 217 -36.75 -14.85 34.49
CA LEU C 217 -36.46 -16.27 34.52
C LEU C 217 -36.79 -16.83 35.91
N ARG C 218 -37.50 -17.98 35.99
CA ARG C 218 -37.58 -18.72 37.25
C ARG C 218 -36.52 -19.79 37.40
N PHE C 219 -35.70 -19.67 38.43
CA PHE C 219 -34.64 -20.61 38.61
C PHE C 219 -35.15 -21.80 39.38
N GLN C 220 -34.40 -22.89 39.28
CA GLN C 220 -34.83 -24.14 39.90
C GLN C 220 -34.98 -24.00 41.42
N SER C 221 -34.14 -23.16 42.03
CA SER C 221 -34.21 -22.92 43.46
C SER C 221 -35.38 -22.01 43.80
N GLY C 222 -36.01 -21.47 42.76
CA GLY C 222 -37.15 -20.55 42.94
C GLY C 222 -36.89 -19.06 43.00
N VAL C 223 -35.64 -18.64 42.82
CA VAL C 223 -35.39 -17.23 42.56
C VAL C 223 -35.91 -16.82 41.20
N ILE C 224 -36.47 -15.61 41.16
CA ILE C 224 -36.84 -15.02 39.91
C ILE C 224 -35.81 -13.93 39.54
N ALA C 225 -35.30 -14.00 38.31
CA ALA C 225 -34.29 -13.06 37.86
C ALA C 225 -34.87 -12.28 36.70
N GLN C 226 -34.90 -10.95 36.77
CA GLN C 226 -35.30 -10.13 35.59
C GLN C 226 -34.09 -9.60 34.81
N PHE C 227 -34.27 -9.48 33.49
CA PHE C 227 -33.19 -9.02 32.62
C PHE C 227 -33.74 -7.97 31.65
N HIS C 228 -32.93 -6.94 31.38
CA HIS C 228 -33.23 -5.94 30.32
C HIS C 228 -32.05 -5.88 29.37
N ASP C 229 -32.27 -6.38 28.15
CA ASP C 229 -31.27 -6.40 27.11
C ASP C 229 -31.73 -5.56 25.91
N ALA C 230 -30.86 -4.67 25.41
CA ALA C 230 -31.22 -3.75 24.31
C ALA C 230 -30.00 -3.23 23.49
N PHE C 231 -30.27 -2.75 22.27
CA PHE C 231 -29.28 -2.24 21.35
C PHE C 231 -29.48 -0.76 21.22
N THR C 232 -30.54 -0.26 21.82
CA THR C 232 -31.07 1.07 21.46
C THR C 232 -30.94 2.13 22.54
N THR C 233 -30.28 1.81 23.66
CA THR C 233 -30.21 2.77 24.76
C THR C 233 -28.80 3.23 25.14
N LYS C 234 -28.49 4.51 24.94
CA LYS C 234 -27.15 5.00 25.14
C LYS C 234 -26.84 5.28 26.60
N PHE C 235 -27.88 5.59 27.40
CA PHE C 235 -27.63 6.23 28.67
C PHE C 235 -27.95 5.39 29.88
N ALA C 236 -27.86 4.08 29.71
CA ALA C 236 -28.22 3.16 30.78
C ALA C 236 -26.98 2.34 31.11
N GLU C 237 -26.39 2.57 32.27
CA GLU C 237 -25.31 1.77 32.74
C GLU C 237 -25.73 0.30 32.93
N THR C 238 -24.86 -0.63 32.58
CA THR C 238 -25.13 -2.02 32.86
C THR C 238 -24.91 -2.30 34.35
N GLY C 239 -25.44 -3.42 34.82
CA GLY C 239 -25.46 -3.75 36.24
C GLY C 239 -25.96 -5.16 36.33
N PHE C 240 -25.78 -5.76 37.49
CA PHE C 240 -26.13 -7.14 37.81
C PHE C 240 -26.25 -7.17 39.35
N GLU C 241 -27.41 -7.60 39.88
CA GLU C 241 -27.71 -7.46 41.34
C GLU C 241 -28.29 -8.76 41.81
N VAL C 242 -27.89 -9.23 43.00
CA VAL C 242 -28.61 -10.37 43.67
C VAL C 242 -29.09 -10.02 45.07
N HIS C 243 -30.41 -10.14 45.29
CA HIS C 243 -30.99 -9.85 46.60
C HIS C 243 -31.38 -11.10 47.40
N GLY C 244 -30.90 -11.15 48.63
CA GLY C 244 -31.13 -12.31 49.47
C GLY C 244 -31.61 -11.91 50.86
N THR C 245 -31.63 -12.91 51.75
CA THR C 245 -32.30 -12.76 53.05
C THR C 245 -31.46 -11.92 54.00
N GLU C 246 -30.16 -11.89 53.76
CA GLU C 246 -29.23 -11.28 54.71
C GLU C 246 -28.40 -10.14 54.10
N GLY C 247 -28.55 -9.93 52.79
CA GLY C 247 -27.64 -9.01 52.08
C GLY C 247 -28.09 -8.89 50.64
N SER C 248 -27.56 -7.88 49.95
CA SER C 248 -27.68 -7.71 48.51
C SER C 248 -26.32 -7.44 47.88
N LEU C 249 -26.07 -8.04 46.72
CA LEU C 249 -24.84 -7.76 45.97
C LEU C 249 -25.18 -6.92 44.76
N ILE C 250 -24.52 -5.77 44.64
CA ILE C 250 -24.82 -4.77 43.58
C ILE C 250 -23.56 -4.59 42.72
N GLY C 251 -23.62 -5.09 41.50
CA GLY C 251 -22.54 -4.89 40.52
C GLY C 251 -22.96 -3.79 39.56
N ARG C 252 -22.06 -2.84 39.40
CA ARG C 252 -22.29 -1.60 38.67
C ARG C 252 -21.26 -1.57 37.55
N ASN C 253 -21.74 -1.52 36.30
CA ASN C 253 -20.85 -1.40 35.19
C ASN C 253 -20.10 -2.69 34.96
N VAL C 254 -20.78 -3.82 35.11
CA VAL C 254 -20.12 -5.10 35.10
C VAL C 254 -20.47 -5.93 33.87
N MET C 255 -21.29 -5.40 32.98
CA MET C 255 -21.70 -6.25 31.85
C MET C 255 -20.98 -5.93 30.54
N THR C 256 -19.93 -5.09 30.59
CA THR C 256 -19.20 -4.70 29.37
C THR C 256 -18.04 -5.66 29.08
N GLN C 257 -17.44 -5.58 27.88
CA GLN C 257 -16.35 -6.48 27.50
C GLN C 257 -15.04 -6.15 28.24
N LYS C 258 -14.97 -4.99 28.89
CA LYS C 258 -13.72 -4.61 29.58
C LYS C 258 -13.69 -5.02 31.02
N PRO C 259 -12.47 -5.12 31.59
CA PRO C 259 -12.33 -5.54 32.96
C PRO C 259 -12.58 -4.36 33.92
N VAL C 260 -13.75 -3.73 33.77
CA VAL C 260 -14.22 -2.64 34.64
C VAL C 260 -15.47 -3.09 35.42
N GLY C 261 -15.91 -2.27 36.35
CA GLY C 261 -17.09 -2.57 37.13
C GLY C 261 -16.73 -2.74 38.59
N THR C 262 -17.71 -2.50 39.47
CA THR C 262 -17.49 -2.66 40.91
C THR C 262 -18.58 -3.53 41.51
N VAL C 263 -18.27 -4.06 42.69
CA VAL C 263 -19.24 -4.83 43.44
C VAL C 263 -19.30 -4.34 44.89
N THR C 264 -20.50 -4.27 45.41
CA THR C 264 -20.77 -3.70 46.73
C THR C 264 -21.73 -4.71 47.42
N LEU C 265 -21.50 -4.98 48.71
CA LEU C 265 -22.40 -5.79 49.56
C LEU C 265 -23.21 -4.91 50.50
N ARG C 266 -24.52 -4.94 50.38
CA ARG C 266 -25.39 -4.18 51.29
C ARG C 266 -25.97 -5.18 52.25
N ASN C 267 -25.73 -5.00 53.54
CA ASN C 267 -26.39 -5.80 54.57
C ASN C 267 -26.69 -4.97 55.79
N ALA C 268 -26.98 -5.63 56.91
CA ALA C 268 -27.44 -4.90 58.09
C ALA C 268 -26.37 -3.93 58.60
N GLU C 269 -25.10 -4.14 58.26
CA GLU C 269 -24.06 -3.20 58.76
C GLU C 269 -23.69 -2.00 57.87
N GLY C 270 -24.28 -1.96 56.67
CA GLY C 270 -24.03 -0.86 55.75
C GLY C 270 -23.81 -1.38 54.35
N GLU C 271 -23.04 -0.63 53.57
CA GLU C 271 -22.74 -1.00 52.19
C GLU C 271 -21.25 -0.88 51.97
N SER C 272 -20.58 -1.99 51.63
CA SER C 272 -19.16 -1.93 51.35
C SER C 272 -18.77 -2.63 50.08
N GLN C 273 -17.72 -2.12 49.44
CA GLN C 273 -17.13 -2.65 48.22
C GLN C 273 -16.43 -3.97 48.48
N LEU C 274 -16.65 -4.94 47.61
CA LEU C 274 -15.76 -6.08 47.60
C LEU C 274 -14.53 -5.78 46.71
N PRO C 275 -13.32 -5.91 47.30
CA PRO C 275 -12.04 -5.67 46.61
C PRO C 275 -11.87 -6.71 45.52
N LEU C 276 -11.46 -6.27 44.32
CA LEU C 276 -11.34 -7.17 43.16
C LEU C 276 -9.90 -7.17 42.57
N ASP C 277 -9.48 -8.31 42.03
CA ASP C 277 -8.28 -8.40 41.17
C ASP C 277 -8.68 -8.55 39.68
N PRO C 278 -9.04 -7.43 39.04
CA PRO C 278 -9.60 -7.44 37.67
C PRO C 278 -8.55 -7.82 36.62
N ALA C 279 -8.98 -8.49 35.57
CA ALA C 279 -8.06 -8.92 34.55
C ALA C 279 -8.87 -9.06 33.28
N ASN C 280 -8.20 -8.75 32.16
CA ASN C 280 -8.80 -8.88 30.85
C ASN C 280 -9.63 -10.16 30.82
N LEU C 281 -10.92 -10.03 30.52
CA LEU C 281 -11.81 -11.16 30.62
C LEU C 281 -11.40 -12.23 29.64
N TYR C 282 -10.92 -11.80 28.48
CA TYR C 282 -10.52 -12.76 27.48
C TYR C 282 -9.19 -13.47 27.74
N GLU C 283 -8.24 -12.81 28.36
CA GLU C 283 -7.05 -13.53 28.86
C GLU C 283 -7.43 -14.63 29.83
N THR C 284 -8.19 -14.30 30.85
CA THR C 284 -8.74 -15.34 31.72
C THR C 284 -9.35 -16.56 31.05
N ALA C 285 -10.23 -16.34 30.08
CA ALA C 285 -10.86 -17.44 29.33
C ALA C 285 -9.86 -18.25 28.46
N LEU C 286 -8.89 -17.56 27.85
CA LEU C 286 -7.87 -18.23 27.06
C LEU C 286 -6.85 -18.95 27.93
N ALA C 287 -6.50 -18.39 29.10
CA ALA C 287 -5.64 -19.12 30.02
C ALA C 287 -6.31 -20.43 30.39
N ALA C 288 -7.59 -20.36 30.69
CA ALA C 288 -8.39 -21.53 31.05
C ALA C 288 -8.52 -22.52 29.91
N PHE C 289 -8.80 -22.04 28.70
CA PHE C 289 -8.92 -22.93 27.55
C PHE C 289 -7.62 -23.64 27.25
N HIS C 290 -6.52 -22.90 27.31
CA HIS C 290 -5.18 -23.49 27.23
C HIS C 290 -4.91 -24.58 28.26
N SER C 291 -5.38 -24.41 29.49
CA SER C 291 -5.11 -25.42 30.51
C SER C 291 -5.83 -26.70 30.18
N ALA C 292 -7.05 -26.58 29.66
CA ALA C 292 -7.87 -27.74 29.33
C ALA C 292 -7.34 -28.51 28.12
N ILE C 293 -6.86 -27.78 27.10
CA ILE C 293 -6.13 -28.43 26.02
C ILE C 293 -4.94 -29.20 26.57
N GLU C 294 -4.36 -28.70 27.66
CA GLU C 294 -3.17 -29.31 28.27
C GLU C 294 -3.49 -30.34 29.34
N GLY C 295 -4.75 -30.74 29.45
CA GLY C 295 -5.16 -31.83 30.35
C GLY C 295 -5.71 -31.46 31.73
N HIS C 296 -5.71 -30.17 32.06
CA HIS C 296 -6.08 -29.72 33.42
C HIS C 296 -7.31 -28.81 33.49
N GLY C 297 -8.48 -29.41 33.72
CA GLY C 297 -9.69 -28.66 34.02
C GLY C 297 -10.59 -28.51 32.80
N GLN C 298 -11.35 -27.43 32.77
CA GLN C 298 -12.22 -27.11 31.64
C GLN C 298 -12.10 -25.65 31.22
N PRO C 299 -12.65 -25.33 30.02
CA PRO C 299 -12.91 -23.96 29.59
C PRO C 299 -13.81 -23.32 30.63
N SER C 300 -13.84 -21.99 30.69
CA SER C 300 -14.63 -21.26 31.69
C SER C 300 -16.07 -21.57 31.41
N ALA C 301 -16.42 -21.48 30.13
CA ALA C 301 -17.75 -21.86 29.69
C ALA C 301 -17.66 -23.01 28.68
N THR C 302 -18.33 -24.13 29.05
CA THR C 302 -18.17 -25.38 28.36
C THR C 302 -19.10 -25.33 27.18
N GLY C 303 -19.03 -26.34 26.32
CA GLY C 303 -20.01 -26.45 25.25
C GLY C 303 -21.39 -26.57 25.85
N GLU C 304 -21.48 -27.16 27.03
CA GLU C 304 -22.77 -27.43 27.67
C GLU C 304 -23.34 -26.13 28.25
N ASP C 305 -22.49 -25.33 28.90
CA ASP C 305 -22.84 -23.94 29.28
C ASP C 305 -23.49 -23.20 28.11
N GLY C 306 -22.92 -23.37 26.92
CA GLY C 306 -23.51 -22.85 25.69
C GLY C 306 -24.81 -23.46 25.24
N VAL C 307 -25.00 -24.73 25.58
CA VAL C 307 -26.27 -25.40 25.29
C VAL C 307 -27.34 -24.80 26.20
N TRP C 308 -26.95 -24.50 27.43
CA TRP C 308 -27.82 -23.89 28.43
C TRP C 308 -28.18 -22.46 28.08
N SER C 309 -27.19 -21.62 27.78
CA SER C 309 -27.44 -20.23 27.45
C SER C 309 -28.31 -20.16 26.20
N LEU C 310 -27.94 -20.89 25.15
CA LEU C 310 -28.79 -21.00 23.95
C LEU C 310 -30.25 -21.44 24.23
N ALA C 311 -30.41 -22.43 25.09
CA ALA C 311 -31.77 -22.81 25.45
C ALA C 311 -32.47 -21.69 26.21
N THR C 312 -31.77 -20.95 27.06
CA THR C 312 -32.47 -19.85 27.69
C THR C 312 -32.95 -18.87 26.61
N GLY C 313 -32.07 -18.47 25.69
CA GLY C 313 -32.43 -17.46 24.71
C GLY C 313 -33.59 -17.90 23.85
N LEU C 314 -33.58 -19.16 23.42
CA LEU C 314 -34.61 -19.69 22.53
C LEU C 314 -35.92 -19.84 23.29
N ALA C 315 -35.84 -20.03 24.61
CA ALA C 315 -37.01 -19.87 25.49
C ALA C 315 -37.57 -18.44 25.51
N VAL C 316 -36.70 -17.45 25.61
CA VAL C 316 -37.13 -16.05 25.62
C VAL C 316 -37.73 -15.68 24.28
N VAL C 317 -37.16 -16.18 23.19
CA VAL C 317 -37.70 -15.91 21.86
C VAL C 317 -39.12 -16.45 21.81
N LYS C 318 -39.28 -17.70 22.21
CA LYS C 318 -40.55 -18.39 22.19
C LYS C 318 -41.54 -17.63 23.04
N ALA C 319 -41.20 -17.33 24.29
CA ALA C 319 -42.16 -16.62 25.17
C ALA C 319 -42.50 -15.26 24.64
N ALA C 320 -41.52 -14.59 24.04
CA ALA C 320 -41.74 -13.22 23.56
C ALA C 320 -42.69 -13.27 22.37
N ALA C 321 -42.50 -14.30 21.53
CA ALA C 321 -43.31 -14.50 20.34
C ALA C 321 -44.72 -14.95 20.69
N THR C 322 -44.83 -15.94 21.57
CA THR C 322 -46.11 -16.59 21.80
C THR C 322 -46.97 -15.87 22.84
N GLY C 323 -46.34 -15.14 23.74
CA GLY C 323 -47.06 -14.57 24.86
C GLY C 323 -47.19 -15.60 25.95
N GLN C 324 -46.70 -16.80 25.70
CA GLN C 324 -46.83 -17.89 26.68
C GLN C 324 -45.48 -18.31 27.27
N ALA C 325 -45.44 -18.47 28.60
CA ALA C 325 -44.22 -18.86 29.28
C ALA C 325 -43.63 -20.11 28.65
N ALA C 326 -42.32 -20.21 28.69
CA ALA C 326 -41.59 -21.24 27.93
C ALA C 326 -40.57 -21.93 28.83
N GLU C 327 -40.76 -23.24 29.02
CA GLU C 327 -39.86 -24.06 29.82
C GLU C 327 -38.45 -24.06 29.23
N ILE C 328 -37.45 -24.01 30.08
CA ILE C 328 -36.11 -24.07 29.58
C ILE C 328 -35.65 -25.51 29.51
N GLU C 329 -35.38 -25.93 28.28
CA GLU C 329 -35.42 -27.31 27.83
C GLU C 329 -34.05 -27.69 27.25
N THR C 330 -33.18 -28.26 28.08
CA THR C 330 -31.79 -28.37 27.68
C THR C 330 -31.49 -29.60 26.82
N GLY C 331 -32.20 -30.70 27.07
CA GLY C 331 -31.81 -31.98 26.50
C GLY C 331 -30.38 -32.32 26.89
N LEU C 332 -30.07 -32.23 28.20
CA LEU C 332 -28.70 -32.44 28.69
C LEU C 332 -28.60 -33.50 29.80
N ASN D 1 28.57 -16.22 -61.79
CA ASN D 1 27.45 -16.63 -62.70
C ASN D 1 27.46 -18.11 -63.08
N ARG D 2 28.53 -18.81 -62.71
CA ARG D 2 28.79 -20.17 -63.21
C ARG D 2 28.95 -21.22 -62.09
N TRP D 3 28.12 -22.26 -62.15
CA TRP D 3 27.92 -23.20 -61.05
C TRP D 3 28.32 -24.65 -61.37
N GLY D 4 29.03 -25.30 -60.46
CA GLY D 4 29.08 -26.77 -60.43
C GLY D 4 28.16 -27.35 -59.35
N LEU D 5 27.36 -28.35 -59.70
CA LEU D 5 26.49 -28.92 -58.68
C LEU D 5 27.03 -30.26 -58.11
N ILE D 6 27.08 -30.37 -56.79
CA ILE D 6 27.32 -31.67 -56.14
C ILE D 6 26.02 -32.31 -55.67
N GLY D 7 25.57 -33.31 -56.43
CA GLY D 7 24.44 -34.17 -56.05
C GLY D 7 23.42 -34.28 -57.17
N ALA D 8 23.17 -35.49 -57.65
CA ALA D 8 22.14 -35.72 -58.66
C ALA D 8 20.82 -35.81 -57.96
N SER D 9 20.33 -34.65 -57.52
CA SER D 9 19.27 -34.59 -56.50
C SER D 9 17.91 -34.29 -57.10
N THR D 10 16.87 -34.74 -56.40
CA THR D 10 15.52 -34.28 -56.71
C THR D 10 15.44 -32.77 -56.60
N ILE D 11 15.97 -32.21 -55.53
CA ILE D 11 15.85 -30.78 -55.31
C ILE D 11 16.42 -29.95 -56.46
N ALA D 12 17.65 -30.26 -56.86
CA ALA D 12 18.33 -29.49 -57.90
C ALA D 12 17.68 -29.68 -59.27
N ARG D 13 17.15 -30.87 -59.50
CA ARG D 13 16.40 -31.15 -60.70
C ARG D 13 15.08 -30.37 -60.71
N GLU D 14 14.29 -30.49 -59.64
CA GLU D 14 12.94 -29.90 -59.57
C GLU D 14 12.92 -28.38 -59.38
N TRP D 15 13.94 -27.83 -58.73
CA TRP D 15 13.94 -26.40 -58.40
C TRP D 15 15.21 -25.61 -58.74
N VAL D 16 16.38 -26.04 -58.26
CA VAL D 16 17.52 -25.11 -58.14
C VAL D 16 18.33 -24.90 -59.43
N ILE D 17 18.24 -25.89 -60.33
CA ILE D 17 18.88 -25.81 -61.64
C ILE D 17 18.23 -24.69 -62.49
N GLY D 18 16.92 -24.79 -62.70
CA GLY D 18 16.19 -23.83 -63.51
C GLY D 18 16.23 -22.45 -62.89
N ALA D 19 16.42 -22.41 -61.58
CA ALA D 19 16.37 -21.17 -60.83
C ALA D 19 17.72 -20.45 -60.90
N ILE D 20 18.80 -21.20 -61.10
CA ILE D 20 20.09 -20.58 -61.35
C ILE D 20 20.11 -20.01 -62.77
N ARG D 21 19.48 -20.70 -63.72
CA ARG D 21 19.48 -20.26 -65.13
C ARG D 21 18.45 -19.16 -65.42
N ALA D 22 17.26 -19.30 -64.82
CA ALA D 22 16.26 -18.22 -64.81
C ALA D 22 16.75 -16.90 -64.17
N THR D 23 17.84 -16.96 -63.42
CA THR D 23 18.40 -15.74 -62.81
C THR D 23 19.77 -15.38 -63.37
N GLY D 24 20.00 -15.70 -64.64
CA GLY D 24 21.26 -15.36 -65.31
C GLY D 24 22.50 -16.07 -64.75
N GLY D 25 22.32 -17.33 -64.35
CA GLY D 25 23.42 -18.14 -63.86
C GLY D 25 23.63 -19.29 -64.81
N GLU D 26 24.62 -20.14 -64.51
CA GLU D 26 24.84 -21.32 -65.33
C GLU D 26 25.44 -22.47 -64.54
N VAL D 27 24.84 -23.64 -64.73
CA VAL D 27 25.40 -24.91 -64.30
C VAL D 27 26.30 -25.52 -65.40
N VAL D 28 27.61 -25.37 -65.22
CA VAL D 28 28.56 -25.88 -66.17
C VAL D 28 28.91 -27.38 -65.91
N SER D 29 28.95 -27.77 -64.64
CA SER D 29 29.41 -29.10 -64.30
C SER D 29 28.60 -29.68 -63.15
N MET D 30 28.75 -30.99 -62.91
CA MET D 30 28.08 -31.70 -61.82
C MET D 30 28.84 -32.96 -61.41
N MET D 31 28.89 -33.27 -60.12
CA MET D 31 29.34 -34.61 -59.69
C MET D 31 28.24 -35.50 -59.12
N SER D 32 28.24 -36.77 -59.54
CA SER D 32 27.46 -37.82 -58.89
C SER D 32 28.38 -38.97 -58.49
N THR D 33 27.86 -39.88 -57.67
CA THR D 33 28.66 -41.02 -57.18
C THR D 33 28.56 -42.17 -58.17
N SER D 34 27.63 -42.06 -59.11
CA SER D 34 27.45 -43.08 -60.13
C SER D 34 27.59 -42.47 -61.52
N ALA D 35 28.62 -42.91 -62.27
CA ALA D 35 28.85 -42.37 -63.62
C ALA D 35 27.63 -42.62 -64.51
N GLU D 36 27.05 -43.79 -64.35
CA GLU D 36 25.86 -44.12 -65.08
C GLU D 36 24.77 -43.07 -64.84
N ARG D 37 24.38 -42.88 -63.56
CA ARG D 37 23.30 -41.94 -63.20
C ARG D 37 23.71 -40.51 -63.50
N GLY D 38 24.99 -40.21 -63.26
CA GLY D 38 25.49 -38.86 -63.43
C GLY D 38 25.37 -38.36 -64.86
N ALA D 39 25.64 -39.26 -65.82
CA ALA D 39 25.59 -38.89 -67.24
C ALA D 39 24.16 -38.67 -67.70
N ALA D 40 23.29 -39.61 -67.35
CA ALA D 40 21.88 -39.56 -67.69
C ALA D 40 21.22 -38.32 -67.09
N TYR D 41 21.51 -38.05 -65.82
CA TYR D 41 21.04 -36.83 -65.18
C TYR D 41 21.59 -35.55 -65.82
N ALA D 42 22.89 -35.51 -66.08
CA ALA D 42 23.52 -34.38 -66.83
C ALA D 42 22.86 -34.08 -68.18
N THR D 43 22.55 -35.16 -68.90
CA THR D 43 21.86 -35.07 -70.19
C THR D 43 20.44 -34.58 -69.95
N GLU D 44 19.62 -35.45 -69.37
CA GLU D 44 18.29 -35.14 -68.84
C GLU D 44 18.03 -33.66 -68.48
N ASN D 45 19.08 -32.95 -68.08
CA ASN D 45 18.99 -31.58 -67.56
C ASN D 45 19.94 -30.61 -68.25
N GLY D 46 20.41 -30.98 -69.44
CA GLY D 46 21.17 -30.05 -70.26
C GLY D 46 22.43 -29.50 -69.60
N ILE D 47 23.06 -30.31 -68.75
CA ILE D 47 24.40 -29.95 -68.21
C ILE D 47 25.56 -30.48 -69.05
N GLY D 48 26.67 -29.73 -69.03
CA GLY D 48 27.82 -29.98 -69.91
C GLY D 48 28.62 -31.20 -69.50
N LYS D 49 29.27 -31.10 -68.34
CA LYS D 49 30.11 -32.20 -67.85
C LYS D 49 29.34 -32.96 -66.80
N SER D 50 29.89 -34.11 -66.43
CA SER D 50 29.50 -34.83 -65.23
C SER D 50 30.71 -35.64 -64.79
N VAL D 51 31.14 -35.43 -63.56
CA VAL D 51 32.31 -36.12 -63.02
C VAL D 51 31.88 -37.03 -61.86
N THR D 52 32.75 -37.96 -61.46
CA THR D 52 32.44 -38.84 -60.35
C THR D 52 33.34 -38.53 -59.14
N SER D 53 34.10 -37.43 -59.20
CA SER D 53 34.96 -37.00 -58.07
C SER D 53 34.63 -35.57 -57.64
N VAL D 54 34.54 -35.32 -56.34
CA VAL D 54 34.31 -33.96 -55.82
C VAL D 54 35.43 -32.98 -56.23
N GLU D 55 36.68 -33.43 -56.16
CA GLU D 55 37.81 -32.56 -56.48
C GLU D 55 37.80 -32.10 -57.94
N GLU D 56 37.18 -32.90 -58.81
CA GLU D 56 37.15 -32.66 -60.25
C GLU D 56 36.10 -31.59 -60.54
N LEU D 57 35.07 -31.53 -59.69
CA LEU D 57 34.04 -30.51 -59.80
C LEU D 57 34.47 -29.22 -59.14
N VAL D 58 34.70 -29.32 -57.84
CA VAL D 58 35.26 -28.26 -57.00
C VAL D 58 36.47 -27.57 -57.64
N GLY D 59 37.20 -28.31 -58.46
CA GLY D 59 38.53 -27.88 -58.90
C GLY D 59 38.53 -27.31 -60.31
N ASP D 60 37.40 -27.48 -60.99
CA ASP D 60 37.20 -27.10 -62.39
C ASP D 60 37.16 -25.56 -62.54
N PRO D 61 38.15 -24.99 -63.25
CA PRO D 61 38.36 -23.54 -63.17
C PRO D 61 37.20 -22.70 -63.75
N ASP D 62 36.20 -23.38 -64.31
CA ASP D 62 35.02 -22.73 -64.89
C ASP D 62 33.86 -22.76 -63.90
N VAL D 63 34.14 -23.30 -62.72
CA VAL D 63 33.16 -23.35 -61.65
C VAL D 63 33.40 -22.17 -60.70
N ASP D 64 32.40 -21.31 -60.58
CA ASP D 64 32.51 -20.13 -59.73
C ASP D 64 31.97 -20.43 -58.32
N ALA D 65 30.84 -21.13 -58.29
CA ALA D 65 30.16 -21.46 -57.04
C ALA D 65 29.58 -22.87 -57.07
N VAL D 66 29.50 -23.49 -55.90
CA VAL D 66 29.08 -24.88 -55.81
C VAL D 66 27.73 -25.00 -55.07
N TYR D 67 26.78 -25.75 -55.63
CA TYR D 67 25.55 -26.08 -54.90
C TYR D 67 25.55 -27.54 -54.41
N VAL D 68 25.47 -27.72 -53.08
CA VAL D 68 25.48 -29.04 -52.45
C VAL D 68 24.09 -29.56 -52.10
N SER D 69 23.64 -30.61 -52.78
CA SER D 69 22.30 -31.12 -52.54
C SER D 69 22.31 -32.60 -52.20
N THR D 70 23.45 -33.04 -51.66
CA THR D 70 23.64 -34.45 -51.31
C THR D 70 22.96 -34.74 -49.98
N THR D 71 22.91 -36.00 -49.57
CA THR D 71 22.35 -36.32 -48.26
C THR D 71 23.20 -35.74 -47.15
N ASN D 72 22.65 -35.73 -45.93
CA ASN D 72 23.11 -34.79 -44.92
C ASN D 72 24.49 -35.12 -44.35
N GLU D 73 24.82 -36.41 -44.30
CA GLU D 73 26.13 -36.84 -43.78
C GLU D 73 27.30 -36.32 -44.63
N LEU D 74 26.98 -35.72 -45.78
CA LEU D 74 27.95 -35.43 -46.84
C LEU D 74 28.17 -33.92 -46.95
N HIS D 75 27.16 -33.15 -46.55
CA HIS D 75 27.22 -31.68 -46.68
C HIS D 75 28.53 -31.02 -46.22
N ARG D 76 29.00 -31.45 -45.06
CA ARG D 76 30.16 -30.85 -44.47
C ARG D 76 31.44 -30.97 -45.32
N GLU D 77 31.92 -32.19 -45.52
CA GLU D 77 33.20 -32.42 -46.20
C GLU D 77 33.23 -31.82 -47.59
N GLN D 78 32.11 -31.98 -48.32
CA GLN D 78 31.97 -31.38 -49.64
C GLN D 78 32.04 -29.85 -49.63
N THR D 79 31.24 -29.21 -48.76
CA THR D 79 31.25 -27.76 -48.67
C THR D 79 32.67 -27.28 -48.39
N LEU D 80 33.33 -27.97 -47.47
CA LEU D 80 34.67 -27.62 -47.06
C LEU D 80 35.69 -27.71 -48.21
N ALA D 81 35.65 -28.78 -48.97
CA ALA D 81 36.57 -28.99 -50.09
C ALA D 81 36.33 -27.97 -51.20
N ALA D 82 35.11 -27.47 -51.29
CA ALA D 82 34.77 -26.50 -52.31
C ALA D 82 35.21 -25.13 -51.84
N ILE D 83 35.13 -24.91 -50.53
CA ILE D 83 35.67 -23.68 -49.97
C ILE D 83 37.16 -23.74 -50.18
N ARG D 84 37.74 -24.91 -49.97
CA ARG D 84 39.18 -25.07 -49.96
C ARG D 84 39.77 -24.83 -51.36
N ALA D 85 38.95 -25.09 -52.37
CA ALA D 85 39.31 -24.85 -53.77
C ALA D 85 39.02 -23.41 -54.16
N GLY D 86 38.61 -22.62 -53.17
CA GLY D 86 38.39 -21.19 -53.37
C GLY D 86 37.04 -20.83 -53.95
N LYS D 87 36.07 -21.74 -53.80
CA LYS D 87 34.74 -21.59 -54.44
C LYS D 87 33.59 -21.20 -53.47
N HIS D 88 32.64 -20.41 -53.95
CA HIS D 88 31.41 -20.11 -53.19
C HIS D 88 30.53 -21.36 -53.06
N VAL D 89 29.81 -21.48 -51.94
CA VAL D 89 28.91 -22.59 -51.72
C VAL D 89 27.52 -22.14 -51.25
N LEU D 90 26.48 -22.56 -51.96
CA LEU D 90 25.14 -22.62 -51.42
C LEU D 90 24.97 -24.05 -50.95
N CYS D 91 24.82 -24.23 -49.64
CA CYS D 91 24.68 -25.57 -49.10
C CYS D 91 23.24 -25.85 -48.68
N GLU D 92 22.77 -27.07 -48.92
CA GLU D 92 21.41 -27.38 -48.58
C GLU D 92 21.27 -27.44 -47.07
N LYS D 93 20.01 -27.37 -46.61
CA LYS D 93 19.64 -27.62 -45.22
C LYS D 93 19.52 -29.14 -44.98
N PRO D 94 19.80 -29.60 -43.73
CA PRO D 94 20.50 -28.94 -42.64
C PRO D 94 21.93 -28.69 -43.02
N LEU D 95 22.54 -27.65 -42.48
CA LEU D 95 23.91 -27.34 -42.83
C LEU D 95 24.82 -28.53 -42.61
N ALA D 96 24.52 -29.33 -41.59
CA ALA D 96 25.39 -30.44 -41.22
C ALA D 96 24.64 -31.30 -40.23
N MET D 97 25.35 -32.23 -39.59
CA MET D 97 24.77 -33.11 -38.58
C MET D 97 25.11 -32.66 -37.15
N THR D 98 26.21 -31.92 -37.00
CA THR D 98 26.63 -31.41 -35.71
C THR D 98 26.97 -29.93 -35.87
N LEU D 99 27.01 -29.22 -34.74
CA LEU D 99 27.27 -27.78 -34.77
C LEU D 99 28.78 -27.47 -34.88
N GLU D 100 29.58 -28.34 -34.28
CA GLU D 100 31.03 -28.37 -34.51
C GLU D 100 31.31 -28.42 -36.03
N ASP D 101 30.55 -29.24 -36.75
CA ASP D 101 30.64 -29.22 -38.21
C ASP D 101 30.06 -27.97 -38.84
N ALA D 102 28.85 -27.59 -38.46
CA ALA D 102 28.26 -26.36 -38.99
C ALA D 102 29.09 -25.09 -38.73
N ARG D 103 29.60 -24.90 -37.51
CA ARG D 103 30.51 -23.78 -37.21
C ARG D 103 31.81 -23.78 -38.04
N GLU D 104 32.37 -24.96 -38.27
CA GLU D 104 33.59 -25.08 -39.08
C GLU D 104 33.39 -24.61 -40.51
N MET D 105 32.31 -25.03 -41.14
CA MET D 105 32.00 -24.57 -42.50
C MET D 105 31.95 -23.06 -42.53
N VAL D 106 31.22 -22.49 -41.57
CA VAL D 106 31.09 -21.04 -41.47
C VAL D 106 32.42 -20.28 -41.36
N VAL D 107 33.32 -20.75 -40.51
CA VAL D 107 34.64 -20.11 -40.37
C VAL D 107 35.54 -20.25 -41.61
N ALA D 108 35.71 -21.48 -42.10
CA ALA D 108 36.46 -21.72 -43.32
C ALA D 108 36.02 -20.73 -44.40
N ALA D 109 34.74 -20.77 -44.76
CA ALA D 109 34.20 -19.89 -45.81
C ALA D 109 34.40 -18.41 -45.51
N ARG D 110 34.73 -18.07 -44.27
CA ARG D 110 35.11 -16.71 -43.92
C ARG D 110 36.59 -16.53 -44.11
N GLU D 111 37.36 -17.44 -43.54
CA GLU D 111 38.82 -17.40 -43.60
C GLU D 111 39.34 -17.07 -45.00
N ALA D 112 38.77 -17.71 -46.01
CA ALA D 112 39.22 -17.53 -47.37
C ALA D 112 38.24 -16.67 -48.19
N GLY D 113 37.16 -16.22 -47.57
CA GLY D 113 36.41 -15.09 -48.10
C GLY D 113 35.54 -15.40 -49.31
N VAL D 114 35.00 -16.61 -49.37
CA VAL D 114 33.89 -16.90 -50.27
C VAL D 114 32.60 -16.79 -49.48
N VAL D 115 31.47 -17.09 -50.09
CA VAL D 115 30.19 -16.94 -49.43
C VAL D 115 29.43 -18.24 -49.23
N LEU D 116 29.19 -18.56 -47.97
CA LEU D 116 28.40 -19.72 -47.59
C LEU D 116 26.96 -19.30 -47.30
N GLY D 117 26.01 -19.96 -47.95
CA GLY D 117 24.60 -19.75 -47.68
C GLY D 117 23.96 -21.09 -47.35
N THR D 118 22.78 -21.04 -46.76
CA THR D 118 22.02 -22.23 -46.46
C THR D 118 20.73 -22.09 -47.24
N ASN D 119 20.28 -23.16 -47.87
CA ASN D 119 19.10 -23.04 -48.72
C ASN D 119 17.80 -23.23 -47.96
N HIS D 120 17.57 -22.35 -46.98
CA HIS D 120 16.25 -22.18 -46.39
C HIS D 120 15.47 -21.29 -47.34
N HIS D 121 14.48 -21.91 -47.99
CA HIS D 121 13.75 -21.28 -49.11
C HIS D 121 12.60 -20.37 -48.60
N LEU D 122 12.03 -20.68 -47.44
CA LEU D 122 10.73 -20.16 -47.05
C LEU D 122 10.76 -18.67 -46.67
N ARG D 123 11.89 -18.23 -46.10
CA ARG D 123 12.21 -16.80 -45.95
C ARG D 123 11.96 -15.98 -47.18
N ASN D 124 12.23 -16.56 -48.34
CA ASN D 124 12.08 -15.82 -49.60
C ASN D 124 10.62 -15.72 -50.01
N ALA D 125 9.79 -16.61 -49.49
CA ALA D 125 8.38 -16.72 -49.90
C ALA D 125 7.66 -15.39 -49.73
N ALA D 126 6.61 -15.19 -50.54
CA ALA D 126 5.85 -13.95 -50.52
C ALA D 126 5.28 -13.76 -49.11
N ALA D 127 4.77 -14.86 -48.57
CA ALA D 127 3.95 -14.85 -47.38
C ALA D 127 4.71 -14.53 -46.09
N HIS D 128 6.00 -14.83 -46.04
CA HIS D 128 6.80 -14.62 -44.83
C HIS D 128 7.51 -13.27 -44.91
N ARG D 129 7.64 -12.75 -46.12
CA ARG D 129 8.01 -11.35 -46.29
C ARG D 129 6.87 -10.47 -45.76
N ALA D 130 5.69 -10.65 -46.32
CA ALA D 130 4.47 -10.02 -45.80
C ALA D 130 4.30 -10.12 -44.28
N MET D 131 4.61 -11.27 -43.70
CA MET D 131 4.34 -11.46 -42.29
C MET D 131 5.42 -10.86 -41.41
N ARG D 132 6.68 -11.02 -41.81
CA ARG D 132 7.77 -10.31 -41.16
C ARG D 132 7.45 -8.83 -41.10
N ASP D 133 6.76 -8.37 -42.15
CA ASP D 133 6.69 -6.96 -42.48
C ASP D 133 5.50 -6.36 -41.76
N ALA D 134 4.40 -7.10 -41.79
CA ALA D 134 3.30 -6.88 -40.85
C ALA D 134 3.76 -6.81 -39.38
N ILE D 135 4.49 -7.82 -38.88
CA ILE D 135 4.99 -7.78 -37.51
C ILE D 135 5.80 -6.50 -37.27
N ALA D 136 6.72 -6.20 -38.18
CA ALA D 136 7.72 -5.14 -37.98
C ALA D 136 7.08 -3.76 -38.00
N GLU D 137 5.94 -3.66 -38.68
CA GLU D 137 5.23 -2.40 -38.85
C GLU D 137 4.21 -2.12 -37.75
N GLY D 138 4.21 -2.93 -36.70
CA GLY D 138 3.29 -2.79 -35.58
C GLY D 138 1.90 -3.34 -35.83
N ARG D 139 1.69 -3.98 -36.97
CA ARG D 139 0.35 -4.29 -37.46
C ARG D 139 -0.35 -5.45 -36.72
N ILE D 140 0.29 -5.94 -35.67
CA ILE D 140 -0.15 -7.15 -34.94
C ILE D 140 -0.02 -6.83 -33.43
N GLY D 141 0.48 -5.63 -33.15
CA GLY D 141 0.74 -5.24 -31.78
C GLY D 141 2.09 -5.78 -31.40
N ARG D 142 2.16 -6.37 -30.21
CA ARG D 142 3.36 -7.05 -29.75
C ARG D 142 3.12 -8.56 -29.83
N PRO D 143 4.03 -9.31 -30.49
CA PRO D 143 3.79 -10.73 -30.78
C PRO D 143 3.78 -11.54 -29.50
N ILE D 144 2.85 -12.50 -29.41
CA ILE D 144 2.70 -13.27 -28.20
C ILE D 144 3.04 -14.74 -28.41
N ALA D 145 2.52 -15.31 -29.49
CA ALA D 145 2.56 -16.74 -29.74
C ALA D 145 2.69 -16.99 -31.26
N ALA D 146 3.18 -18.18 -31.61
CA ALA D 146 3.19 -18.57 -33.01
C ALA D 146 2.86 -20.05 -33.18
N ARG D 147 2.22 -20.38 -34.29
CA ARG D 147 1.91 -21.75 -34.60
C ARG D 147 2.50 -22.08 -35.98
N VAL D 148 3.13 -23.23 -36.12
CA VAL D 148 3.60 -23.66 -37.44
C VAL D 148 3.11 -25.05 -37.75
N PHE D 149 2.51 -25.19 -38.93
CA PHE D 149 1.99 -26.49 -39.34
C PHE D 149 2.65 -26.98 -40.64
N HIS D 150 3.12 -28.23 -40.60
CA HIS D 150 4.06 -28.74 -41.59
C HIS D 150 4.00 -30.25 -41.43
N ALA D 151 2.81 -30.73 -41.07
CA ALA D 151 2.46 -32.13 -41.21
C ALA D 151 1.98 -32.43 -42.63
N VAL D 152 2.86 -32.99 -43.45
CA VAL D 152 2.56 -33.25 -44.86
C VAL D 152 2.69 -34.73 -45.16
N TYR D 153 2.48 -35.07 -46.43
CA TYR D 153 2.77 -36.42 -46.93
C TYR D 153 4.10 -36.53 -47.69
N LEU D 154 4.91 -37.49 -47.23
CA LEU D 154 6.13 -37.84 -47.91
C LEU D 154 5.80 -38.77 -49.08
N PRO D 155 5.64 -38.20 -50.30
CA PRO D 155 5.16 -39.00 -51.43
C PRO D 155 6.19 -40.10 -51.78
N PRO D 156 5.72 -41.32 -52.11
CA PRO D 156 6.64 -42.44 -52.38
C PRO D 156 8.00 -42.08 -53.00
N HIS D 157 8.00 -41.32 -54.09
CA HIS D 157 9.25 -41.07 -54.83
C HIS D 157 10.33 -40.45 -53.96
N LEU D 158 10.00 -40.25 -52.67
CA LEU D 158 10.86 -39.52 -51.73
C LEU D 158 11.00 -40.29 -50.40
N GLN D 159 10.48 -41.50 -50.38
CA GLN D 159 10.44 -42.32 -49.18
C GLN D 159 11.72 -43.14 -48.97
N GLY D 160 12.87 -42.53 -49.23
CA GLY D 160 14.12 -43.25 -49.16
C GLY D 160 14.81 -43.00 -47.83
N TRP D 161 15.85 -42.18 -47.87
CA TRP D 161 16.75 -42.00 -46.72
C TRP D 161 16.08 -41.25 -45.57
N ARG D 162 15.07 -40.43 -45.89
CA ARG D 162 14.36 -39.61 -44.89
C ARG D 162 13.86 -40.47 -43.77
N LEU D 163 13.48 -41.69 -44.11
CA LEU D 163 12.86 -42.66 -43.21
C LEU D 163 13.86 -43.65 -42.58
N GLU D 164 15.16 -43.36 -42.69
CA GLU D 164 16.17 -44.26 -42.16
C GLU D 164 17.43 -43.54 -41.76
N ARG D 165 18.24 -44.20 -40.94
CA ARG D 165 19.65 -43.85 -40.72
C ARG D 165 19.81 -42.50 -40.02
N PRO D 166 19.26 -42.40 -38.79
CA PRO D 166 19.23 -41.17 -37.99
C PRO D 166 20.59 -40.47 -37.84
N GLU D 167 21.66 -41.24 -37.67
CA GLU D 167 23.02 -40.66 -37.60
C GLU D 167 23.59 -40.24 -38.98
N ALA D 168 22.84 -40.53 -40.04
CA ALA D 168 23.22 -40.11 -41.37
C ALA D 168 22.35 -38.97 -41.89
N GLY D 169 21.43 -38.52 -41.04
CA GLY D 169 20.67 -37.29 -41.27
C GLY D 169 19.20 -37.53 -41.57
N GLY D 170 18.73 -38.75 -41.34
CA GLY D 170 17.33 -39.06 -41.59
C GLY D 170 16.47 -38.49 -40.49
N GLY D 171 15.15 -38.44 -40.70
CA GLY D 171 14.22 -37.99 -39.66
C GLY D 171 13.50 -36.71 -40.05
N VAL D 172 12.28 -36.51 -39.52
CA VAL D 172 11.56 -35.25 -39.82
C VAL D 172 12.16 -34.05 -39.09
N ILE D 173 12.83 -34.29 -37.96
CA ILE D 173 13.35 -33.15 -37.23
C ILE D 173 14.43 -32.43 -38.02
N LEU D 174 15.38 -33.17 -38.58
CA LEU D 174 16.39 -32.54 -39.43
C LEU D 174 15.87 -32.13 -40.83
N ASP D 175 14.90 -32.86 -41.39
CA ASP D 175 14.32 -32.53 -42.71
C ASP D 175 13.41 -31.29 -42.74
N ILE D 176 12.44 -31.22 -41.81
CA ILE D 176 11.38 -30.18 -41.81
C ILE D 176 11.56 -29.15 -40.69
N THR D 177 11.70 -29.64 -39.45
CA THR D 177 11.85 -28.76 -38.28
C THR D 177 12.83 -27.61 -38.45
N VAL D 178 13.82 -27.79 -39.30
CA VAL D 178 14.88 -26.81 -39.41
C VAL D 178 14.40 -25.65 -40.27
N HIS D 179 13.37 -25.90 -41.08
CA HIS D 179 12.78 -24.84 -41.91
C HIS D 179 11.86 -23.98 -41.05
N ASP D 180 10.97 -24.64 -40.31
CA ASP D 180 10.23 -24.01 -39.20
C ASP D 180 11.06 -23.09 -38.31
N ALA D 181 12.22 -23.57 -37.86
CA ALA D 181 13.13 -22.73 -37.07
C ALA D 181 13.56 -21.45 -37.76
N ASP D 182 14.12 -21.58 -38.96
CA ASP D 182 14.56 -20.43 -39.72
C ASP D 182 13.43 -19.44 -40.04
N THR D 183 12.30 -19.96 -40.51
CA THR D 183 11.15 -19.12 -40.84
C THR D 183 10.68 -18.32 -39.60
N LEU D 184 10.53 -19.01 -38.45
CA LEU D 184 10.25 -18.33 -37.17
C LEU D 184 11.24 -17.22 -36.81
N ARG D 185 12.53 -17.52 -36.86
CA ARG D 185 13.52 -16.48 -36.66
C ARG D 185 13.35 -15.35 -37.65
N PHE D 186 12.81 -15.67 -38.83
CA PHE D 186 12.67 -14.67 -39.88
C PHE D 186 11.44 -13.78 -39.67
N VAL D 187 10.25 -14.38 -39.62
CA VAL D 187 9.02 -13.64 -39.47
C VAL D 187 8.98 -12.81 -38.17
N LEU D 188 9.39 -13.41 -37.05
CA LEU D 188 9.43 -12.72 -35.75
C LEU D 188 10.69 -11.90 -35.58
N ASN D 189 11.63 -12.01 -36.52
CA ASN D 189 12.93 -11.40 -36.36
C ASN D 189 13.44 -11.51 -34.92
N ASP D 190 13.58 -12.75 -34.45
CA ASP D 190 13.93 -13.06 -33.04
C ASP D 190 14.56 -14.46 -32.93
N ASP D 191 15.48 -14.65 -31.99
CA ASP D 191 16.15 -15.95 -31.78
C ASP D 191 15.48 -16.87 -30.74
N PRO D 192 15.62 -18.20 -30.93
CA PRO D 192 15.02 -19.11 -29.97
C PRO D 192 16.02 -19.39 -28.85
N ALA D 193 15.51 -19.78 -27.68
CA ALA D 193 16.34 -19.94 -26.48
C ALA D 193 16.31 -21.37 -25.95
N GLU D 194 15.22 -22.08 -26.18
CA GLU D 194 15.12 -23.48 -25.69
C GLU D 194 13.88 -24.22 -26.20
N ALA D 195 13.86 -25.53 -26.05
CA ALA D 195 12.88 -26.33 -26.74
C ALA D 195 12.34 -27.47 -25.91
N VAL D 196 11.08 -27.81 -26.14
CA VAL D 196 10.52 -29.06 -25.64
C VAL D 196 9.80 -29.75 -26.78
N ALA D 197 9.73 -31.07 -26.73
CA ALA D 197 9.27 -31.79 -27.91
C ALA D 197 8.83 -33.20 -27.57
N ILE D 198 7.81 -33.65 -28.26
CA ILE D 198 7.47 -35.06 -28.32
C ILE D 198 7.43 -35.44 -29.80
N SER D 199 7.99 -36.61 -30.10
CA SER D 199 8.08 -37.08 -31.47
C SER D 199 7.65 -38.53 -31.58
N HIS D 200 7.19 -38.93 -32.74
CA HIS D 200 6.79 -40.31 -32.85
C HIS D 200 7.14 -40.94 -34.19
N SER D 201 6.77 -42.21 -34.31
CA SER D 201 7.14 -43.04 -35.43
C SER D 201 5.90 -43.81 -35.82
N ALA D 202 5.10 -43.23 -36.71
CA ALA D 202 3.73 -43.66 -36.92
C ALA D 202 3.51 -44.41 -38.24
N GLY D 203 4.42 -45.33 -38.57
CA GLY D 203 4.20 -46.29 -39.65
C GLY D 203 5.13 -46.13 -40.85
N MET D 204 5.70 -44.94 -40.99
CA MET D 204 6.52 -44.59 -42.14
C MET D 204 8.04 -44.72 -41.84
N GLY D 205 8.48 -44.15 -40.72
CA GLY D 205 9.89 -44.23 -40.33
C GLY D 205 10.29 -45.61 -39.85
N LYS D 206 11.37 -46.12 -40.44
CA LYS D 206 11.99 -47.42 -40.08
C LYS D 206 12.76 -47.37 -38.77
N GLU D 207 12.60 -48.41 -37.95
CA GLU D 207 13.29 -48.46 -36.67
C GLU D 207 13.14 -47.17 -35.86
N GLY D 208 14.23 -46.71 -35.27
CA GLY D 208 14.17 -45.52 -34.41
C GLY D 208 14.20 -44.20 -35.18
N VAL D 209 13.36 -44.08 -36.22
CA VAL D 209 13.29 -42.83 -37.00
C VAL D 209 11.94 -42.14 -36.86
N GLU D 210 11.99 -40.90 -36.38
CA GLU D 210 10.80 -40.10 -36.12
C GLU D 210 10.24 -39.64 -37.47
N ASP D 211 8.94 -39.84 -37.69
CA ASP D 211 8.29 -39.26 -38.86
C ASP D 211 7.22 -38.23 -38.53
N GLY D 212 7.02 -37.98 -37.25
CA GLY D 212 6.25 -36.82 -36.82
C GLY D 212 6.73 -36.30 -35.49
N VAL D 213 6.66 -34.98 -35.35
CA VAL D 213 7.20 -34.27 -34.20
C VAL D 213 6.34 -33.03 -33.86
N MET D 214 6.03 -32.89 -32.58
CA MET D 214 5.38 -31.67 -32.07
C MET D 214 6.21 -31.14 -30.92
N GLY D 215 6.40 -29.83 -30.89
CA GLY D 215 7.05 -29.19 -29.78
C GLY D 215 6.72 -27.72 -29.66
N VAL D 216 7.44 -27.05 -28.76
CA VAL D 216 7.31 -25.61 -28.54
C VAL D 216 8.71 -25.06 -28.36
N LEU D 217 8.96 -23.88 -28.90
CA LEU D 217 10.18 -23.11 -28.65
C LEU D 217 9.82 -21.86 -27.84
N ARG D 218 10.55 -21.63 -26.75
CA ARG D 218 10.56 -20.32 -26.07
C ARG D 218 11.63 -19.43 -26.70
N PHE D 219 11.21 -18.29 -27.25
CA PHE D 219 12.14 -17.34 -27.83
C PHE D 219 12.66 -16.35 -26.79
N GLN D 220 13.60 -15.52 -27.23
CA GLN D 220 14.31 -14.62 -26.34
C GLN D 220 13.33 -13.57 -25.87
N SER D 221 12.38 -13.22 -26.74
CA SER D 221 11.35 -12.23 -26.48
C SER D 221 10.27 -12.74 -25.53
N GLY D 222 10.33 -14.01 -25.15
CA GLY D 222 9.32 -14.59 -24.29
C GLY D 222 8.13 -15.13 -25.07
N VAL D 223 8.07 -14.81 -26.36
CA VAL D 223 7.05 -15.45 -27.22
C VAL D 223 7.22 -16.97 -27.27
N ILE D 224 6.12 -17.69 -27.36
CA ILE D 224 6.16 -19.14 -27.45
C ILE D 224 5.59 -19.66 -28.81
N ALA D 225 6.41 -20.44 -29.53
CA ALA D 225 6.07 -20.92 -30.88
C ALA D 225 5.86 -22.43 -30.88
N GLN D 226 4.69 -22.91 -31.27
CA GLN D 226 4.47 -24.34 -31.43
C GLN D 226 4.64 -24.78 -32.89
N PHE D 227 5.09 -26.01 -33.09
CA PHE D 227 5.35 -26.52 -34.44
C PHE D 227 4.92 -27.98 -34.51
N HIS D 228 4.26 -28.34 -35.61
CA HIS D 228 3.99 -29.72 -35.97
C HIS D 228 4.62 -30.02 -37.32
N ASP D 229 5.50 -31.02 -37.33
CA ASP D 229 6.13 -31.53 -38.54
C ASP D 229 5.88 -33.05 -38.68
N ALA D 230 5.53 -33.51 -39.87
CA ALA D 230 5.26 -34.92 -40.03
C ALA D 230 5.45 -35.40 -41.46
N PHE D 231 5.70 -36.70 -41.61
CA PHE D 231 5.81 -37.29 -42.93
C PHE D 231 4.51 -38.04 -43.35
N THR D 232 3.57 -38.14 -42.41
CA THR D 232 2.56 -39.18 -42.43
C THR D 232 1.13 -38.68 -42.73
N THR D 233 0.98 -37.36 -42.93
CA THR D 233 -0.37 -36.76 -42.92
C THR D 233 -0.82 -36.16 -44.27
N LYS D 234 -1.72 -36.86 -44.94
CA LYS D 234 -2.08 -36.51 -46.31
C LYS D 234 -2.90 -35.22 -46.39
N PHE D 235 -3.87 -35.08 -45.49
CA PHE D 235 -4.92 -34.07 -45.62
C PHE D 235 -4.84 -33.01 -44.55
N ALA D 236 -3.64 -32.83 -44.02
CA ALA D 236 -3.28 -31.61 -43.31
C ALA D 236 -2.93 -30.56 -44.34
N GLU D 237 -3.50 -29.37 -44.20
CA GLU D 237 -2.99 -28.24 -44.94
C GLU D 237 -1.80 -27.77 -44.14
N THR D 238 -0.94 -26.94 -44.72
CA THR D 238 0.13 -26.34 -43.93
C THR D 238 -0.26 -24.93 -43.60
N GLY D 239 0.53 -24.32 -42.72
CA GLY D 239 0.45 -22.90 -42.47
C GLY D 239 1.24 -22.46 -41.26
N PHE D 240 0.94 -21.26 -40.81
CA PHE D 240 1.86 -20.46 -40.05
C PHE D 240 1.06 -19.24 -39.54
N GLU D 241 1.12 -18.98 -38.24
CA GLU D 241 0.29 -17.95 -37.62
C GLU D 241 1.11 -17.33 -36.52
N VAL D 242 1.20 -15.99 -36.54
CA VAL D 242 1.58 -15.18 -35.37
C VAL D 242 0.37 -14.42 -34.77
N HIS D 243 0.15 -14.63 -33.48
CA HIS D 243 -0.87 -13.93 -32.72
C HIS D 243 -0.30 -12.90 -31.71
N GLY D 244 -0.63 -11.64 -31.96
CA GLY D 244 -0.16 -10.53 -31.16
C GLY D 244 -1.25 -9.88 -30.33
N THR D 245 -0.88 -8.78 -29.69
CA THR D 245 -1.77 -8.06 -28.80
C THR D 245 -2.87 -7.29 -29.55
N GLU D 246 -2.57 -6.86 -30.78
CA GLU D 246 -3.47 -6.00 -31.56
C GLU D 246 -3.92 -6.58 -32.90
N GLY D 247 -3.71 -7.88 -33.10
CA GLY D 247 -4.08 -8.57 -34.34
C GLY D 247 -3.42 -9.93 -34.50
N SER D 248 -3.82 -10.69 -35.51
CA SER D 248 -3.30 -12.03 -35.78
C SER D 248 -2.98 -12.17 -37.27
N LEU D 249 -1.79 -12.61 -37.61
CA LEU D 249 -1.54 -13.02 -38.99
C LEU D 249 -1.69 -14.54 -39.17
N ILE D 250 -2.51 -14.95 -40.14
CA ILE D 250 -2.79 -16.38 -40.39
C ILE D 250 -2.39 -16.80 -41.81
N GLY D 251 -1.20 -17.39 -41.97
CA GLY D 251 -0.77 -18.04 -43.21
C GLY D 251 -1.43 -19.40 -43.43
N ARG D 252 -2.06 -19.57 -44.60
CA ARG D 252 -2.64 -20.86 -44.98
C ARG D 252 -2.00 -21.42 -46.27
N ASN D 253 -1.61 -22.70 -46.23
CA ASN D 253 -1.01 -23.37 -47.39
C ASN D 253 0.29 -22.67 -47.81
N VAL D 254 1.20 -22.50 -46.84
CA VAL D 254 2.30 -21.52 -46.96
C VAL D 254 3.68 -22.10 -46.64
N MET D 255 3.68 -23.36 -46.20
CA MET D 255 4.92 -24.06 -45.85
C MET D 255 5.46 -24.97 -46.98
N THR D 256 4.86 -24.86 -48.16
CA THR D 256 5.26 -25.63 -49.33
C THR D 256 6.38 -24.92 -50.12
N GLN D 257 6.85 -25.61 -51.17
CA GLN D 257 7.99 -25.15 -51.98
C GLN D 257 7.56 -24.21 -53.10
N LYS D 258 6.35 -24.41 -53.61
CA LYS D 258 5.72 -23.53 -54.59
C LYS D 258 5.29 -22.23 -53.93
N PRO D 259 5.28 -21.13 -54.69
CA PRO D 259 4.87 -19.86 -54.08
C PRO D 259 3.35 -19.64 -54.12
N VAL D 260 2.58 -20.64 -53.67
CA VAL D 260 1.14 -20.49 -53.39
C VAL D 260 0.83 -20.25 -51.89
N GLY D 261 -0.40 -19.84 -51.59
CA GLY D 261 -0.85 -19.63 -50.20
C GLY D 261 -1.26 -18.22 -49.79
N THR D 262 -2.09 -18.13 -48.74
CA THR D 262 -2.72 -16.86 -48.32
C THR D 262 -2.36 -16.40 -46.91
N VAL D 263 -2.28 -15.08 -46.73
CA VAL D 263 -2.04 -14.45 -45.43
C VAL D 263 -3.16 -13.46 -45.09
N THR D 264 -3.81 -13.68 -43.94
CA THR D 264 -4.91 -12.82 -43.47
C THR D 264 -4.50 -12.02 -42.23
N LEU D 265 -4.75 -10.71 -42.24
CA LEU D 265 -4.81 -9.93 -41.00
C LEU D 265 -6.21 -10.00 -40.35
N ARG D 266 -6.24 -10.43 -39.09
CA ARG D 266 -7.40 -10.29 -38.23
C ARG D 266 -7.09 -9.25 -37.17
N ASN D 267 -7.74 -8.09 -37.24
CA ASN D 267 -7.75 -7.13 -36.12
C ASN D 267 -9.15 -6.63 -35.76
N ALA D 268 -9.22 -5.48 -35.07
CA ALA D 268 -10.52 -4.86 -34.79
C ALA D 268 -11.29 -4.43 -36.06
N GLU D 269 -10.58 -3.91 -37.06
CA GLU D 269 -11.15 -3.73 -38.41
C GLU D 269 -12.03 -4.90 -38.88
N GLY D 270 -11.50 -6.12 -38.84
CA GLY D 270 -12.16 -7.31 -39.43
C GLY D 270 -11.16 -8.35 -39.94
N GLU D 271 -11.28 -8.73 -41.21
CA GLU D 271 -10.28 -9.59 -41.89
C GLU D 271 -9.86 -9.01 -43.25
N SER D 272 -8.55 -8.97 -43.51
CA SER D 272 -8.04 -8.48 -44.78
C SER D 272 -6.85 -9.32 -45.26
N GLN D 273 -6.98 -10.01 -46.39
CA GLN D 273 -5.83 -10.64 -47.06
C GLN D 273 -4.77 -9.59 -47.49
N LEU D 274 -3.50 -9.77 -47.10
CA LEU D 274 -2.46 -8.80 -47.47
C LEU D 274 -1.99 -8.98 -48.93
N PRO D 275 -1.17 -8.03 -49.44
CA PRO D 275 -0.75 -8.01 -50.84
C PRO D 275 0.41 -8.98 -51.07
N LEU D 276 0.17 -10.01 -51.89
CA LEU D 276 1.21 -11.01 -52.19
C LEU D 276 1.63 -10.98 -53.65
N ASP D 277 2.88 -10.58 -53.87
CA ASP D 277 3.52 -10.60 -55.21
C ASP D 277 4.36 -11.88 -55.38
N PRO D 278 3.68 -12.99 -55.75
CA PRO D 278 4.17 -14.37 -55.57
C PRO D 278 5.18 -14.88 -56.61
N ALA D 279 6.46 -14.60 -56.34
CA ALA D 279 7.58 -15.11 -57.14
C ALA D 279 8.00 -16.55 -56.77
N ASN D 280 8.88 -17.14 -57.60
CA ASN D 280 9.50 -18.43 -57.30
C ASN D 280 10.47 -18.28 -56.14
N LEU D 281 10.36 -19.17 -55.16
CA LEU D 281 11.06 -19.04 -53.86
C LEU D 281 12.58 -19.08 -54.02
N TYR D 282 13.06 -20.04 -54.83
CA TYR D 282 14.49 -20.25 -55.04
C TYR D 282 15.08 -19.28 -56.06
N GLU D 283 14.28 -18.91 -57.05
CA GLU D 283 14.66 -17.80 -57.93
C GLU D 283 15.10 -16.58 -57.13
N THR D 284 14.27 -16.19 -56.16
CA THR D 284 14.63 -15.14 -55.23
C THR D 284 15.93 -15.51 -54.47
N ALA D 285 15.99 -16.76 -54.01
CA ALA D 285 17.15 -17.29 -53.27
C ALA D 285 18.44 -17.15 -54.06
N LEU D 286 18.40 -17.63 -55.30
CA LEU D 286 19.59 -17.64 -56.15
C LEU D 286 19.88 -16.25 -56.72
N ALA D 287 18.82 -15.54 -57.10
CA ALA D 287 18.88 -14.09 -57.26
C ALA D 287 19.75 -13.44 -56.18
N ALA D 288 19.39 -13.68 -54.91
CA ALA D 288 20.14 -13.12 -53.77
C ALA D 288 21.55 -13.68 -53.63
N PHE D 289 21.76 -14.92 -54.03
CA PHE D 289 23.12 -15.50 -54.01
C PHE D 289 24.04 -14.87 -55.07
N HIS D 290 23.51 -14.69 -56.27
CA HIS D 290 24.28 -14.03 -57.33
C HIS D 290 24.79 -12.65 -56.87
N SER D 291 23.91 -11.87 -56.23
CA SER D 291 24.30 -10.58 -55.65
C SER D 291 25.40 -10.75 -54.62
N ALA D 292 25.11 -11.60 -53.64
CA ALA D 292 26.07 -11.95 -52.60
C ALA D 292 27.49 -11.94 -53.13
N ILE D 293 27.73 -12.74 -54.17
CA ILE D 293 29.07 -12.94 -54.73
C ILE D 293 29.64 -11.65 -55.34
N GLU D 294 28.77 -10.88 -55.99
CA GLU D 294 29.19 -9.64 -56.65
C GLU D 294 29.82 -8.63 -55.67
N GLY D 295 29.37 -8.66 -54.40
CA GLY D 295 29.85 -7.74 -53.37
C GLY D 295 28.67 -7.00 -52.74
N HIS D 296 27.47 -7.37 -53.20
CA HIS D 296 26.25 -6.61 -52.95
C HIS D 296 25.29 -7.34 -52.00
N GLY D 297 25.78 -7.67 -50.81
CA GLY D 297 24.91 -8.04 -49.72
C GLY D 297 25.22 -9.40 -49.11
N GLN D 298 24.26 -10.31 -49.21
CA GLN D 298 24.26 -11.51 -48.39
C GLN D 298 23.26 -12.51 -48.96
N PRO D 299 23.46 -13.81 -48.69
CA PRO D 299 22.43 -14.71 -49.15
C PRO D 299 21.17 -14.63 -48.26
N SER D 300 20.01 -14.86 -48.88
CA SER D 300 18.74 -14.95 -48.16
C SER D 300 18.89 -15.56 -46.78
N ALA D 301 19.61 -16.69 -46.73
CA ALA D 301 19.95 -17.34 -45.47
C ALA D 301 21.45 -17.60 -45.44
N THR D 302 22.11 -17.09 -44.40
CA THR D 302 23.55 -17.18 -44.25
C THR D 302 23.97 -18.54 -43.70
N GLY D 303 25.28 -18.75 -43.57
CA GLY D 303 25.79 -19.95 -42.95
C GLY D 303 25.37 -20.00 -41.49
N GLU D 304 25.17 -18.84 -40.90
CA GLU D 304 24.80 -18.75 -39.49
C GLU D 304 23.32 -19.03 -39.32
N ASP D 305 22.52 -18.57 -40.25
CA ASP D 305 21.16 -19.02 -40.25
C ASP D 305 21.15 -20.53 -40.14
N GLY D 306 22.03 -21.19 -40.88
CA GLY D 306 22.09 -22.66 -40.90
C GLY D 306 22.60 -23.26 -39.60
N VAL D 307 23.48 -22.53 -38.93
CA VAL D 307 23.92 -22.93 -37.60
C VAL D 307 22.82 -22.72 -36.52
N TRP D 308 21.93 -21.75 -36.74
CA TRP D 308 20.77 -21.53 -35.86
C TRP D 308 19.63 -22.54 -36.05
N SER D 309 19.26 -22.82 -37.30
CA SER D 309 18.28 -23.87 -37.57
C SER D 309 18.76 -25.27 -37.16
N LEU D 310 20.03 -25.58 -37.44
CA LEU D 310 20.64 -26.80 -36.95
C LEU D 310 20.51 -26.88 -35.45
N ALA D 311 21.00 -25.84 -34.77
CA ALA D 311 20.98 -25.75 -33.31
C ALA D 311 19.57 -25.96 -32.79
N THR D 312 18.63 -25.22 -33.38
CA THR D 312 17.23 -25.41 -33.03
C THR D 312 16.84 -26.85 -33.23
N GLY D 313 17.08 -27.37 -34.43
CA GLY D 313 16.65 -28.75 -34.76
C GLY D 313 17.33 -29.81 -33.91
N LEU D 314 18.59 -29.60 -33.58
CA LEU D 314 19.26 -30.53 -32.69
C LEU D 314 18.66 -30.45 -31.31
N ALA D 315 18.30 -29.23 -30.87
CA ALA D 315 17.73 -29.10 -29.52
C ALA D 315 16.42 -29.85 -29.40
N VAL D 316 15.60 -29.74 -30.44
CA VAL D 316 14.35 -30.48 -30.51
C VAL D 316 14.53 -31.99 -30.43
N VAL D 317 15.59 -32.49 -31.08
CA VAL D 317 15.88 -33.92 -31.16
C VAL D 317 16.22 -34.44 -29.77
N LYS D 318 17.04 -33.67 -29.07
CA LYS D 318 17.43 -33.95 -27.69
C LYS D 318 16.27 -33.82 -26.69
N ALA D 319 15.56 -32.70 -26.73
CA ALA D 319 14.36 -32.57 -25.90
C ALA D 319 13.34 -33.67 -26.21
N ALA D 320 13.24 -34.07 -27.47
CA ALA D 320 12.30 -35.16 -27.80
C ALA D 320 12.73 -36.49 -27.16
N ALA D 321 14.04 -36.74 -27.16
CA ALA D 321 14.55 -38.03 -26.71
C ALA D 321 14.74 -38.11 -25.19
N THR D 322 15.03 -36.99 -24.55
CA THR D 322 15.23 -36.97 -23.09
C THR D 322 13.92 -36.73 -22.36
N GLY D 323 13.01 -36.01 -23.01
CA GLY D 323 11.90 -35.36 -22.31
C GLY D 323 12.28 -34.15 -21.47
N GLN D 324 13.45 -33.59 -21.71
CA GLN D 324 13.98 -32.50 -20.90
C GLN D 324 14.19 -31.27 -21.78
N ALA D 325 13.53 -30.16 -21.50
CA ALA D 325 13.80 -28.95 -22.24
C ALA D 325 15.30 -28.85 -22.50
N ALA D 326 15.67 -28.43 -23.72
CA ALA D 326 17.06 -28.32 -24.10
C ALA D 326 17.36 -26.93 -24.64
N GLU D 327 18.41 -26.29 -24.14
CA GLU D 327 18.75 -24.94 -24.59
C GLU D 327 19.30 -24.87 -26.01
N ILE D 328 19.15 -23.72 -26.64
CA ILE D 328 19.65 -23.54 -27.98
C ILE D 328 20.90 -22.64 -27.93
N GLU D 329 22.08 -23.26 -27.85
CA GLU D 329 23.36 -22.54 -27.96
C GLU D 329 23.97 -22.77 -29.34
N THR D 330 23.97 -21.71 -30.14
CA THR D 330 24.62 -21.63 -31.45
C THR D 330 26.08 -22.02 -31.39
N GLY D 331 26.86 -21.23 -30.65
CA GLY D 331 28.28 -21.52 -30.40
C GLY D 331 29.18 -20.52 -31.07
N LEU D 332 28.61 -19.38 -31.46
CA LEU D 332 29.25 -18.42 -32.35
C LEU D 332 29.92 -17.26 -31.57
N ASN E 1 0.87 1.96 -16.58
CA ASN E 1 1.77 2.95 -15.95
C ASN E 1 2.28 4.06 -16.88
N ARG E 2 1.99 3.95 -18.18
CA ARG E 2 2.47 4.92 -19.19
C ARG E 2 1.38 5.88 -19.67
N TRP E 3 1.60 7.19 -19.54
CA TRP E 3 0.50 8.17 -19.73
C TRP E 3 0.78 9.03 -20.95
N GLY E 4 -0.27 9.29 -21.74
CA GLY E 4 -0.22 10.39 -22.69
C GLY E 4 -1.08 11.54 -22.21
N LEU E 5 -0.54 12.76 -22.30
CA LEU E 5 -1.26 13.98 -21.95
C LEU E 5 -1.92 14.57 -23.18
N ILE E 6 -3.17 15.02 -23.04
CA ILE E 6 -3.80 15.88 -24.04
C ILE E 6 -4.06 17.23 -23.38
N GLY E 7 -3.24 18.24 -23.67
CA GLY E 7 -3.34 19.52 -22.99
C GLY E 7 -2.07 19.96 -22.31
N ALA E 8 -1.49 21.04 -22.84
CA ALA E 8 -0.36 21.70 -22.21
C ALA E 8 -0.82 22.65 -21.10
N SER E 9 -1.30 22.09 -19.99
CA SER E 9 -2.12 22.82 -19.00
C SER E 9 -1.34 23.21 -17.75
N THR E 10 -1.86 24.21 -17.03
CA THR E 10 -1.43 24.47 -15.67
C THR E 10 -1.56 23.30 -14.72
N ILE E 11 -2.66 22.54 -14.75
CA ILE E 11 -2.89 21.45 -13.77
C ILE E 11 -2.01 20.21 -14.00
N ALA E 12 -1.77 19.83 -15.26
CA ALA E 12 -0.74 18.82 -15.56
C ALA E 12 0.67 19.31 -15.10
N ARG E 13 1.02 20.55 -15.43
CA ARG E 13 2.31 21.04 -14.99
C ARG E 13 2.43 21.05 -13.45
N GLU E 14 1.51 21.74 -12.76
CA GLU E 14 1.60 21.88 -11.30
C GLU E 14 1.42 20.59 -10.51
N TRP E 15 0.51 19.73 -10.93
CA TRP E 15 0.18 18.64 -10.04
C TRP E 15 0.30 17.26 -10.60
N VAL E 16 -0.24 17.07 -11.80
CA VAL E 16 -0.61 15.77 -12.24
C VAL E 16 0.50 14.98 -12.92
N ILE E 17 1.45 15.68 -13.55
CA ILE E 17 2.65 15.04 -14.06
C ILE E 17 3.52 14.48 -12.91
N GLY E 18 3.74 15.31 -11.87
CA GLY E 18 4.45 14.84 -10.67
C GLY E 18 3.77 13.64 -10.03
N ALA E 19 2.45 13.54 -10.20
CA ALA E 19 1.65 12.67 -9.37
C ALA E 19 1.64 11.34 -10.04
N ILE E 20 1.50 11.35 -11.37
CA ILE E 20 1.75 10.14 -12.16
C ILE E 20 3.11 9.50 -11.86
N ARG E 21 4.16 10.31 -11.83
CA ARG E 21 5.50 9.82 -11.62
C ARG E 21 5.76 9.35 -10.20
N ALA E 22 5.07 9.95 -9.23
CA ALA E 22 5.34 9.60 -7.83
C ALA E 22 4.52 8.37 -7.44
N THR E 23 3.68 7.89 -8.34
CA THR E 23 2.94 6.67 -8.06
C THR E 23 3.33 5.54 -8.99
N GLY E 24 4.55 5.59 -9.52
CA GLY E 24 5.09 4.52 -10.35
C GLY E 24 4.52 4.50 -11.76
N GLY E 25 4.34 5.70 -12.32
CA GLY E 25 3.90 5.84 -13.69
C GLY E 25 4.92 6.65 -14.45
N GLU E 26 4.73 6.78 -15.75
CA GLU E 26 5.51 7.71 -16.53
C GLU E 26 4.66 8.39 -17.60
N VAL E 27 5.02 9.63 -17.91
CA VAL E 27 4.38 10.40 -18.96
C VAL E 27 5.33 10.36 -20.14
N VAL E 28 4.89 9.80 -21.27
CA VAL E 28 5.81 9.38 -22.33
C VAL E 28 5.62 10.22 -23.60
N SER E 29 4.42 10.77 -23.75
CA SER E 29 4.12 11.74 -24.80
C SER E 29 3.18 12.81 -24.27
N MET E 30 3.00 13.86 -25.07
CA MET E 30 2.02 14.88 -24.77
C MET E 30 1.56 15.58 -26.04
N MET E 31 0.30 15.98 -26.08
CA MET E 31 -0.16 16.78 -27.23
C MET E 31 -0.63 18.20 -26.93
N SER E 32 -0.10 19.14 -27.72
CA SER E 32 -0.57 20.52 -27.73
C SER E 32 -1.06 20.93 -29.13
N THR E 33 -1.81 22.03 -29.25
CA THR E 33 -2.21 22.56 -30.56
C THR E 33 -1.12 23.46 -31.11
N SER E 34 -0.07 23.58 -30.34
CA SER E 34 1.01 24.44 -30.72
C SER E 34 2.32 23.67 -30.71
N ALA E 35 2.89 23.45 -31.89
CA ALA E 35 4.22 22.81 -31.99
C ALA E 35 5.24 23.48 -31.07
N GLU E 36 5.26 24.81 -31.08
CA GLU E 36 6.25 25.59 -30.33
C GLU E 36 6.07 25.49 -28.81
N ARG E 37 4.86 25.79 -28.35
CA ARG E 37 4.51 25.69 -26.93
C ARG E 37 4.70 24.25 -26.43
N GLY E 38 4.18 23.30 -27.19
CA GLY E 38 4.20 21.89 -26.84
C GLY E 38 5.61 21.34 -26.69
N ALA E 39 6.48 21.72 -27.63
CA ALA E 39 7.85 21.26 -27.59
C ALA E 39 8.60 21.86 -26.41
N ALA E 40 8.37 23.14 -26.14
CA ALA E 40 8.89 23.80 -24.93
C ALA E 40 8.36 23.26 -23.57
N TYR E 41 7.06 22.94 -23.51
CA TYR E 41 6.42 22.32 -22.34
C TYR E 41 6.97 20.93 -22.10
N ALA E 42 7.17 20.17 -23.17
CA ALA E 42 7.77 18.84 -23.03
C ALA E 42 9.17 18.93 -22.45
N THR E 43 9.98 19.84 -22.97
CA THR E 43 11.34 19.96 -22.46
C THR E 43 11.34 20.39 -21.00
N GLU E 44 10.56 21.43 -20.71
CA GLU E 44 10.46 22.01 -19.38
C GLU E 44 9.96 20.99 -18.35
N ASN E 45 9.10 20.05 -18.79
CA ASN E 45 8.49 19.08 -17.88
C ASN E 45 9.05 17.69 -18.02
N GLY E 46 10.17 17.58 -18.73
CA GLY E 46 10.85 16.32 -18.91
C GLY E 46 10.03 15.22 -19.53
N ILE E 47 9.33 15.53 -20.62
CA ILE E 47 8.54 14.52 -21.34
C ILE E 47 9.19 14.26 -22.71
N GLY E 48 9.30 12.99 -23.07
CA GLY E 48 10.11 12.58 -24.22
C GLY E 48 9.59 12.95 -25.60
N LYS E 49 8.27 13.02 -25.79
CA LYS E 49 7.72 13.31 -27.12
C LYS E 49 6.64 14.39 -27.01
N SER E 50 6.52 15.20 -28.06
CA SER E 50 5.39 16.10 -28.17
C SER E 50 4.85 16.02 -29.58
N VAL E 51 3.55 16.17 -29.70
CA VAL E 51 2.81 15.72 -30.86
C VAL E 51 1.73 16.76 -31.01
N THR E 52 1.39 17.15 -32.23
CA THR E 52 0.40 18.20 -32.44
C THR E 52 -0.90 17.63 -33.01
N SER E 53 -1.10 16.35 -32.83
CA SER E 53 -2.31 15.67 -33.27
C SER E 53 -2.88 14.76 -32.18
N VAL E 54 -4.16 14.90 -31.88
CA VAL E 54 -4.81 14.00 -30.92
C VAL E 54 -4.50 12.52 -31.18
N GLU E 55 -4.76 12.05 -32.40
CA GLU E 55 -4.55 10.65 -32.79
C GLU E 55 -3.11 10.15 -32.61
N GLU E 56 -2.13 10.93 -33.04
CA GLU E 56 -0.75 10.55 -32.80
C GLU E 56 -0.50 10.22 -31.33
N LEU E 57 -1.10 11.02 -30.44
CA LEU E 57 -0.93 10.81 -28.99
C LEU E 57 -1.60 9.52 -28.55
N VAL E 58 -2.85 9.41 -28.94
CA VAL E 58 -3.78 8.53 -28.31
C VAL E 58 -3.57 7.13 -28.89
N GLY E 59 -3.14 7.09 -30.16
CA GLY E 59 -2.84 5.85 -30.84
C GLY E 59 -1.36 5.49 -30.81
N ASP E 60 -0.61 6.06 -29.85
CA ASP E 60 0.78 5.69 -29.67
C ASP E 60 0.80 4.46 -28.78
N PRO E 61 1.47 3.40 -29.25
CA PRO E 61 1.38 2.08 -28.58
C PRO E 61 2.07 2.04 -27.24
N ASP E 62 2.98 2.98 -27.00
CA ASP E 62 3.61 3.18 -25.69
C ASP E 62 2.69 3.80 -24.62
N VAL E 63 1.60 4.41 -25.06
CA VAL E 63 0.62 5.07 -24.17
C VAL E 63 -0.43 4.06 -23.65
N ASP E 64 -0.54 3.91 -22.34
CA ASP E 64 -1.55 3.02 -21.78
C ASP E 64 -2.76 3.79 -21.32
N ALA E 65 -2.57 5.07 -20.99
CA ALA E 65 -3.67 5.92 -20.52
C ALA E 65 -3.51 7.36 -20.95
N VAL E 66 -4.63 8.07 -20.96
CA VAL E 66 -4.71 9.43 -21.47
C VAL E 66 -5.32 10.36 -20.40
N TYR E 67 -4.63 11.47 -20.12
CA TYR E 67 -5.12 12.52 -19.22
C TYR E 67 -5.48 13.78 -19.98
N VAL E 68 -6.78 14.08 -20.05
CA VAL E 68 -7.33 15.25 -20.78
C VAL E 68 -7.52 16.45 -19.86
N SER E 69 -6.67 17.48 -20.00
CA SER E 69 -6.84 18.73 -19.30
C SER E 69 -6.84 19.98 -20.19
N THR E 70 -7.38 19.86 -21.38
CA THR E 70 -7.61 20.99 -22.23
C THR E 70 -8.90 21.65 -21.75
N THR E 71 -9.21 22.82 -22.32
CA THR E 71 -10.43 23.50 -21.99
C THR E 71 -11.63 22.60 -22.27
N ASN E 72 -12.80 23.00 -21.78
CA ASN E 72 -13.93 22.11 -21.52
C ASN E 72 -14.72 21.66 -22.76
N GLU E 73 -14.67 22.47 -23.81
CA GLU E 73 -15.32 22.19 -25.10
C GLU E 73 -14.64 21.01 -25.80
N LEU E 74 -13.44 20.67 -25.33
CA LEU E 74 -12.59 19.69 -26.02
C LEU E 74 -12.60 18.35 -25.33
N HIS E 75 -13.18 18.31 -24.14
CA HIS E 75 -13.10 17.13 -23.29
C HIS E 75 -13.73 15.92 -23.92
N ARG E 76 -14.92 16.08 -24.46
CA ARG E 76 -15.68 14.94 -24.99
C ARG E 76 -14.98 14.31 -26.18
N GLU E 77 -14.68 15.12 -27.20
CA GLU E 77 -14.10 14.57 -28.42
C GLU E 77 -12.75 13.92 -28.16
N GLN E 78 -11.88 14.62 -27.44
CA GLN E 78 -10.63 14.02 -27.03
C GLN E 78 -10.80 12.72 -26.20
N THR E 79 -11.60 12.73 -25.13
CA THR E 79 -11.72 11.49 -24.36
C THR E 79 -12.34 10.32 -25.13
N LEU E 80 -13.25 10.63 -26.06
CA LEU E 80 -13.85 9.65 -26.99
C LEU E 80 -12.85 9.03 -28.02
N ALA E 81 -12.03 9.87 -28.63
CA ALA E 81 -10.84 9.46 -29.39
C ALA E 81 -9.98 8.45 -28.68
N ALA E 82 -9.60 8.76 -27.44
CA ALA E 82 -8.71 7.91 -26.65
C ALA E 82 -9.35 6.59 -26.34
N ILE E 83 -10.62 6.63 -25.97
CA ILE E 83 -11.36 5.41 -25.77
C ILE E 83 -11.43 4.57 -27.06
N ARG E 84 -11.52 5.24 -28.22
CA ARG E 84 -11.45 4.54 -29.50
C ARG E 84 -10.15 3.77 -29.64
N ALA E 85 -9.02 4.45 -29.46
CA ALA E 85 -7.70 3.80 -29.37
C ALA E 85 -7.62 2.74 -28.28
N GLY E 86 -8.67 2.58 -27.51
CA GLY E 86 -8.64 1.59 -26.44
C GLY E 86 -7.80 2.05 -25.26
N LYS E 87 -7.63 3.36 -25.10
CA LYS E 87 -6.88 3.87 -23.95
C LYS E 87 -7.78 4.24 -22.76
N HIS E 88 -7.30 3.98 -21.54
CA HIS E 88 -7.95 4.47 -20.33
C HIS E 88 -7.89 5.98 -20.36
N VAL E 89 -8.91 6.65 -19.83
CA VAL E 89 -8.92 8.11 -19.71
C VAL E 89 -9.11 8.60 -18.26
N LEU E 90 -8.23 9.50 -17.81
CA LEU E 90 -8.55 10.41 -16.73
C LEU E 90 -8.86 11.78 -17.33
N CYS E 91 -10.14 12.14 -17.33
CA CYS E 91 -10.54 13.39 -17.91
C CYS E 91 -10.90 14.45 -16.85
N GLU E 92 -10.52 15.70 -17.11
CA GLU E 92 -10.58 16.77 -16.10
C GLU E 92 -12.02 17.15 -15.97
N LYS E 93 -12.34 17.88 -14.90
CA LYS E 93 -13.70 18.41 -14.68
C LYS E 93 -13.83 19.76 -15.38
N PRO E 94 -15.08 20.15 -15.71
CA PRO E 94 -16.27 19.30 -15.75
C PRO E 94 -16.14 18.28 -16.89
N LEU E 95 -16.77 17.10 -16.76
CA LEU E 95 -16.53 15.99 -17.70
C LEU E 95 -16.80 16.43 -19.15
N ALA E 96 -17.87 17.20 -19.33
CA ALA E 96 -18.16 17.73 -20.63
C ALA E 96 -19.05 18.93 -20.45
N MET E 97 -19.65 19.43 -21.53
CA MET E 97 -20.53 20.62 -21.47
C MET E 97 -22.02 20.28 -21.30
N THR E 98 -22.42 19.07 -21.69
CA THR E 98 -23.81 18.65 -21.62
C THR E 98 -23.84 17.23 -21.09
N LEU E 99 -25.01 16.81 -20.58
CA LEU E 99 -25.15 15.50 -19.96
C LEU E 99 -25.11 14.42 -21.02
N GLU E 100 -25.59 14.79 -22.22
CA GLU E 100 -25.60 13.96 -23.41
C GLU E 100 -24.19 13.48 -23.66
N ASP E 101 -23.31 14.45 -23.89
CA ASP E 101 -21.88 14.23 -24.04
C ASP E 101 -21.29 13.33 -22.95
N ALA E 102 -21.44 13.74 -21.70
CA ALA E 102 -20.76 13.05 -20.59
C ALA E 102 -21.28 11.62 -20.42
N ARG E 103 -22.58 11.42 -20.61
CA ARG E 103 -23.17 10.08 -20.57
C ARG E 103 -22.60 9.22 -21.70
N GLU E 104 -22.55 9.80 -22.91
CA GLU E 104 -21.90 9.13 -24.04
C GLU E 104 -20.54 8.59 -23.64
N MET E 105 -19.72 9.50 -23.11
CA MET E 105 -18.40 9.17 -22.67
C MET E 105 -18.42 7.98 -21.74
N VAL E 106 -19.38 7.95 -20.82
CA VAL E 106 -19.44 6.84 -19.87
C VAL E 106 -19.71 5.50 -20.54
N VAL E 107 -20.71 5.46 -21.42
CA VAL E 107 -21.06 4.20 -22.06
C VAL E 107 -19.87 3.72 -22.89
N ALA E 108 -19.30 4.62 -23.70
CA ALA E 108 -18.15 4.28 -24.53
C ALA E 108 -17.09 3.57 -23.68
N ALA E 109 -16.73 4.17 -22.55
CA ALA E 109 -15.65 3.64 -21.73
C ALA E 109 -15.99 2.23 -21.32
N ARG E 110 -17.26 2.02 -21.00
CA ARG E 110 -17.79 0.75 -20.52
C ARG E 110 -17.81 -0.29 -21.64
N GLU E 111 -18.31 0.12 -22.80
CA GLU E 111 -18.47 -0.76 -23.95
C GLU E 111 -17.10 -1.20 -24.47
N ALA E 112 -16.15 -0.28 -24.43
CA ALA E 112 -14.78 -0.51 -24.90
C ALA E 112 -13.92 -1.17 -23.82
N GLY E 113 -14.46 -1.23 -22.62
CA GLY E 113 -13.82 -1.93 -21.52
C GLY E 113 -12.63 -1.19 -20.89
N VAL E 114 -12.50 0.10 -21.19
CA VAL E 114 -11.42 0.94 -20.59
C VAL E 114 -11.93 1.67 -19.35
N VAL E 115 -11.02 2.12 -18.49
CA VAL E 115 -11.44 2.88 -17.33
C VAL E 115 -11.47 4.40 -17.58
N LEU E 116 -12.48 5.08 -17.02
CA LEU E 116 -12.66 6.51 -17.26
C LEU E 116 -12.88 7.13 -15.91
N GLY E 117 -12.03 8.07 -15.53
CA GLY E 117 -12.25 8.80 -14.27
C GLY E 117 -12.51 10.25 -14.58
N THR E 118 -13.04 10.99 -13.59
CA THR E 118 -13.16 12.43 -13.68
C THR E 118 -12.18 12.85 -12.63
N ASN E 119 -11.37 13.88 -12.89
CA ASN E 119 -10.45 14.33 -11.87
C ASN E 119 -11.10 15.35 -10.89
N HIS E 120 -11.99 14.84 -10.05
CA HIS E 120 -12.32 15.48 -8.78
C HIS E 120 -11.31 15.12 -7.73
N HIS E 121 -10.53 16.08 -7.32
CA HIS E 121 -9.39 15.79 -6.47
C HIS E 121 -9.79 15.78 -5.02
N LEU E 122 -10.79 16.58 -4.67
CA LEU E 122 -10.94 17.03 -3.31
C LEU E 122 -11.34 15.86 -2.43
N ARG E 123 -12.17 14.98 -2.97
CA ARG E 123 -12.58 13.77 -2.27
C ARG E 123 -11.41 12.82 -1.95
N ASN E 124 -10.24 13.04 -2.57
CA ASN E 124 -9.01 12.37 -2.19
C ASN E 124 -8.34 12.98 -0.97
N ALA E 125 -8.80 14.16 -0.56
CA ALA E 125 -8.20 14.83 0.61
C ALA E 125 -8.45 14.07 1.89
N ALA E 126 -7.43 13.97 2.74
CA ALA E 126 -7.59 13.43 4.07
C ALA E 126 -8.77 14.01 4.81
N ALA E 127 -8.93 15.32 4.68
CA ALA E 127 -9.97 16.06 5.35
C ALA E 127 -11.34 15.51 4.94
N HIS E 128 -11.54 15.18 3.68
CA HIS E 128 -12.88 14.82 3.23
C HIS E 128 -13.15 13.34 3.49
N ARG E 129 -12.15 12.49 3.30
CA ARG E 129 -12.26 11.10 3.74
C ARG E 129 -12.56 10.99 5.22
N ALA E 130 -11.87 11.77 6.04
CA ALA E 130 -12.10 11.84 7.50
C ALA E 130 -13.55 12.19 7.79
N MET E 131 -14.05 13.27 7.20
CA MET E 131 -15.48 13.62 7.32
C MET E 131 -16.47 12.54 6.83
N ARG E 132 -16.26 12.02 5.61
CA ARG E 132 -17.03 10.89 5.15
C ARG E 132 -17.15 9.80 6.18
N ASP E 133 -16.02 9.43 6.78
CA ASP E 133 -15.93 8.29 7.67
C ASP E 133 -16.62 8.66 8.96
N ALA E 134 -16.32 9.85 9.48
CA ALA E 134 -16.95 10.30 10.73
C ALA E 134 -18.49 10.32 10.61
N ILE E 135 -19.02 10.66 9.45
CA ILE E 135 -20.45 10.71 9.33
C ILE E 135 -21.02 9.29 9.39
N ALA E 136 -20.45 8.39 8.58
CA ALA E 136 -20.78 6.96 8.48
C ALA E 136 -20.69 6.21 9.81
N GLU E 137 -19.77 6.63 10.68
CA GLU E 137 -19.67 6.14 12.05
C GLU E 137 -20.62 6.79 13.04
N GLY E 138 -21.64 7.51 12.59
CA GLY E 138 -22.64 8.04 13.52
C GLY E 138 -22.18 9.18 14.38
N ARG E 139 -20.99 9.68 14.10
CA ARG E 139 -20.35 10.70 14.93
C ARG E 139 -20.97 12.11 14.94
N ILE E 140 -21.86 12.40 14.02
CA ILE E 140 -22.67 13.61 14.18
C ILE E 140 -24.16 13.21 14.22
N GLY E 141 -24.44 11.96 14.58
CA GLY E 141 -25.79 11.47 14.56
C GLY E 141 -26.25 11.60 13.15
N ARG E 142 -27.43 12.15 13.00
CA ARG E 142 -28.07 12.19 11.70
C ARG E 142 -27.80 13.56 11.02
N PRO E 143 -27.25 13.51 9.78
CA PRO E 143 -26.92 14.76 9.12
C PRO E 143 -28.19 15.53 8.84
N ILE E 144 -28.13 16.85 9.03
CA ILE E 144 -29.18 17.80 8.77
C ILE E 144 -28.84 18.84 7.68
N ALA E 145 -27.63 19.36 7.70
CA ALA E 145 -27.33 20.52 6.85
C ALA E 145 -25.83 20.66 6.60
N ALA E 146 -25.47 20.90 5.35
CA ALA E 146 -24.06 21.13 5.02
C ALA E 146 -23.81 22.57 4.48
N ARG E 147 -22.57 23.06 4.60
CA ARG E 147 -22.18 24.39 4.09
C ARG E 147 -20.81 24.31 3.43
N VAL E 148 -20.69 24.84 2.22
CA VAL E 148 -19.44 24.77 1.46
C VAL E 148 -19.01 26.23 1.15
N PHE E 149 -17.75 26.52 1.41
CA PHE E 149 -17.19 27.86 1.22
C PHE E 149 -16.04 27.73 0.26
N HIS E 150 -16.27 28.12 -0.98
CA HIS E 150 -15.22 28.04 -1.97
C HIS E 150 -15.11 29.38 -2.71
N ALA E 151 -15.13 30.46 -1.94
CA ALA E 151 -14.97 31.76 -2.52
C ALA E 151 -13.50 32.13 -2.46
N VAL E 152 -12.84 32.08 -3.60
CA VAL E 152 -11.41 32.31 -3.69
C VAL E 152 -11.13 33.49 -4.63
N TYR E 153 -9.87 33.92 -4.69
CA TYR E 153 -9.41 34.84 -5.75
C TYR E 153 -8.69 34.11 -6.90
N LEU E 154 -9.24 34.22 -8.13
CA LEU E 154 -8.62 33.68 -9.35
C LEU E 154 -7.38 34.46 -9.69
N PRO E 155 -6.19 33.87 -9.46
CA PRO E 155 -4.98 34.68 -9.64
C PRO E 155 -4.83 35.17 -11.08
N PRO E 156 -4.05 36.25 -11.31
CA PRO E 156 -3.93 36.86 -12.65
C PRO E 156 -3.53 35.89 -13.76
N HIS E 157 -2.70 34.90 -13.47
CA HIS E 157 -2.24 34.05 -14.52
C HIS E 157 -3.33 33.09 -15.01
N LEU E 158 -4.39 32.93 -14.22
CA LEU E 158 -5.47 32.04 -14.60
C LEU E 158 -6.70 32.80 -15.08
N GLN E 159 -6.57 34.12 -15.19
CA GLN E 159 -7.68 35.01 -15.46
C GLN E 159 -7.98 35.19 -16.94
N GLY E 160 -8.00 34.09 -17.68
CA GLY E 160 -8.34 34.11 -19.09
C GLY E 160 -9.66 33.41 -19.39
N TRP E 161 -9.59 32.23 -19.98
CA TRP E 161 -10.81 31.58 -20.45
C TRP E 161 -11.93 31.47 -19.41
N ARG E 162 -11.57 31.42 -18.13
CA ARG E 162 -12.56 31.22 -17.04
C ARG E 162 -13.55 32.40 -16.93
N LEU E 163 -13.08 33.57 -17.34
CA LEU E 163 -13.78 34.84 -17.28
C LEU E 163 -14.47 35.20 -18.60
N GLU E 164 -14.52 34.26 -19.55
CA GLU E 164 -15.09 34.50 -20.91
C GLU E 164 -15.90 33.31 -21.45
N ARG E 165 -16.59 33.53 -22.57
CA ARG E 165 -17.13 32.44 -23.37
C ARG E 165 -17.78 31.34 -22.52
N PRO E 166 -18.94 31.66 -21.93
CA PRO E 166 -19.71 30.66 -21.19
C PRO E 166 -19.93 29.39 -22.03
N GLU E 167 -20.23 29.60 -23.31
CA GLU E 167 -20.54 28.51 -24.26
C GLU E 167 -19.33 27.60 -24.56
N ALA E 168 -18.18 27.94 -23.98
CA ALA E 168 -16.98 27.08 -24.10
C ALA E 168 -16.53 26.58 -22.72
N GLY E 169 -17.40 26.72 -21.71
CA GLY E 169 -17.17 26.23 -20.35
C GLY E 169 -16.58 27.20 -19.34
N GLY E 170 -16.67 28.50 -19.60
CA GLY E 170 -16.12 29.51 -18.67
C GLY E 170 -17.10 29.82 -17.52
N GLY E 171 -16.68 30.61 -16.54
CA GLY E 171 -17.57 30.88 -15.41
C GLY E 171 -17.27 30.05 -14.17
N VAL E 172 -17.59 30.64 -13.03
CA VAL E 172 -17.39 29.97 -11.74
C VAL E 172 -18.30 28.72 -11.52
N ILE E 173 -19.47 28.65 -12.13
CA ILE E 173 -20.32 27.51 -11.78
C ILE E 173 -19.69 26.21 -12.25
N LEU E 174 -19.36 26.15 -13.54
CA LEU E 174 -18.81 24.94 -14.12
C LEU E 174 -17.38 24.76 -13.61
N ASP E 175 -16.73 25.84 -13.24
CA ASP E 175 -15.37 25.68 -12.78
C ASP E 175 -15.28 25.15 -11.35
N ILE E 176 -16.12 25.64 -10.46
CA ILE E 176 -15.94 25.39 -9.03
C ILE E 176 -17.08 24.60 -8.43
N THR E 177 -18.30 24.95 -8.84
CA THR E 177 -19.49 24.36 -8.23
C THR E 177 -19.51 22.86 -8.46
N VAL E 178 -18.91 22.42 -9.57
CA VAL E 178 -18.87 20.98 -9.88
C VAL E 178 -18.07 20.18 -8.84
N HIS E 179 -17.09 20.85 -8.27
CA HIS E 179 -16.24 20.30 -7.22
C HIS E 179 -16.98 20.24 -5.88
N ASP E 180 -17.63 21.35 -5.55
CA ASP E 180 -18.52 21.44 -4.40
C ASP E 180 -19.53 20.27 -4.42
N ALA E 181 -20.15 20.09 -5.58
CA ALA E 181 -21.18 19.08 -5.77
C ALA E 181 -20.60 17.67 -5.52
N ASP E 182 -19.40 17.42 -6.04
CA ASP E 182 -18.85 16.09 -5.94
C ASP E 182 -18.47 15.80 -4.49
N THR E 183 -17.99 16.81 -3.77
CA THR E 183 -17.42 16.60 -2.45
C THR E 183 -18.56 16.43 -1.45
N LEU E 184 -19.65 17.15 -1.69
CA LEU E 184 -20.92 16.89 -0.97
C LEU E 184 -21.39 15.44 -1.05
N ARG E 185 -21.54 14.91 -2.26
CA ARG E 185 -21.96 13.52 -2.50
C ARG E 185 -21.03 12.51 -1.86
N PHE E 186 -19.73 12.70 -2.05
CA PHE E 186 -18.73 11.89 -1.38
C PHE E 186 -18.93 11.88 0.13
N VAL E 187 -19.00 13.07 0.74
CA VAL E 187 -18.91 13.18 2.19
C VAL E 187 -20.27 12.79 2.78
N LEU E 188 -21.34 13.06 2.05
CA LEU E 188 -22.68 12.87 2.56
C LEU E 188 -23.08 11.46 2.14
N ASN E 189 -22.35 10.91 1.17
CA ASN E 189 -22.72 9.66 0.56
C ASN E 189 -24.21 9.65 0.26
N ASP E 190 -24.67 10.68 -0.45
CA ASP E 190 -26.04 10.81 -0.82
C ASP E 190 -26.05 11.73 -2.06
N ASP E 191 -27.08 11.63 -2.89
CA ASP E 191 -27.21 12.41 -4.15
C ASP E 191 -28.15 13.62 -4.02
N PRO E 192 -27.87 14.70 -4.73
CA PRO E 192 -28.73 15.89 -4.73
C PRO E 192 -30.00 15.74 -5.56
N ALA E 193 -31.07 16.40 -5.14
CA ALA E 193 -32.33 16.25 -5.83
C ALA E 193 -32.71 17.50 -6.65
N GLU E 194 -32.44 18.69 -6.09
CA GLU E 194 -32.72 19.93 -6.76
C GLU E 194 -31.85 21.06 -6.23
N ALA E 195 -31.91 22.20 -6.92
CA ALA E 195 -31.03 23.30 -6.68
C ALA E 195 -31.78 24.61 -6.83
N VAL E 196 -31.54 25.55 -5.90
CA VAL E 196 -31.79 26.97 -6.14
C VAL E 196 -30.45 27.74 -6.13
N ALA E 197 -30.46 28.96 -6.67
CA ALA E 197 -29.23 29.73 -6.75
C ALA E 197 -29.47 31.12 -7.25
N ILE E 198 -28.51 31.98 -6.94
CA ILE E 198 -28.42 33.37 -7.43
C ILE E 198 -26.95 33.60 -7.76
N SER E 199 -26.65 34.14 -8.94
CA SER E 199 -25.27 34.48 -9.24
C SER E 199 -25.05 35.90 -9.60
N HIS E 200 -23.79 36.33 -9.61
CA HIS E 200 -23.48 37.65 -10.08
C HIS E 200 -22.12 37.69 -10.75
N SER E 201 -21.77 38.88 -11.17
CA SER E 201 -20.63 39.11 -11.98
C SER E 201 -20.11 40.37 -11.35
N ALA E 202 -19.21 40.24 -10.36
CA ALA E 202 -18.75 41.37 -9.53
C ALA E 202 -17.39 41.96 -9.97
N GLY E 203 -17.14 42.02 -11.28
CA GLY E 203 -16.04 42.78 -11.82
C GLY E 203 -14.95 42.01 -12.55
N MET E 204 -14.98 40.67 -12.50
CA MET E 204 -13.99 39.84 -13.18
C MET E 204 -14.55 39.13 -14.42
N GLY E 205 -15.73 38.53 -14.30
CA GLY E 205 -16.32 37.84 -15.45
C GLY E 205 -16.69 38.83 -16.54
N LYS E 206 -16.18 38.60 -17.75
CA LYS E 206 -16.51 39.44 -18.90
C LYS E 206 -17.95 39.21 -19.35
N GLU E 207 -18.49 40.13 -20.14
CA GLU E 207 -19.80 39.96 -20.78
C GLU E 207 -20.76 39.22 -19.87
N GLY E 208 -21.32 38.11 -20.37
CA GLY E 208 -22.35 37.32 -19.66
C GLY E 208 -21.83 36.16 -18.79
N VAL E 209 -20.75 36.42 -18.02
CA VAL E 209 -20.04 35.39 -17.26
C VAL E 209 -20.02 35.61 -15.75
N GLU E 210 -20.56 34.62 -15.04
CA GLU E 210 -20.69 34.71 -13.59
C GLU E 210 -19.36 34.46 -12.87
N ASP E 211 -19.06 35.30 -11.89
CA ASP E 211 -17.83 35.14 -11.11
C ASP E 211 -18.06 34.96 -9.61
N GLY E 212 -19.32 34.87 -9.20
CA GLY E 212 -19.70 34.33 -7.86
C GLY E 212 -21.12 33.79 -7.95
N VAL E 213 -21.39 32.74 -7.20
CA VAL E 213 -22.66 32.09 -7.09
C VAL E 213 -22.86 31.61 -5.65
N MET E 214 -24.12 31.66 -5.23
CA MET E 214 -24.55 31.17 -3.96
C MET E 214 -25.80 30.37 -4.21
N GLY E 215 -25.90 29.21 -3.61
CA GLY E 215 -27.10 28.45 -3.75
C GLY E 215 -27.33 27.40 -2.70
N VAL E 216 -28.46 26.70 -2.85
CA VAL E 216 -28.88 25.60 -1.98
C VAL E 216 -29.21 24.38 -2.81
N LEU E 217 -28.67 23.23 -2.37
CA LEU E 217 -29.01 21.90 -2.89
C LEU E 217 -29.84 21.11 -1.89
N ARG E 218 -30.96 20.54 -2.33
CA ARG E 218 -31.67 19.63 -1.47
C ARG E 218 -31.27 18.21 -1.78
N PHE E 219 -30.73 17.50 -0.79
CA PHE E 219 -30.29 16.11 -0.98
C PHE E 219 -31.45 15.08 -0.83
N GLN E 220 -31.33 13.89 -1.45
CA GLN E 220 -32.42 12.91 -1.34
C GLN E 220 -32.81 12.62 0.11
N SER E 221 -31.84 12.46 0.98
CA SER E 221 -32.13 12.27 2.39
C SER E 221 -32.82 13.47 3.01
N GLY E 222 -32.87 14.60 2.33
CA GLY E 222 -33.56 15.71 2.92
C GLY E 222 -32.62 16.77 3.46
N VAL E 223 -31.34 16.43 3.63
CA VAL E 223 -30.35 17.46 4.00
C VAL E 223 -30.33 18.61 2.98
N ILE E 224 -30.23 19.84 3.49
CA ILE E 224 -29.98 21.00 2.65
C ILE E 224 -28.53 21.45 2.69
N ALA E 225 -27.96 21.62 1.50
CA ALA E 225 -26.56 22.08 1.38
C ALA E 225 -26.41 23.45 0.65
N GLN E 226 -25.82 24.46 1.31
CA GLN E 226 -25.54 25.76 0.68
C GLN E 226 -24.10 25.75 0.22
N PHE E 227 -23.84 26.46 -0.89
CA PHE E 227 -22.48 26.60 -1.36
C PHE E 227 -22.31 28.06 -1.67
N HIS E 228 -21.06 28.54 -1.56
CA HIS E 228 -20.62 29.80 -2.08
C HIS E 228 -19.31 29.59 -2.88
N ASP E 229 -19.40 29.75 -4.22
CA ASP E 229 -18.20 29.77 -5.10
C ASP E 229 -17.94 31.15 -5.77
N ALA E 230 -16.70 31.59 -5.88
CA ALA E 230 -16.41 32.89 -6.46
C ALA E 230 -14.99 32.93 -6.88
N PHE E 231 -14.64 33.88 -7.74
CA PHE E 231 -13.27 34.15 -8.16
C PHE E 231 -12.81 35.50 -7.64
N THR E 232 -13.71 36.22 -6.93
CA THR E 232 -13.50 37.61 -6.57
C THR E 232 -13.05 37.91 -5.17
N THR E 233 -12.94 36.91 -4.28
CA THR E 233 -12.72 37.26 -2.86
C THR E 233 -11.35 36.87 -2.31
N LYS E 234 -10.43 37.82 -2.20
CA LYS E 234 -9.07 37.49 -1.75
C LYS E 234 -9.01 36.98 -0.31
N PHE E 235 -9.89 37.44 0.58
CA PHE E 235 -9.60 37.26 2.01
C PHE E 235 -10.54 36.31 2.73
N ALA E 236 -11.12 35.36 2.01
CA ALA E 236 -12.09 34.42 2.59
C ALA E 236 -11.41 33.06 2.57
N GLU E 237 -11.39 32.32 3.67
CA GLU E 237 -10.87 30.95 3.57
C GLU E 237 -11.94 30.03 3.06
N THR E 238 -11.52 28.88 2.60
CA THR E 238 -12.44 27.88 2.14
C THR E 238 -12.88 27.05 3.35
N GLY E 239 -13.89 26.22 3.19
CA GLY E 239 -14.27 25.37 4.33
C GLY E 239 -15.40 24.52 3.86
N PHE E 240 -15.78 23.56 4.69
CA PHE E 240 -16.81 22.60 4.34
C PHE E 240 -17.28 22.13 5.72
N GLU E 241 -18.59 22.13 5.94
CA GLU E 241 -19.10 21.72 7.25
C GLU E 241 -20.33 20.85 7.09
N VAL E 242 -20.57 19.96 8.06
CA VAL E 242 -21.83 19.17 8.13
C VAL E 242 -22.36 19.19 9.56
N HIS E 243 -23.59 19.63 9.69
CA HIS E 243 -24.27 19.81 10.93
C HIS E 243 -25.31 18.70 11.13
N GLY E 244 -25.25 18.05 12.29
CA GLY E 244 -26.06 16.84 12.62
C GLY E 244 -26.74 16.92 13.97
N THR E 245 -27.58 15.91 14.26
CA THR E 245 -28.30 15.83 15.56
C THR E 245 -27.35 15.65 16.76
N GLU E 246 -26.19 15.09 16.54
CA GLU E 246 -25.32 14.76 17.67
C GLU E 246 -23.88 15.30 17.56
N GLY E 247 -23.56 16.02 16.49
CA GLY E 247 -22.32 16.87 16.46
C GLY E 247 -22.22 17.66 15.17
N SER E 248 -21.17 18.47 15.04
CA SER E 248 -20.86 19.11 13.72
C SER E 248 -19.43 18.87 13.31
N LEU E 249 -19.22 18.58 12.04
CA LEU E 249 -17.88 18.52 11.46
C LEU E 249 -17.52 19.86 10.77
N ILE E 250 -16.44 20.50 11.21
CA ILE E 250 -16.08 21.84 10.73
C ILE E 250 -14.72 21.70 10.03
N GLY E 251 -14.75 21.67 8.71
CA GLY E 251 -13.51 21.64 7.91
C GLY E 251 -13.02 23.02 7.54
N ARG E 252 -11.79 23.37 7.86
CA ARG E 252 -11.31 24.72 7.52
C ARG E 252 -10.12 24.59 6.59
N ASN E 253 -10.03 25.50 5.62
CA ASN E 253 -9.00 25.45 4.57
C ASN E 253 -8.84 24.15 3.86
N VAL E 254 -9.98 23.49 3.60
CA VAL E 254 -10.00 22.16 2.98
C VAL E 254 -10.46 22.10 1.51
N MET E 255 -10.74 23.23 0.87
CA MET E 255 -11.18 23.17 -0.55
C MET E 255 -10.10 23.55 -1.55
N THR E 256 -8.86 23.72 -1.13
CA THR E 256 -7.81 24.03 -2.08
C THR E 256 -7.19 22.75 -2.66
N GLN E 257 -6.22 22.94 -3.58
CA GLN E 257 -5.50 21.83 -4.25
C GLN E 257 -4.43 21.16 -3.37
N LYS E 258 -4.04 21.78 -2.25
CA LYS E 258 -2.91 21.30 -1.51
C LYS E 258 -3.42 20.50 -0.34
N PRO E 259 -2.64 19.50 0.11
CA PRO E 259 -3.05 18.69 1.26
C PRO E 259 -3.05 19.44 2.58
N VAL E 260 -3.63 20.63 2.62
CA VAL E 260 -3.71 21.42 3.87
C VAL E 260 -5.13 21.48 4.46
N GLY E 261 -5.23 21.89 5.72
CA GLY E 261 -6.51 22.19 6.39
C GLY E 261 -6.77 21.40 7.67
N THR E 262 -7.87 21.72 8.36
CA THR E 262 -8.18 21.10 9.65
C THR E 262 -9.62 20.67 9.68
N VAL E 263 -9.89 19.63 10.46
CA VAL E 263 -11.27 19.22 10.72
C VAL E 263 -11.46 18.94 12.18
N THR E 264 -12.36 19.70 12.79
CA THR E 264 -12.77 19.53 14.19
C THR E 264 -14.15 18.89 14.19
N LEU E 265 -14.40 17.99 15.15
CA LEU E 265 -15.74 17.42 15.38
C LEU E 265 -16.27 18.03 16.67
N ARG E 266 -17.29 18.92 16.61
CA ARG E 266 -17.88 19.47 17.84
C ARG E 266 -19.08 18.60 18.27
N ASN E 267 -19.10 18.19 19.53
CA ASN E 267 -20.22 17.47 20.07
C ASN E 267 -20.42 17.77 21.54
N ALA E 268 -21.28 16.99 22.21
CA ALA E 268 -21.56 17.21 23.64
C ALA E 268 -20.32 17.19 24.55
N GLU E 269 -19.34 16.36 24.19
CA GLU E 269 -18.08 16.20 24.94
C GLU E 269 -17.07 17.38 24.81
N GLY E 270 -17.08 18.05 23.67
CA GLY E 270 -16.19 19.19 23.40
C GLY E 270 -15.85 19.20 21.92
N GLU E 271 -14.63 19.59 21.57
CA GLU E 271 -14.13 19.49 20.18
C GLU E 271 -12.99 18.51 20.10
N SER E 272 -13.03 17.58 19.17
CA SER E 272 -11.79 16.90 18.80
C SER E 272 -11.22 17.31 17.43
N GLN E 273 -9.90 17.51 17.38
CA GLN E 273 -9.16 17.56 16.11
C GLN E 273 -9.07 16.20 15.43
N LEU E 274 -9.64 16.03 14.24
CA LEU E 274 -9.36 14.81 13.50
C LEU E 274 -8.02 14.90 12.80
N PRO E 275 -7.25 13.79 12.82
CA PRO E 275 -5.89 13.71 12.33
C PRO E 275 -5.87 13.41 10.84
N LEU E 276 -5.22 14.29 10.10
CA LEU E 276 -5.26 14.23 8.67
C LEU E 276 -3.86 13.97 8.18
N ASP E 277 -3.68 12.93 7.39
CA ASP E 277 -2.37 12.77 6.80
C ASP E 277 -2.24 13.73 5.61
N PRO E 278 -1.04 14.29 5.41
CA PRO E 278 -0.90 15.35 4.46
C PRO E 278 -0.50 14.78 3.11
N ALA E 279 -1.20 13.72 2.68
CA ALA E 279 -0.94 13.08 1.39
C ALA E 279 -1.49 13.88 0.22
N ASN E 280 -0.65 13.98 -0.80
CA ASN E 280 -0.94 14.82 -1.91
C ASN E 280 -2.16 14.27 -2.64
N LEU E 281 -3.12 15.15 -2.95
CA LEU E 281 -4.47 14.73 -3.39
C LEU E 281 -4.41 14.05 -4.71
N TYR E 282 -3.51 14.51 -5.59
CA TYR E 282 -3.45 14.00 -6.94
C TYR E 282 -2.66 12.67 -6.99
N GLU E 283 -1.73 12.50 -6.07
CA GLU E 283 -1.07 11.23 -5.91
C GLU E 283 -2.08 10.16 -5.46
N THR E 284 -2.81 10.40 -4.39
CA THR E 284 -3.93 9.55 -4.08
C THR E 284 -4.81 9.28 -5.29
N ALA E 285 -5.03 10.28 -6.13
CA ALA E 285 -5.93 10.10 -7.26
C ALA E 285 -5.32 9.20 -8.34
N LEU E 286 -4.03 9.37 -8.59
CA LEU E 286 -3.38 8.63 -9.65
C LEU E 286 -3.15 7.18 -9.20
N ALA E 287 -2.93 6.97 -7.91
CA ALA E 287 -2.70 5.62 -7.38
C ALA E 287 -4.00 4.83 -7.36
N ALA E 288 -5.11 5.48 -7.03
CA ALA E 288 -6.42 4.85 -7.17
C ALA E 288 -6.72 4.45 -8.62
N PHE E 289 -6.30 5.28 -9.54
CA PHE E 289 -6.59 5.08 -10.96
C PHE E 289 -5.70 3.94 -11.51
N HIS E 290 -4.48 3.89 -11.03
CA HIS E 290 -3.52 2.89 -11.43
C HIS E 290 -4.00 1.52 -10.91
N SER E 291 -4.54 1.50 -9.70
CA SER E 291 -5.22 0.34 -9.15
C SER E 291 -6.33 -0.16 -10.07
N ALA E 292 -7.21 0.74 -10.51
CA ALA E 292 -8.36 0.37 -11.34
C ALA E 292 -7.90 -0.25 -12.67
N ILE E 293 -6.81 0.27 -13.21
CA ILE E 293 -6.25 -0.25 -14.45
C ILE E 293 -5.82 -1.69 -14.23
N GLU E 294 -5.11 -1.92 -13.12
CA GLU E 294 -4.55 -3.22 -12.82
C GLU E 294 -5.55 -4.08 -12.09
N GLY E 295 -6.84 -3.85 -12.35
CA GLY E 295 -7.89 -4.75 -11.88
C GLY E 295 -8.51 -4.49 -10.52
N HIS E 296 -7.89 -3.65 -9.68
CA HIS E 296 -8.34 -3.50 -8.28
C HIS E 296 -8.95 -2.13 -7.93
N GLY E 297 -10.27 -2.06 -7.89
CA GLY E 297 -10.97 -0.85 -7.44
C GLY E 297 -11.48 -0.03 -8.61
N GLN E 298 -12.06 1.13 -8.32
CA GLN E 298 -12.31 2.12 -9.37
C GLN E 298 -11.52 3.41 -9.10
N PRO E 299 -11.46 4.33 -10.08
CA PRO E 299 -10.79 5.60 -9.82
C PRO E 299 -11.48 6.30 -8.65
N SER E 300 -10.74 7.18 -7.96
CA SER E 300 -11.32 8.02 -6.91
C SER E 300 -12.70 8.58 -7.29
N ALA E 301 -12.84 9.11 -8.49
CA ALA E 301 -14.11 9.56 -9.00
C ALA E 301 -14.28 8.99 -10.40
N THR E 302 -15.44 8.41 -10.67
CA THR E 302 -15.72 7.73 -11.91
C THR E 302 -16.29 8.73 -12.93
N GLY E 303 -16.42 8.30 -14.19
CA GLY E 303 -17.23 9.06 -15.13
C GLY E 303 -18.65 9.34 -14.65
N GLU E 304 -19.30 8.41 -13.95
CA GLU E 304 -20.65 8.70 -13.48
C GLU E 304 -20.65 9.80 -12.41
N ASP E 305 -19.64 9.80 -11.53
CA ASP E 305 -19.47 10.92 -10.60
C ASP E 305 -19.37 12.26 -11.36
N GLY E 306 -18.82 12.23 -12.58
CA GLY E 306 -18.69 13.42 -13.44
C GLY E 306 -19.97 13.77 -14.15
N VAL E 307 -20.79 12.76 -14.44
CA VAL E 307 -22.10 12.98 -14.99
C VAL E 307 -22.93 13.67 -13.92
N TRP E 308 -22.67 13.32 -12.67
CA TRP E 308 -23.45 13.82 -11.53
C TRP E 308 -23.03 15.22 -11.11
N SER E 309 -21.72 15.45 -10.98
CA SER E 309 -21.26 16.81 -10.77
C SER E 309 -21.66 17.73 -11.91
N LEU E 310 -21.51 17.30 -13.17
CA LEU E 310 -21.98 18.15 -14.29
C LEU E 310 -23.46 18.54 -14.14
N ALA E 311 -24.28 17.53 -13.89
CA ALA E 311 -25.71 17.72 -13.76
C ALA E 311 -26.02 18.73 -12.66
N THR E 312 -25.32 18.62 -11.54
CA THR E 312 -25.51 19.60 -10.51
C THR E 312 -25.15 21.02 -11.01
N GLY E 313 -23.93 21.23 -11.53
CA GLY E 313 -23.56 22.57 -11.93
C GLY E 313 -24.53 23.09 -12.99
N LEU E 314 -24.98 22.22 -13.91
CA LEU E 314 -25.92 22.69 -14.92
C LEU E 314 -27.25 23.07 -14.31
N ALA E 315 -27.67 22.35 -13.26
CA ALA E 315 -28.90 22.66 -12.53
C ALA E 315 -28.82 24.05 -11.94
N VAL E 316 -27.63 24.36 -11.44
CA VAL E 316 -27.37 25.62 -10.76
C VAL E 316 -27.30 26.75 -11.76
N VAL E 317 -26.71 26.49 -12.93
CA VAL E 317 -26.70 27.43 -14.04
C VAL E 317 -28.10 27.85 -14.43
N LYS E 318 -28.98 26.87 -14.51
CA LYS E 318 -30.36 27.14 -14.85
C LYS E 318 -31.08 27.91 -13.70
N ALA E 319 -30.90 27.46 -12.45
CA ALA E 319 -31.59 28.09 -11.33
C ALA E 319 -31.22 29.52 -11.22
N ALA E 320 -30.02 29.85 -11.63
CA ALA E 320 -29.50 31.15 -11.33
C ALA E 320 -30.04 32.06 -12.42
N ALA E 321 -30.22 31.49 -13.62
CA ALA E 321 -30.64 32.25 -14.81
C ALA E 321 -32.07 32.56 -14.71
N THR E 322 -32.87 31.51 -14.55
CA THR E 322 -34.32 31.54 -14.52
C THR E 322 -34.94 31.93 -13.18
N GLY E 323 -34.23 31.74 -12.05
CA GLY E 323 -34.82 32.05 -10.73
C GLY E 323 -35.80 30.99 -10.20
N GLN E 324 -35.72 29.78 -10.74
CA GLN E 324 -36.70 28.76 -10.50
C GLN E 324 -35.88 27.53 -10.12
N ALA E 325 -36.30 26.81 -9.08
CA ALA E 325 -35.58 25.63 -8.66
C ALA E 325 -35.39 24.67 -9.83
N ALA E 326 -34.19 24.11 -10.00
CA ALA E 326 -33.95 23.13 -11.09
C ALA E 326 -33.65 21.70 -10.63
N GLU E 327 -34.50 20.75 -10.97
CA GLU E 327 -34.20 19.33 -10.74
C GLU E 327 -32.84 18.87 -11.28
N ILE E 328 -32.19 17.98 -10.54
CA ILE E 328 -30.95 17.38 -10.99
C ILE E 328 -31.23 15.94 -11.36
N GLU E 329 -31.03 15.60 -12.63
CA GLU E 329 -31.32 14.25 -13.14
C GLU E 329 -30.25 13.91 -14.16
N THR E 330 -29.45 12.88 -13.87
CA THR E 330 -28.31 12.49 -14.72
C THR E 330 -28.71 11.92 -16.09
N GLY E 331 -29.80 11.16 -16.12
CA GLY E 331 -30.20 10.39 -17.30
C GLY E 331 -29.50 9.05 -17.37
N LEU E 332 -29.14 8.50 -16.23
CA LEU E 332 -28.03 7.56 -16.20
C LEU E 332 -28.52 6.12 -16.30
N ASN F 1 -35.23 -33.64 -10.51
CA ASN F 1 -36.06 -32.39 -10.62
C ASN F 1 -35.37 -31.12 -10.07
N ARG F 2 -34.96 -31.16 -8.79
CA ARG F 2 -34.81 -29.93 -8.00
C ARG F 2 -33.38 -29.59 -7.54
N TRP F 3 -32.90 -28.41 -7.90
CA TRP F 3 -31.48 -28.08 -7.75
C TRP F 3 -31.23 -26.99 -6.71
N GLY F 4 -30.15 -27.16 -5.93
CA GLY F 4 -29.47 -26.06 -5.25
C GLY F 4 -28.12 -25.70 -5.87
N LEU F 5 -27.95 -24.42 -6.22
CA LEU F 5 -26.65 -23.81 -6.54
C LEU F 5 -25.82 -23.55 -5.29
N ILE F 6 -24.58 -24.01 -5.29
CA ILE F 6 -23.55 -23.38 -4.45
C ILE F 6 -22.64 -22.50 -5.32
N GLY F 7 -22.90 -21.20 -5.32
CA GLY F 7 -21.96 -20.25 -5.85
C GLY F 7 -22.75 -19.24 -6.63
N ALA F 8 -22.52 -17.96 -6.40
CA ALA F 8 -23.27 -16.94 -7.16
C ALA F 8 -22.43 -16.53 -8.35
N SER F 9 -22.34 -17.43 -9.32
CA SER F 9 -21.31 -17.45 -10.38
C SER F 9 -21.82 -16.87 -11.70
N THR F 10 -20.89 -16.70 -12.63
CA THR F 10 -21.26 -16.39 -14.02
C THR F 10 -21.83 -17.59 -14.77
N ILE F 11 -21.21 -18.77 -14.67
CA ILE F 11 -21.70 -19.91 -15.45
C ILE F 11 -23.16 -20.18 -15.09
N ALA F 12 -23.45 -20.03 -13.80
CA ALA F 12 -24.78 -20.29 -13.29
C ALA F 12 -25.80 -19.31 -13.88
N ARG F 13 -25.44 -18.03 -13.94
CA ARG F 13 -26.32 -17.05 -14.57
C ARG F 13 -26.41 -17.24 -16.09
N GLU F 14 -25.27 -17.10 -16.77
CA GLU F 14 -25.18 -17.21 -18.22
C GLU F 14 -25.72 -18.50 -18.85
N TRP F 15 -25.49 -19.64 -18.20
CA TRP F 15 -25.62 -20.94 -18.88
C TRP F 15 -26.40 -22.01 -18.11
N VAL F 16 -26.06 -22.18 -16.84
CA VAL F 16 -26.46 -23.40 -16.14
C VAL F 16 -27.90 -23.39 -15.58
N ILE F 17 -28.24 -22.34 -14.83
CA ILE F 17 -29.59 -22.21 -14.28
C ILE F 17 -30.57 -22.48 -15.40
N GLY F 18 -30.52 -21.63 -16.44
CA GLY F 18 -31.39 -21.76 -17.62
C GLY F 18 -31.54 -23.16 -18.17
N ALA F 19 -30.45 -23.92 -18.19
CA ALA F 19 -30.42 -25.25 -18.80
C ALA F 19 -31.05 -26.32 -17.93
N ILE F 20 -30.83 -26.23 -16.62
CA ILE F 20 -31.64 -27.02 -15.68
C ILE F 20 -33.14 -26.82 -15.99
N ARG F 21 -33.55 -25.57 -16.21
CA ARG F 21 -34.95 -25.20 -16.36
C ARG F 21 -35.50 -25.55 -17.74
N ALA F 22 -34.64 -25.49 -18.75
CA ALA F 22 -35.05 -25.87 -20.09
C ALA F 22 -35.00 -27.37 -20.25
N THR F 23 -34.55 -28.09 -19.21
CA THR F 23 -34.50 -29.55 -19.26
C THR F 23 -35.50 -30.27 -18.35
N GLY F 24 -36.41 -29.52 -17.76
CA GLY F 24 -37.37 -30.12 -16.82
C GLY F 24 -36.74 -30.40 -15.46
N GLY F 25 -36.03 -29.42 -14.94
CA GLY F 25 -35.68 -29.37 -13.52
C GLY F 25 -35.83 -27.94 -13.03
N GLU F 26 -35.74 -27.72 -11.72
CA GLU F 26 -35.87 -26.37 -11.18
C GLU F 26 -34.74 -26.06 -10.21
N VAL F 27 -34.32 -24.79 -10.18
CA VAL F 27 -33.44 -24.29 -9.13
C VAL F 27 -34.25 -23.71 -7.96
N VAL F 28 -34.21 -24.41 -6.84
CA VAL F 28 -35.09 -24.12 -5.70
C VAL F 28 -34.48 -23.15 -4.67
N SER F 29 -33.16 -23.25 -4.46
CA SER F 29 -32.44 -22.49 -3.45
C SER F 29 -31.00 -22.23 -3.96
N MET F 30 -30.23 -21.39 -3.26
CA MET F 30 -28.82 -21.19 -3.61
C MET F 30 -27.99 -20.59 -2.46
N MET F 31 -26.70 -20.94 -2.38
CA MET F 31 -25.84 -20.30 -1.37
C MET F 31 -24.65 -19.47 -1.90
N SER F 32 -24.71 -18.17 -1.63
CA SER F 32 -23.55 -17.30 -1.73
C SER F 32 -22.99 -17.00 -0.32
N THR F 33 -21.78 -16.46 -0.21
CA THR F 33 -21.19 -16.21 1.10
C THR F 33 -21.49 -14.78 1.53
N SER F 34 -22.09 -14.01 0.63
CA SER F 34 -22.57 -12.67 0.94
C SER F 34 -24.09 -12.69 0.96
N ALA F 35 -24.67 -12.46 2.13
CA ALA F 35 -26.13 -12.24 2.29
C ALA F 35 -26.68 -11.34 1.21
N GLU F 36 -26.01 -10.19 1.03
CA GLU F 36 -26.48 -9.15 0.13
C GLU F 36 -26.49 -9.64 -1.31
N ARG F 37 -25.29 -9.99 -1.79
CA ARG F 37 -25.12 -10.46 -3.16
C ARG F 37 -26.00 -11.70 -3.33
N GLY F 38 -25.98 -12.59 -2.36
CA GLY F 38 -26.88 -13.73 -2.37
C GLY F 38 -28.31 -13.36 -2.74
N ALA F 39 -28.85 -12.33 -2.11
CA ALA F 39 -30.26 -12.02 -2.24
C ALA F 39 -30.59 -11.38 -3.58
N ALA F 40 -29.74 -10.44 -4.03
CA ALA F 40 -29.93 -9.81 -5.34
C ALA F 40 -29.82 -10.84 -6.45
N TYR F 41 -28.98 -11.85 -6.23
CA TYR F 41 -28.80 -12.93 -7.19
C TYR F 41 -30.05 -13.82 -7.32
N ALA F 42 -30.58 -14.29 -6.19
CA ALA F 42 -31.80 -15.09 -6.24
C ALA F 42 -32.95 -14.30 -6.88
N THR F 43 -32.82 -12.98 -6.91
CA THR F 43 -33.87 -12.12 -7.46
C THR F 43 -33.58 -11.85 -8.93
N GLU F 44 -32.37 -11.38 -9.22
CA GLU F 44 -31.91 -11.21 -10.60
C GLU F 44 -32.21 -12.45 -11.43
N ASN F 45 -32.21 -13.60 -10.77
CA ASN F 45 -32.33 -14.89 -11.46
C ASN F 45 -33.61 -15.67 -11.17
N GLY F 46 -34.55 -15.05 -10.47
CA GLY F 46 -35.80 -15.73 -10.13
C GLY F 46 -35.63 -17.02 -9.35
N ILE F 47 -34.73 -17.02 -8.37
CA ILE F 47 -34.63 -18.16 -7.43
C ILE F 47 -35.34 -17.85 -6.10
N GLY F 48 -36.14 -18.79 -5.63
CA GLY F 48 -37.05 -18.53 -4.51
C GLY F 48 -36.38 -18.30 -3.17
N LYS F 49 -35.39 -19.13 -2.84
CA LYS F 49 -34.67 -19.01 -1.58
C LYS F 49 -33.21 -18.63 -1.82
N SER F 50 -32.60 -18.01 -0.82
CA SER F 50 -31.15 -17.79 -0.84
C SER F 50 -30.63 -17.88 0.58
N VAL F 51 -29.43 -18.42 0.74
CA VAL F 51 -28.96 -18.91 2.04
C VAL F 51 -27.45 -18.56 2.14
N THR F 52 -26.86 -18.56 3.34
CA THR F 52 -25.42 -18.25 3.45
C THR F 52 -24.65 -19.33 4.16
N SER F 53 -25.18 -20.54 4.10
CA SER F 53 -24.47 -21.67 4.66
C SER F 53 -24.61 -22.88 3.74
N VAL F 54 -23.52 -23.59 3.52
CA VAL F 54 -23.55 -24.73 2.63
C VAL F 54 -24.49 -25.80 3.18
N GLU F 55 -24.38 -26.08 4.48
CA GLU F 55 -25.21 -27.07 5.13
C GLU F 55 -26.70 -26.74 5.06
N GLU F 56 -27.03 -25.45 5.13
CA GLU F 56 -28.44 -25.01 5.00
C GLU F 56 -28.94 -25.33 3.61
N LEU F 57 -28.04 -25.30 2.61
CA LEU F 57 -28.44 -25.54 1.22
C LEU F 57 -28.42 -27.02 0.77
N VAL F 58 -27.46 -27.78 1.28
CA VAL F 58 -27.39 -29.20 0.94
C VAL F 58 -28.38 -30.03 1.77
N GLY F 59 -28.57 -29.64 3.02
CA GLY F 59 -29.53 -30.29 3.91
C GLY F 59 -30.96 -29.83 3.70
N ASP F 60 -31.18 -29.01 2.67
CA ASP F 60 -32.53 -28.63 2.25
C ASP F 60 -33.26 -29.81 1.59
N PRO F 61 -34.34 -30.32 2.23
CA PRO F 61 -34.92 -31.55 1.70
C PRO F 61 -35.58 -31.31 0.34
N ASP F 62 -35.81 -30.04 0.01
CA ASP F 62 -36.27 -29.66 -1.32
C ASP F 62 -35.22 -29.89 -2.42
N VAL F 63 -33.94 -29.91 -2.06
CA VAL F 63 -32.86 -29.96 -3.05
C VAL F 63 -32.50 -31.42 -3.31
N ASP F 64 -32.77 -31.87 -4.54
CA ASP F 64 -32.36 -33.20 -4.98
C ASP F 64 -30.88 -33.27 -5.43
N ALA F 65 -30.46 -32.32 -6.25
CA ALA F 65 -29.11 -32.34 -6.79
C ALA F 65 -28.47 -30.97 -6.62
N VAL F 66 -27.13 -30.95 -6.67
CA VAL F 66 -26.36 -29.75 -6.34
C VAL F 66 -25.35 -29.36 -7.42
N TYR F 67 -25.32 -28.08 -7.76
CA TYR F 67 -24.40 -27.55 -8.75
C TYR F 67 -23.43 -26.56 -8.10
N VAL F 68 -22.15 -26.97 -8.03
CA VAL F 68 -21.05 -26.25 -7.38
C VAL F 68 -20.30 -25.45 -8.44
N SER F 69 -20.38 -24.13 -8.36
CA SER F 69 -19.67 -23.29 -9.30
C SER F 69 -18.88 -22.24 -8.57
N THR F 70 -18.36 -22.60 -7.39
CA THR F 70 -17.46 -21.73 -6.63
C THR F 70 -16.04 -21.80 -7.19
N THR F 71 -15.17 -20.90 -6.73
CA THR F 71 -13.81 -20.94 -7.24
C THR F 71 -13.16 -22.23 -6.77
N ASN F 72 -11.96 -22.52 -7.26
CA ASN F 72 -11.55 -23.92 -7.38
C ASN F 72 -11.14 -24.54 -6.08
N GLU F 73 -10.83 -23.70 -5.11
CA GLU F 73 -10.39 -24.21 -3.81
C GLU F 73 -11.56 -24.69 -2.94
N LEU F 74 -12.80 -24.57 -3.46
CA LEU F 74 -14.01 -24.89 -2.69
C LEU F 74 -14.77 -26.09 -3.21
N HIS F 75 -14.31 -26.60 -4.35
CA HIS F 75 -15.03 -27.63 -5.04
C HIS F 75 -15.09 -28.87 -4.18
N ARG F 76 -13.97 -29.20 -3.57
CA ARG F 76 -13.90 -30.43 -2.81
C ARG F 76 -14.85 -30.47 -1.62
N GLU F 77 -14.67 -29.57 -0.66
CA GLU F 77 -15.45 -29.62 0.60
C GLU F 77 -16.94 -29.47 0.34
N GLN F 78 -17.30 -28.54 -0.54
CA GLN F 78 -18.69 -28.37 -0.91
C GLN F 78 -19.35 -29.61 -1.57
N THR F 79 -18.69 -30.21 -2.58
CA THR F 79 -19.26 -31.36 -3.27
C THR F 79 -19.31 -32.55 -2.31
N LEU F 80 -18.30 -32.65 -1.46
CA LEU F 80 -18.24 -33.65 -0.41
C LEU F 80 -19.35 -33.49 0.64
N ALA F 81 -19.75 -32.25 0.93
CA ALA F 81 -20.87 -31.98 1.82
C ALA F 81 -22.20 -32.39 1.18
N ALA F 82 -22.38 -32.02 -0.09
CA ALA F 82 -23.62 -32.36 -0.79
C ALA F 82 -23.80 -33.88 -0.87
N ILE F 83 -22.69 -34.60 -0.98
CA ILE F 83 -22.69 -36.07 -0.99
C ILE F 83 -23.01 -36.60 0.42
N ARG F 84 -22.39 -36.00 1.44
CA ARG F 84 -22.66 -36.37 2.80
C ARG F 84 -24.13 -36.15 3.15
N ALA F 85 -24.80 -35.26 2.44
CA ALA F 85 -26.24 -35.08 2.55
C ALA F 85 -27.06 -35.87 1.54
N GLY F 86 -26.42 -36.82 0.85
CA GLY F 86 -27.11 -37.71 -0.07
C GLY F 86 -27.71 -37.03 -1.30
N LYS F 87 -27.01 -36.01 -1.81
CA LYS F 87 -27.44 -35.35 -3.05
C LYS F 87 -26.49 -35.69 -4.22
N HIS F 88 -27.07 -35.81 -5.42
CA HIS F 88 -26.31 -35.85 -6.68
C HIS F 88 -25.62 -34.51 -6.88
N VAL F 89 -24.38 -34.53 -7.39
CA VAL F 89 -23.59 -33.31 -7.64
C VAL F 89 -23.18 -33.14 -9.08
N LEU F 90 -23.40 -31.95 -9.61
CA LEU F 90 -22.66 -31.55 -10.78
C LEU F 90 -21.66 -30.56 -10.27
N CYS F 91 -20.39 -30.91 -10.33
CA CYS F 91 -19.34 -30.03 -9.86
C CYS F 91 -18.52 -29.42 -11.00
N GLU F 92 -18.27 -28.12 -10.94
CA GLU F 92 -17.48 -27.46 -11.96
C GLU F 92 -16.08 -28.05 -12.10
N LYS F 93 -15.44 -27.78 -13.24
CA LYS F 93 -14.03 -28.09 -13.44
C LYS F 93 -13.24 -26.84 -13.08
N PRO F 94 -11.97 -27.02 -12.70
CA PRO F 94 -11.37 -28.33 -12.40
C PRO F 94 -12.03 -28.94 -11.18
N LEU F 95 -12.27 -30.24 -11.22
CA LEU F 95 -12.90 -30.94 -10.11
C LEU F 95 -12.34 -30.54 -8.72
N ALA F 96 -11.03 -30.37 -8.62
CA ALA F 96 -10.40 -29.96 -7.39
C ALA F 96 -9.00 -29.46 -7.73
N MET F 97 -8.13 -29.36 -6.73
CA MET F 97 -6.80 -28.83 -6.94
C MET F 97 -5.79 -29.97 -6.95
N THR F 98 -6.15 -31.07 -6.32
CA THR F 98 -5.22 -32.17 -6.27
C THR F 98 -5.94 -33.46 -6.61
N LEU F 99 -5.19 -34.48 -7.00
CA LEU F 99 -5.78 -35.70 -7.49
C LEU F 99 -6.38 -36.43 -6.30
N GLU F 100 -5.73 -36.25 -5.14
CA GLU F 100 -6.15 -36.92 -3.92
C GLU F 100 -7.55 -36.44 -3.49
N ASP F 101 -7.84 -35.17 -3.72
CA ASP F 101 -9.20 -34.64 -3.49
C ASP F 101 -10.19 -35.10 -4.56
N ALA F 102 -9.80 -34.98 -5.83
CA ALA F 102 -10.65 -35.43 -6.93
C ALA F 102 -11.05 -36.92 -6.81
N ARG F 103 -10.12 -37.76 -6.39
CA ARG F 103 -10.38 -39.18 -6.16
C ARG F 103 -11.30 -39.38 -4.98
N GLU F 104 -11.04 -38.63 -3.91
CA GLU F 104 -11.89 -38.61 -2.72
C GLU F 104 -13.34 -38.26 -3.04
N MET F 105 -13.52 -37.38 -4.01
CA MET F 105 -14.85 -36.99 -4.43
C MET F 105 -15.56 -38.09 -5.25
N VAL F 106 -14.80 -38.85 -6.03
CA VAL F 106 -15.41 -39.87 -6.90
C VAL F 106 -15.90 -41.03 -6.05
N VAL F 107 -15.10 -41.43 -5.06
CA VAL F 107 -15.42 -42.58 -4.22
C VAL F 107 -16.54 -42.30 -3.23
N ALA F 108 -16.39 -41.21 -2.46
CA ALA F 108 -17.42 -40.74 -1.58
C ALA F 108 -18.77 -40.81 -2.28
N ALA F 109 -18.80 -40.39 -3.54
CA ALA F 109 -20.06 -40.27 -4.31
C ALA F 109 -20.62 -41.61 -4.85
N ARG F 110 -19.73 -42.56 -5.13
CA ARG F 110 -20.13 -43.95 -5.37
C ARG F 110 -20.48 -44.66 -4.06
N GLU F 111 -19.62 -44.50 -3.05
CA GLU F 111 -19.90 -45.03 -1.71
C GLU F 111 -21.23 -44.54 -1.17
N ALA F 112 -21.64 -43.34 -1.54
CA ALA F 112 -22.90 -42.79 -1.09
C ALA F 112 -24.00 -43.21 -2.04
N GLY F 113 -23.65 -43.38 -3.31
CA GLY F 113 -24.57 -43.93 -4.28
C GLY F 113 -25.31 -42.88 -5.10
N VAL F 114 -24.76 -41.67 -5.15
CA VAL F 114 -25.38 -40.58 -5.93
C VAL F 114 -24.55 -40.36 -7.16
N VAL F 115 -25.09 -39.66 -8.17
CA VAL F 115 -24.31 -39.40 -9.37
C VAL F 115 -23.40 -38.21 -9.16
N LEU F 116 -22.13 -38.35 -9.56
CA LEU F 116 -21.17 -37.23 -9.61
C LEU F 116 -20.77 -36.89 -11.05
N GLY F 117 -20.93 -35.63 -11.44
CA GLY F 117 -20.59 -35.19 -12.77
C GLY F 117 -19.50 -34.15 -12.69
N THR F 118 -18.74 -33.98 -13.77
CA THR F 118 -17.91 -32.78 -13.92
C THR F 118 -18.50 -32.02 -15.07
N ASN F 119 -18.51 -30.68 -15.01
CA ASN F 119 -19.12 -29.93 -16.10
C ASN F 119 -18.11 -29.58 -17.21
N HIS F 120 -17.53 -30.62 -17.81
CA HIS F 120 -16.83 -30.42 -19.08
C HIS F 120 -17.94 -30.45 -20.12
N HIS F 121 -18.16 -29.29 -20.75
CA HIS F 121 -19.35 -29.07 -21.58
C HIS F 121 -19.08 -29.46 -23.05
N LEU F 122 -17.87 -29.16 -23.52
CA LEU F 122 -17.57 -29.23 -24.93
C LEU F 122 -17.88 -30.62 -25.48
N ARG F 123 -17.57 -31.65 -24.69
CA ARG F 123 -17.81 -33.01 -25.12
C ARG F 123 -19.29 -33.21 -25.39
N ASN F 124 -20.07 -32.14 -25.22
CA ASN F 124 -21.50 -32.20 -25.49
C ASN F 124 -21.81 -31.58 -26.85
N ALA F 125 -20.85 -30.81 -27.38
CA ALA F 125 -21.05 -30.15 -28.67
C ALA F 125 -21.22 -31.19 -29.78
N ALA F 126 -22.24 -31.00 -30.61
CA ALA F 126 -22.42 -31.83 -31.79
C ALA F 126 -21.14 -31.80 -32.62
N ALA F 127 -20.51 -30.62 -32.74
CA ALA F 127 -19.19 -30.53 -33.32
C ALA F 127 -18.36 -31.77 -32.92
N HIS F 128 -18.30 -32.04 -31.62
CA HIS F 128 -17.36 -33.02 -31.06
C HIS F 128 -17.86 -34.48 -31.05
N ARG F 129 -19.16 -34.69 -30.86
CA ARG F 129 -19.75 -36.03 -31.03
C ARG F 129 -19.65 -36.42 -32.51
N ALA F 130 -19.84 -35.44 -33.38
CA ALA F 130 -19.62 -35.62 -34.82
C ALA F 130 -18.25 -36.24 -35.06
N MET F 131 -17.22 -35.66 -34.45
CA MET F 131 -15.86 -36.09 -34.69
C MET F 131 -15.52 -37.39 -33.98
N ARG F 132 -16.06 -37.61 -32.79
CA ARG F 132 -15.81 -38.88 -32.13
C ARG F 132 -16.39 -39.97 -33.02
N ASP F 133 -17.46 -39.63 -33.71
CA ASP F 133 -18.20 -40.64 -34.43
C ASP F 133 -17.50 -40.99 -35.73
N ALA F 134 -17.24 -39.97 -36.56
CA ALA F 134 -16.34 -40.12 -37.69
C ALA F 134 -15.18 -41.04 -37.33
N ILE F 135 -14.38 -40.64 -36.33
CA ILE F 135 -13.27 -41.46 -35.89
C ILE F 135 -13.71 -42.90 -35.71
N ALA F 136 -14.67 -43.13 -34.84
CA ALA F 136 -14.99 -44.51 -34.46
C ALA F 136 -15.43 -45.36 -35.68
N GLU F 137 -16.17 -44.72 -36.61
CA GLU F 137 -16.59 -45.32 -37.88
C GLU F 137 -15.44 -45.40 -38.91
N GLY F 138 -14.22 -45.10 -38.48
CA GLY F 138 -13.02 -45.19 -39.31
C GLY F 138 -13.00 -44.33 -40.58
N ARG F 139 -13.59 -43.15 -40.53
CA ARG F 139 -13.69 -42.28 -41.71
C ARG F 139 -12.50 -41.35 -41.85
N ILE F 140 -11.48 -41.63 -41.04
CA ILE F 140 -10.26 -40.82 -40.94
C ILE F 140 -9.08 -41.79 -41.05
N GLY F 141 -9.35 -43.07 -40.79
CA GLY F 141 -8.31 -44.09 -40.69
C GLY F 141 -7.83 -44.26 -39.27
N ARG F 142 -6.64 -44.84 -39.13
CA ARG F 142 -5.87 -44.77 -37.88
C ARG F 142 -5.44 -43.33 -37.63
N PRO F 143 -6.02 -42.68 -36.62
CA PRO F 143 -5.64 -41.33 -36.18
C PRO F 143 -4.17 -41.30 -35.85
N ILE F 144 -3.49 -40.23 -36.24
CA ILE F 144 -2.03 -40.08 -36.04
C ILE F 144 -1.72 -38.86 -35.11
N ALA F 145 -2.42 -37.75 -35.34
CA ALA F 145 -2.11 -36.51 -34.64
C ALA F 145 -3.34 -35.63 -34.41
N ALA F 146 -3.36 -34.95 -33.25
CA ALA F 146 -4.40 -33.95 -32.89
C ALA F 146 -3.85 -32.55 -32.59
N ARG F 147 -4.67 -31.53 -32.77
CA ARG F 147 -4.26 -30.16 -32.49
C ARG F 147 -5.44 -29.38 -31.91
N VAL F 148 -5.25 -28.70 -30.77
CA VAL F 148 -6.32 -27.98 -30.08
C VAL F 148 -5.90 -26.51 -29.97
N PHE F 149 -6.82 -25.61 -30.29
CA PHE F 149 -6.50 -24.20 -30.32
C PHE F 149 -7.48 -23.45 -29.45
N HIS F 150 -7.13 -23.25 -28.19
CA HIS F 150 -8.06 -22.69 -27.22
C HIS F 150 -7.49 -21.36 -26.70
N ALA F 151 -6.88 -20.58 -27.58
CA ALA F 151 -6.27 -19.33 -27.19
C ALA F 151 -7.20 -18.14 -27.48
N VAL F 152 -7.88 -17.67 -26.44
CA VAL F 152 -8.92 -16.66 -26.55
C VAL F 152 -8.54 -15.41 -25.76
N TYR F 153 -9.34 -14.36 -25.88
CA TYR F 153 -9.20 -13.18 -25.02
C TYR F 153 -10.06 -13.26 -23.75
N LEU F 154 -9.42 -13.25 -22.58
CA LEU F 154 -10.13 -13.19 -21.30
C LEU F 154 -10.52 -11.73 -21.04
N PRO F 155 -11.83 -11.42 -21.12
CA PRO F 155 -12.34 -10.04 -21.14
C PRO F 155 -12.39 -9.49 -19.71
N PRO F 156 -12.25 -8.16 -19.55
CA PRO F 156 -12.06 -7.53 -18.22
C PRO F 156 -13.02 -8.02 -17.14
N HIS F 157 -14.28 -8.26 -17.51
CA HIS F 157 -15.24 -8.71 -16.52
C HIS F 157 -14.96 -10.10 -15.92
N LEU F 158 -13.87 -10.74 -16.37
CA LEU F 158 -13.51 -12.08 -15.91
C LEU F 158 -12.06 -12.15 -15.51
N GLN F 159 -11.39 -11.00 -15.59
CA GLN F 159 -9.99 -10.88 -15.17
C GLN F 159 -9.76 -10.80 -13.65
N GLY F 160 -10.36 -11.73 -12.90
CA GLY F 160 -10.19 -11.74 -11.46
C GLY F 160 -9.31 -12.87 -10.95
N TRP F 161 -9.92 -13.83 -10.25
CA TRP F 161 -9.16 -14.91 -9.65
C TRP F 161 -8.33 -15.68 -10.70
N ARG F 162 -8.75 -15.61 -11.97
CA ARG F 162 -8.11 -16.37 -13.05
C ARG F 162 -6.69 -15.89 -13.21
N LEU F 163 -6.51 -14.58 -13.09
CA LEU F 163 -5.24 -13.93 -13.31
C LEU F 163 -4.35 -13.88 -12.06
N GLU F 164 -4.84 -14.40 -10.94
CA GLU F 164 -4.17 -14.24 -9.65
C GLU F 164 -4.22 -15.54 -8.85
N ARG F 165 -3.52 -15.57 -7.73
CA ARG F 165 -3.61 -16.70 -6.79
C ARG F 165 -3.69 -18.03 -7.56
N PRO F 166 -2.51 -18.63 -7.82
CA PRO F 166 -2.42 -20.00 -8.34
C PRO F 166 -2.77 -21.03 -7.25
N GLU F 167 -2.24 -20.81 -6.04
CA GLU F 167 -2.57 -21.62 -4.86
C GLU F 167 -4.08 -21.77 -4.60
N ALA F 168 -4.90 -20.95 -5.25
CA ALA F 168 -6.35 -21.14 -5.17
C ALA F 168 -7.06 -21.22 -6.52
N GLY F 169 -6.35 -21.75 -7.53
CA GLY F 169 -6.96 -22.15 -8.81
C GLY F 169 -6.81 -21.19 -9.97
N GLY F 170 -5.90 -20.21 -9.86
CA GLY F 170 -5.68 -19.28 -10.97
C GLY F 170 -4.89 -19.89 -12.12
N GLY F 171 -4.84 -19.19 -13.24
CA GLY F 171 -4.00 -19.60 -14.37
C GLY F 171 -4.71 -20.30 -15.52
N VAL F 172 -4.06 -20.28 -16.68
CA VAL F 172 -4.65 -20.79 -17.93
C VAL F 172 -4.77 -22.31 -17.99
N ILE F 173 -3.80 -23.02 -17.40
CA ILE F 173 -3.74 -24.48 -17.47
C ILE F 173 -4.98 -25.08 -16.85
N LEU F 174 -5.20 -24.74 -15.58
CA LEU F 174 -6.32 -25.24 -14.81
C LEU F 174 -7.69 -24.72 -15.31
N ASP F 175 -7.71 -23.51 -15.85
CA ASP F 175 -8.92 -22.98 -16.42
C ASP F 175 -9.26 -23.47 -17.84
N ILE F 176 -8.29 -23.56 -18.74
CA ILE F 176 -8.59 -24.04 -20.09
C ILE F 176 -8.13 -25.49 -20.39
N THR F 177 -6.89 -25.82 -20.04
CA THR F 177 -6.24 -27.01 -20.51
C THR F 177 -6.99 -28.27 -20.13
N VAL F 178 -7.69 -28.25 -19.00
CA VAL F 178 -8.44 -29.42 -18.54
C VAL F 178 -9.58 -29.72 -19.51
N HIS F 179 -10.05 -28.69 -20.21
CA HIS F 179 -11.12 -28.82 -21.22
C HIS F 179 -10.56 -29.48 -22.49
N ASP F 180 -9.44 -28.91 -22.95
CA ASP F 180 -8.66 -29.48 -24.03
C ASP F 180 -8.45 -30.96 -23.77
N ALA F 181 -7.83 -31.27 -22.62
CA ALA F 181 -7.60 -32.63 -22.16
C ALA F 181 -8.87 -33.48 -22.24
N ASP F 182 -9.99 -32.92 -21.82
CA ASP F 182 -11.22 -33.68 -21.81
C ASP F 182 -11.68 -34.01 -23.21
N THR F 183 -11.77 -33.00 -24.07
CA THR F 183 -12.32 -33.20 -25.40
C THR F 183 -11.48 -34.24 -26.16
N LEU F 184 -10.16 -34.09 -26.11
CA LEU F 184 -9.25 -35.11 -26.58
C LEU F 184 -9.63 -36.52 -26.14
N ARG F 185 -9.77 -36.79 -24.85
CA ARG F 185 -10.17 -38.15 -24.42
C ARG F 185 -11.57 -38.53 -24.93
N PHE F 186 -12.43 -37.53 -25.10
CA PHE F 186 -13.72 -37.77 -25.67
C PHE F 186 -13.59 -38.15 -27.14
N VAL F 187 -13.03 -37.22 -27.92
CA VAL F 187 -12.92 -37.34 -29.37
C VAL F 187 -12.03 -38.50 -29.82
N LEU F 188 -10.86 -38.66 -29.21
CA LEU F 188 -9.90 -39.72 -29.56
C LEU F 188 -10.36 -41.06 -29.00
N ASN F 189 -11.33 -41.01 -28.09
CA ASN F 189 -11.61 -42.16 -27.25
C ASN F 189 -10.34 -42.94 -26.87
N ASP F 190 -9.47 -42.25 -26.12
CA ASP F 190 -8.16 -42.78 -25.77
C ASP F 190 -7.63 -41.95 -24.59
N ASP F 191 -6.70 -42.49 -23.82
CA ASP F 191 -6.11 -41.72 -22.70
C ASP F 191 -4.70 -41.14 -22.92
N PRO F 192 -4.47 -39.92 -22.42
CA PRO F 192 -3.13 -39.32 -22.44
C PRO F 192 -2.22 -40.06 -21.45
N ALA F 193 -0.91 -39.98 -21.70
CA ALA F 193 0.08 -40.78 -20.97
C ALA F 193 1.20 -39.89 -20.48
N GLU F 194 1.49 -38.83 -21.22
CA GLU F 194 2.44 -37.83 -20.74
C GLU F 194 2.35 -36.48 -21.46
N ALA F 195 3.01 -35.46 -20.91
CA ALA F 195 2.95 -34.09 -21.43
C ALA F 195 4.27 -33.38 -21.26
N VAL F 196 4.65 -32.63 -22.29
CA VAL F 196 5.62 -31.56 -22.16
C VAL F 196 4.86 -30.26 -22.38
N ALA F 197 5.48 -29.16 -22.00
CA ALA F 197 4.79 -27.88 -22.02
C ALA F 197 5.76 -26.75 -21.67
N ILE F 198 5.50 -25.59 -22.23
CA ILE F 198 6.19 -24.38 -21.85
C ILE F 198 5.09 -23.36 -21.67
N SER F 199 5.11 -22.65 -20.53
CA SER F 199 4.17 -21.54 -20.28
C SER F 199 4.88 -20.20 -20.25
N HIS F 200 4.14 -19.13 -20.51
CA HIS F 200 4.64 -17.80 -20.25
C HIS F 200 3.61 -16.93 -19.48
N SER F 201 3.95 -15.67 -19.29
CA SER F 201 3.07 -14.70 -18.64
C SER F 201 3.33 -13.40 -19.36
N ALA F 202 2.51 -13.07 -20.35
CA ALA F 202 2.84 -11.97 -21.26
C ALA F 202 1.93 -10.77 -21.04
N GLY F 203 1.82 -10.32 -19.79
CA GLY F 203 1.17 -9.03 -19.50
C GLY F 203 -0.14 -9.07 -18.73
N MET F 204 -0.87 -10.19 -18.82
CA MET F 204 -2.18 -10.34 -18.20
C MET F 204 -2.08 -11.00 -16.79
N GLY F 205 -1.57 -12.22 -16.71
CA GLY F 205 -1.49 -12.90 -15.42
C GLY F 205 -0.53 -12.20 -14.47
N LYS F 206 -0.93 -12.05 -13.20
CA LYS F 206 -0.08 -11.35 -12.23
C LYS F 206 0.86 -12.30 -11.47
N GLU F 207 2.07 -11.81 -11.16
CA GLU F 207 3.12 -12.64 -10.55
C GLU F 207 3.27 -14.02 -11.20
N GLY F 208 3.37 -15.05 -10.37
CA GLY F 208 3.64 -16.42 -10.85
C GLY F 208 2.48 -17.11 -11.58
N VAL F 209 1.68 -16.32 -12.31
CA VAL F 209 0.46 -16.81 -12.90
C VAL F 209 0.59 -16.76 -14.41
N GLU F 210 0.59 -17.94 -15.02
CA GLU F 210 0.76 -18.07 -16.45
C GLU F 210 -0.58 -17.74 -17.11
N ASP F 211 -0.53 -16.94 -18.18
CA ASP F 211 -1.73 -16.70 -18.99
C ASP F 211 -1.69 -17.31 -20.41
N GLY F 212 -0.69 -18.16 -20.64
CA GLY F 212 -0.47 -18.76 -21.96
C GLY F 212 0.34 -20.02 -21.77
N VAL F 213 -0.10 -21.09 -22.42
CA VAL F 213 0.63 -22.36 -22.40
C VAL F 213 0.45 -23.05 -23.75
N MET F 214 1.53 -23.69 -24.20
CA MET F 214 1.57 -24.51 -25.39
C MET F 214 2.27 -25.79 -24.96
N GLY F 215 1.76 -26.92 -25.39
CA GLY F 215 2.31 -28.16 -24.91
C GLY F 215 2.00 -29.28 -25.88
N VAL F 216 2.39 -30.49 -25.51
CA VAL F 216 2.14 -31.67 -26.31
C VAL F 216 1.76 -32.80 -25.36
N LEU F 217 0.68 -33.51 -25.69
CA LEU F 217 0.34 -34.77 -25.03
C LEU F 217 0.63 -35.99 -25.90
N ARG F 218 1.10 -37.06 -25.28
CA ARG F 218 1.25 -38.32 -25.96
C ARG F 218 0.14 -39.25 -25.48
N PHE F 219 -0.76 -39.61 -26.38
CA PHE F 219 -1.77 -40.62 -26.06
C PHE F 219 -1.24 -42.06 -26.09
N GLN F 220 -2.01 -42.96 -25.51
CA GLN F 220 -1.51 -44.31 -25.27
C GLN F 220 -1.63 -45.18 -26.51
N SER F 221 -2.43 -44.70 -27.47
CA SER F 221 -2.36 -45.14 -28.85
C SER F 221 -1.14 -44.56 -29.59
N GLY F 222 -0.35 -43.73 -28.90
CA GLY F 222 0.87 -43.18 -29.49
C GLY F 222 0.65 -41.93 -30.34
N VAL F 223 -0.60 -41.60 -30.62
CA VAL F 223 -0.92 -40.31 -31.22
C VAL F 223 -0.49 -39.17 -30.31
N ILE F 224 0.10 -38.14 -30.93
CA ILE F 224 0.60 -36.99 -30.21
C ILE F 224 -0.36 -35.81 -30.41
N ALA F 225 -0.73 -35.13 -29.32
CA ALA F 225 -1.70 -34.03 -29.41
C ALA F 225 -1.14 -32.73 -28.87
N GLN F 226 -1.13 -31.70 -29.70
CA GLN F 226 -0.65 -30.40 -29.25
C GLN F 226 -1.81 -29.49 -28.87
N PHE F 227 -1.62 -28.67 -27.84
CA PHE F 227 -2.64 -27.74 -27.40
C PHE F 227 -2.05 -26.34 -27.24
N HIS F 228 -2.87 -25.31 -27.46
CA HIS F 228 -2.45 -23.93 -27.17
C HIS F 228 -3.60 -23.23 -26.47
N ASP F 229 -3.41 -22.91 -25.19
CA ASP F 229 -4.43 -22.30 -24.36
C ASP F 229 -3.92 -20.96 -23.84
N ALA F 230 -4.65 -19.86 -24.07
CA ALA F 230 -4.17 -18.52 -23.65
C ALA F 230 -5.32 -17.61 -23.24
N PHE F 231 -5.04 -16.62 -22.39
CA PHE F 231 -6.00 -15.57 -22.02
C PHE F 231 -5.83 -14.31 -22.88
N THR F 232 -4.77 -14.26 -23.69
CA THR F 232 -4.13 -13.01 -24.06
C THR F 232 -4.22 -12.61 -25.55
N THR F 233 -5.04 -13.31 -26.34
CA THR F 233 -4.99 -13.16 -27.80
C THR F 233 -6.38 -12.90 -28.40
N LYS F 234 -6.65 -11.67 -28.81
CA LYS F 234 -8.02 -11.32 -29.17
C LYS F 234 -8.46 -11.96 -30.48
N PHE F 235 -7.49 -12.23 -31.36
CA PHE F 235 -7.78 -12.42 -32.78
C PHE F 235 -7.39 -13.80 -33.31
N ALA F 236 -7.35 -14.78 -32.42
CA ALA F 236 -7.18 -16.16 -32.81
C ALA F 236 -8.49 -16.89 -32.60
N GLU F 237 -8.95 -17.64 -33.58
CA GLU F 237 -10.16 -18.41 -33.37
C GLU F 237 -9.84 -19.78 -32.78
N THR F 238 -10.80 -20.39 -32.11
CA THR F 238 -10.62 -21.75 -31.60
C THR F 238 -10.71 -22.86 -32.68
N GLY F 239 -10.14 -24.02 -32.40
CA GLY F 239 -10.13 -25.09 -33.38
C GLY F 239 -9.84 -26.42 -32.72
N PHE F 240 -9.97 -27.49 -33.48
CA PHE F 240 -9.70 -28.82 -32.96
C PHE F 240 -9.62 -29.74 -34.18
N GLU F 241 -8.42 -30.27 -34.42
CA GLU F 241 -8.17 -31.05 -35.65
C GLU F 241 -7.64 -32.41 -35.29
N VAL F 242 -8.16 -33.43 -35.97
CA VAL F 242 -7.58 -34.76 -35.88
C VAL F 242 -7.25 -35.28 -37.28
N HIS F 243 -6.00 -35.75 -37.42
CA HIS F 243 -5.44 -36.27 -38.66
C HIS F 243 -5.14 -37.77 -38.57
N GLY F 244 -5.75 -38.54 -39.45
CA GLY F 244 -5.50 -39.98 -39.53
C GLY F 244 -4.88 -40.42 -40.86
N THR F 245 -4.91 -41.74 -41.12
CA THR F 245 -4.22 -42.31 -42.28
C THR F 245 -5.06 -42.25 -43.55
N GLU F 246 -6.38 -42.41 -43.44
CA GLU F 246 -7.24 -42.17 -44.60
C GLU F 246 -7.90 -40.78 -44.67
N GLY F 247 -7.80 -39.98 -43.60
CA GLY F 247 -8.62 -38.77 -43.47
C GLY F 247 -8.27 -37.80 -42.34
N SER F 248 -8.91 -36.64 -42.37
CA SER F 248 -8.53 -35.49 -41.56
C SER F 248 -9.77 -34.70 -41.13
N LEU F 249 -10.03 -34.63 -39.83
CA LEU F 249 -11.13 -33.80 -39.28
C LEU F 249 -10.65 -32.44 -38.81
N ILE F 250 -11.18 -31.36 -39.38
CA ILE F 250 -10.91 -30.04 -38.83
C ILE F 250 -12.14 -29.27 -38.30
N GLY F 251 -12.26 -29.19 -36.97
CA GLY F 251 -13.10 -28.19 -36.31
C GLY F 251 -12.48 -26.81 -36.39
N ARG F 252 -13.28 -25.82 -36.76
CA ARG F 252 -12.92 -24.39 -36.58
C ARG F 252 -13.94 -23.71 -35.67
N ASN F 253 -13.50 -22.70 -34.89
CA ASN F 253 -14.37 -21.99 -33.93
C ASN F 253 -15.23 -22.95 -33.09
N VAL F 254 -14.61 -24.00 -32.54
CA VAL F 254 -15.36 -25.13 -32.01
C VAL F 254 -15.11 -25.33 -30.50
N MET F 255 -14.38 -24.40 -29.91
CA MET F 255 -13.95 -24.49 -28.50
C MET F 255 -14.69 -23.49 -27.58
N THR F 256 -15.68 -22.78 -28.14
CA THR F 256 -16.45 -21.80 -27.37
C THR F 256 -17.57 -22.48 -26.60
N GLN F 257 -18.21 -21.75 -25.70
CA GLN F 257 -19.32 -22.26 -24.91
C GLN F 257 -20.62 -22.41 -25.72
N LYS F 258 -20.76 -21.63 -26.79
CA LYS F 258 -21.97 -21.67 -27.61
C LYS F 258 -22.00 -22.88 -28.56
N PRO F 259 -23.18 -23.22 -29.06
CA PRO F 259 -23.25 -24.34 -29.99
C PRO F 259 -22.98 -23.83 -31.41
N VAL F 260 -21.80 -23.26 -31.62
CA VAL F 260 -21.35 -22.87 -32.95
C VAL F 260 -20.11 -23.65 -33.43
N GLY F 261 -19.65 -23.32 -34.65
CA GLY F 261 -18.47 -23.95 -35.26
C GLY F 261 -18.75 -24.87 -36.44
N THR F 262 -17.75 -25.02 -37.32
CA THR F 262 -17.83 -25.94 -38.47
C THR F 262 -16.94 -27.17 -38.25
N VAL F 263 -17.18 -28.24 -38.99
CA VAL F 263 -16.22 -29.35 -39.08
C VAL F 263 -16.19 -29.91 -40.52
N THR F 264 -14.99 -29.94 -41.11
CA THR F 264 -14.73 -30.48 -42.45
C THR F 264 -14.08 -31.87 -42.34
N LEU F 265 -14.66 -32.89 -42.97
CA LEU F 265 -13.89 -34.09 -43.37
C LEU F 265 -13.14 -33.79 -44.66
N ARG F 266 -11.85 -34.14 -44.67
CA ARG F 266 -11.04 -34.15 -45.90
C ARG F 266 -10.47 -35.55 -46.13
N ASN F 267 -10.66 -36.09 -47.34
CA ASN F 267 -10.00 -37.35 -47.75
C ASN F 267 -9.61 -37.58 -49.23
N ALA F 268 -9.78 -38.82 -49.69
CA ALA F 268 -9.85 -39.15 -51.12
C ALA F 268 -10.85 -38.26 -51.87
N GLU F 269 -12.14 -38.38 -51.53
CA GLU F 269 -13.19 -37.49 -52.04
C GLU F 269 -12.76 -36.02 -52.20
N GLY F 270 -12.86 -35.25 -51.12
CA GLY F 270 -12.69 -33.80 -51.20
C GLY F 270 -12.82 -33.05 -49.87
N GLU F 271 -13.97 -32.40 -49.68
CA GLU F 271 -14.07 -31.27 -48.76
C GLU F 271 -15.47 -31.15 -48.17
N SER F 272 -15.94 -32.17 -47.45
CA SER F 272 -17.33 -32.22 -47.01
C SER F 272 -17.60 -31.77 -45.56
N GLN F 273 -18.16 -30.57 -45.41
CA GLN F 273 -18.77 -30.13 -44.14
C GLN F 273 -19.86 -31.10 -43.71
N LEU F 274 -19.83 -31.48 -42.44
CA LEU F 274 -20.87 -32.35 -41.91
C LEU F 274 -22.09 -31.53 -41.46
N PRO F 275 -23.31 -32.08 -41.63
CA PRO F 275 -24.44 -31.48 -40.93
C PRO F 275 -24.30 -31.73 -39.43
N LEU F 276 -24.06 -30.66 -38.68
CA LEU F 276 -24.04 -30.74 -37.23
C LEU F 276 -25.40 -30.29 -36.74
N ASP F 277 -25.89 -30.90 -35.66
CA ASP F 277 -27.14 -30.43 -35.06
C ASP F 277 -26.93 -29.57 -33.81
N PRO F 278 -26.90 -28.22 -34.00
CA PRO F 278 -26.52 -27.29 -32.93
C PRO F 278 -27.50 -27.27 -31.76
N ALA F 279 -27.09 -27.88 -30.66
CA ALA F 279 -27.84 -27.85 -29.42
C ALA F 279 -26.96 -27.23 -28.33
N ASN F 280 -27.54 -26.29 -27.58
CA ASN F 280 -26.92 -25.75 -26.36
C ASN F 280 -26.23 -26.84 -25.57
N LEU F 281 -24.96 -26.61 -25.23
CA LEU F 281 -24.12 -27.64 -24.63
C LEU F 281 -24.61 -28.05 -23.24
N TYR F 282 -25.13 -27.07 -22.50
CA TYR F 282 -25.53 -27.29 -21.11
C TYR F 282 -26.90 -27.93 -20.98
N GLU F 283 -27.82 -27.56 -21.87
CA GLU F 283 -29.07 -28.27 -21.94
C GLU F 283 -28.77 -29.77 -22.15
N THR F 284 -27.74 -30.07 -22.95
CA THR F 284 -27.32 -31.47 -23.19
C THR F 284 -26.59 -32.10 -21.99
N ALA F 285 -25.57 -31.39 -21.49
CA ALA F 285 -25.00 -31.69 -20.20
C ALA F 285 -26.11 -32.04 -19.21
N LEU F 286 -27.00 -31.08 -18.95
CA LEU F 286 -27.98 -31.22 -17.87
C LEU F 286 -29.03 -32.31 -18.09
N ALA F 287 -29.55 -32.38 -19.31
CA ALA F 287 -30.53 -33.41 -19.67
C ALA F 287 -29.99 -34.82 -19.41
N ALA F 288 -28.73 -35.03 -19.75
CA ALA F 288 -28.04 -36.29 -19.45
C ALA F 288 -27.86 -36.50 -17.94
N PHE F 289 -27.57 -35.42 -17.22
CA PHE F 289 -27.47 -35.51 -15.76
C PHE F 289 -28.78 -35.99 -15.13
N HIS F 290 -29.87 -35.32 -15.48
CA HIS F 290 -31.20 -35.69 -15.04
C HIS F 290 -31.52 -37.17 -15.29
N SER F 291 -31.10 -37.69 -16.43
CA SER F 291 -31.34 -39.10 -16.77
C SER F 291 -30.51 -40.04 -15.88
N ALA F 292 -29.29 -39.63 -15.56
CA ALA F 292 -28.47 -40.35 -14.57
C ALA F 292 -29.15 -40.38 -13.18
N ILE F 293 -29.74 -39.24 -12.84
CA ILE F 293 -30.57 -39.10 -11.64
C ILE F 293 -31.71 -40.11 -11.71
N GLU F 294 -32.27 -40.29 -12.92
CA GLU F 294 -33.30 -41.29 -13.20
C GLU F 294 -32.78 -42.75 -13.28
N GLY F 295 -31.47 -42.93 -13.16
CA GLY F 295 -30.86 -44.28 -13.25
C GLY F 295 -30.49 -44.69 -14.68
N HIS F 296 -31.16 -44.08 -15.66
CA HIS F 296 -30.89 -44.32 -17.09
C HIS F 296 -29.54 -43.72 -17.56
N GLY F 297 -28.43 -44.38 -17.20
CA GLY F 297 -27.12 -44.07 -17.76
C GLY F 297 -26.12 -43.44 -16.80
N GLN F 298 -25.28 -42.54 -17.31
CA GLN F 298 -24.44 -41.67 -16.48
C GLN F 298 -24.46 -40.24 -17.02
N PRO F 299 -23.79 -39.29 -16.31
CA PRO F 299 -23.69 -37.90 -16.77
C PRO F 299 -22.81 -37.80 -18.01
N SER F 300 -23.01 -36.78 -18.83
CA SER F 300 -22.21 -36.64 -20.04
C SER F 300 -20.71 -36.80 -19.76
N ALA F 301 -20.22 -36.17 -18.69
CA ALA F 301 -18.85 -36.37 -18.22
C ALA F 301 -18.83 -36.64 -16.72
N THR F 302 -18.05 -37.62 -16.28
CA THR F 302 -18.26 -38.21 -14.96
C THR F 302 -17.25 -37.73 -13.93
N GLY F 303 -17.30 -38.33 -12.74
CA GLY F 303 -16.30 -38.03 -11.71
C GLY F 303 -14.94 -38.39 -12.25
N GLU F 304 -14.82 -39.62 -12.73
CA GLU F 304 -13.57 -40.11 -13.29
C GLU F 304 -13.04 -39.22 -14.44
N ASP F 305 -13.93 -38.83 -15.35
CA ASP F 305 -13.58 -37.87 -16.40
C ASP F 305 -12.89 -36.65 -15.82
N GLY F 306 -13.38 -36.14 -14.69
CA GLY F 306 -12.77 -34.99 -14.01
C GLY F 306 -11.39 -35.25 -13.40
N VAL F 307 -11.20 -36.45 -12.86
CA VAL F 307 -9.89 -36.84 -12.35
C VAL F 307 -8.90 -36.90 -13.50
N TRP F 308 -9.38 -37.42 -14.63
CA TRP F 308 -8.57 -37.51 -15.85
C TRP F 308 -8.11 -36.13 -16.33
N SER F 309 -9.07 -35.23 -16.55
CA SER F 309 -8.72 -33.89 -17.00
C SER F 309 -7.83 -33.16 -15.99
N LEU F 310 -8.09 -33.34 -14.70
CA LEU F 310 -7.21 -32.76 -13.67
C LEU F 310 -5.80 -33.35 -13.74
N ALA F 311 -5.69 -34.69 -13.79
CA ALA F 311 -4.40 -35.35 -13.93
C ALA F 311 -3.56 -34.77 -15.10
N THR F 312 -4.18 -34.65 -16.27
CA THR F 312 -3.59 -33.97 -17.41
C THR F 312 -3.16 -32.52 -17.08
N GLY F 313 -4.11 -31.72 -16.57
CA GLY F 313 -3.87 -30.31 -16.27
C GLY F 313 -2.67 -30.14 -15.37
N LEU F 314 -2.60 -30.95 -14.31
CA LEU F 314 -1.49 -30.89 -13.33
C LEU F 314 -0.16 -31.40 -13.88
N ALA F 315 -0.19 -32.41 -14.76
CA ALA F 315 1.04 -32.81 -15.48
C ALA F 315 1.50 -31.68 -16.40
N VAL F 316 0.57 -31.05 -17.09
CA VAL F 316 0.95 -29.85 -17.85
C VAL F 316 1.67 -28.81 -16.98
N VAL F 317 1.11 -28.50 -15.79
CA VAL F 317 1.72 -27.54 -14.82
C VAL F 317 3.15 -27.94 -14.40
N LYS F 318 3.33 -29.20 -14.01
CA LYS F 318 4.64 -29.78 -13.69
C LYS F 318 5.71 -29.68 -14.81
N ALA F 319 5.30 -29.99 -16.05
CA ALA F 319 6.18 -29.90 -17.21
C ALA F 319 6.58 -28.45 -17.48
N ALA F 320 5.61 -27.55 -17.43
CA ALA F 320 5.91 -26.17 -17.74
C ALA F 320 6.86 -25.63 -16.72
N ALA F 321 6.75 -26.07 -15.47
CA ALA F 321 7.55 -25.43 -14.43
C ALA F 321 8.95 -25.97 -14.35
N THR F 322 9.11 -27.28 -14.54
CA THR F 322 10.40 -27.96 -14.37
C THR F 322 11.16 -28.17 -15.69
N GLY F 323 10.42 -28.48 -16.75
CA GLY F 323 10.99 -28.62 -18.07
C GLY F 323 11.13 -30.07 -18.45
N GLN F 324 10.34 -30.93 -17.82
CA GLN F 324 10.59 -32.37 -17.83
C GLN F 324 9.28 -33.09 -18.11
N ALA F 325 9.31 -34.07 -19.01
CA ALA F 325 8.07 -34.75 -19.35
C ALA F 325 7.44 -35.21 -18.05
N ALA F 326 6.12 -35.02 -17.93
CA ALA F 326 5.36 -35.41 -16.73
C ALA F 326 4.33 -36.45 -17.12
N GLU F 327 4.32 -37.56 -16.38
CA GLU F 327 3.39 -38.63 -16.71
C GLU F 327 2.01 -38.41 -16.10
N ILE F 328 0.99 -38.76 -16.87
CA ILE F 328 -0.36 -38.56 -16.45
C ILE F 328 -0.84 -39.83 -15.77
N GLU F 329 -1.02 -39.73 -14.46
CA GLU F 329 -1.48 -40.86 -13.68
C GLU F 329 -2.69 -40.50 -12.82
N THR F 330 -3.83 -41.04 -13.23
CA THR F 330 -5.14 -40.82 -12.65
C THR F 330 -5.18 -41.29 -11.18
N GLY F 331 -4.28 -42.22 -10.85
CA GLY F 331 -4.14 -42.73 -9.48
C GLY F 331 -5.25 -43.66 -9.09
N LEU F 332 -6.24 -43.80 -9.95
CA LEU F 332 -7.46 -44.52 -9.61
C LEU F 332 -7.17 -45.96 -9.16
C ACT G . 3.23 17.50 41.04
O ACT G . 2.84 18.28 40.14
OXT ACT G . 4.39 17.76 41.54
CH3 ACT G . 2.39 16.32 41.46
PA NDP H . 13.04 17.70 37.60
O1A NDP H . 13.77 18.74 38.35
O2A NDP H . 13.24 16.24 37.84
O5B NDP H . 13.19 17.92 35.99
C5B NDP H . 13.22 19.20 35.40
C4B NDP H . 14.55 19.48 34.69
O4B NDP H . 15.69 19.27 35.54
C3B NDP H . 14.82 18.58 33.51
O3B NDP H . 14.27 19.24 32.37
C2B NDP H . 16.34 18.40 33.45
O2B NDP H . 16.96 19.19 32.42
C1B NDP H . 16.85 18.98 34.74
N9A NDP H . 17.77 18.06 35.44
C8A NDP H . 17.60 16.75 35.69
N7A NDP H . 18.66 16.28 36.37
C5A NDP H . 19.51 17.30 36.51
C6A NDP H . 20.82 17.47 37.16
N6A NDP H . 21.41 16.38 37.75
N1A NDP H . 21.39 18.70 37.17
C2A NDP H . 20.79 19.75 36.55
N3A NDP H . 19.58 19.62 35.95
C4A NDP H . 18.93 18.43 35.94
O3 NDP H . 11.49 18.09 37.87
PN NDP H . 10.13 17.20 37.79
O1N NDP H . 10.27 16.09 36.83
O2N NDP H . 9.66 16.95 39.19
O5D NDP H . 9.16 18.26 37.11
C5D NDP H . 9.30 18.78 35.78
C4D NDP H . 7.99 19.50 35.35
O4D NDP H . 6.89 18.57 35.39
C3D NDP H . 7.53 20.72 36.11
O3D NDP H . 6.88 21.57 35.12
C2D NDP H . 6.49 20.14 37.06
O2D NDP H . 5.45 21.08 37.32
C1D NDP H . 5.87 19.04 36.26
N1N NDP H . 5.38 17.93 37.09
C2N NDP H . 4.14 17.46 36.86
C3N NDP H . 3.63 16.43 37.65
C7N NDP H . 2.26 15.88 37.38
O7N NDP H . 1.94 14.82 37.91
N7N NDP H . 1.45 16.43 36.44
C4N NDP H . 4.41 15.87 38.53
C5N NDP H . 5.61 16.30 38.77
C6N NDP H . 6.16 17.36 38.01
P2B NDP H . 17.19 18.63 30.94
O1X NDP H . 18.08 17.45 31.18
O2X NDP H . 15.90 18.16 30.32
O3X NDP H . 17.69 19.86 30.25
C ACT I . 38.09 29.14 16.33
O ACT I . 37.16 29.06 15.46
OXT ACT I . 38.10 28.19 17.18
CH3 ACT I . 39.13 30.23 16.32
PA NDP J . 32.70 26.23 24.77
O1A NDP J . 32.77 24.76 25.07
O2A NDP J . 33.26 27.20 25.73
O5B NDP J . 31.17 26.74 24.64
C5B NDP J . 30.11 26.00 24.07
C4B NDP J . 29.02 25.77 25.13
O4B NDP J . 29.58 25.02 26.21
C3B NDP J . 28.35 26.97 25.83
O3B NDP J . 27.22 27.43 25.04
C2B NDP J . 27.96 26.46 27.22
O2B NDP J . 26.62 25.96 27.27
C1B NDP J . 28.70 25.13 27.32
N9A NDP J . 29.42 24.99 28.58
C8A NDP J . 30.37 25.82 29.01
N7A NDP J . 30.81 25.35 30.19
C5A NDP J . 30.15 24.21 30.46
C6A NDP J . 30.23 23.26 31.60
N6A NDP J . 31.09 23.53 32.63
N1A NDP J . 29.40 22.20 31.56
C2A NDP J . 28.57 22.00 30.50
N3A NDP J . 28.49 22.87 29.47
C4A NDP J . 29.27 23.98 29.44
O3 NDP J . 33.11 26.43 23.22
PN NDP J . 33.82 27.69 22.46
O1N NDP J . 33.32 29.03 22.98
O2N NDP J . 35.28 27.43 22.22
O5D NDP J . 33.01 27.47 21.09
C5D NDP J . 31.70 28.04 20.95
C4D NDP J . 31.20 28.17 19.51
O4D NDP J . 31.83 29.33 18.97
C3D NDP J . 31.45 27.04 18.54
O3D NDP J . 30.39 27.00 17.54
C2D NDP J . 32.77 27.43 17.89
O2D NDP J . 32.74 27.00 16.53
C1D NDP J . 32.71 28.95 17.93
N1N NDP J . 34.00 29.64 18.06
C2N NDP J . 34.24 30.64 17.23
C3N NDP J . 35.44 31.35 17.28
C7N NDP J . 35.70 32.50 16.33
O7N NDP J . 36.68 33.16 16.49
N7N NDP J . 34.88 32.85 15.37
C4N NDP J . 36.30 31.05 18.20
C5N NDP J . 36.06 30.12 19.06
C6N NDP J . 34.89 29.38 19.01
P2B NDP J . 25.42 26.87 27.83
O1X NDP J . 25.78 27.07 29.28
O2X NDP J . 25.54 28.13 26.97
O3X NDP J . 24.17 26.06 27.58
C ACT K . -20.97 -9.36 22.89
O ACT K . -21.29 -10.56 22.75
OXT ACT K . -21.38 -8.59 21.99
CH3 ACT K . -20.18 -8.85 24.07
PA NDP L . -18.33 -8.91 12.73
O1A NDP L . -19.38 -8.50 11.71
O2A NDP L . -17.18 -7.98 12.95
O5B NDP L . -17.76 -10.35 12.29
C5B NDP L . -18.57 -11.39 11.76
C4B NDP L . -18.31 -11.61 10.26
O4B NDP L . -18.34 -10.38 9.54
C3B NDP L . -16.94 -12.16 9.92
O3B NDP L . -17.01 -13.59 9.94
C2B NDP L . -16.64 -11.63 8.54
O2B NDP L . -16.75 -12.66 7.55
C1B NDP L . -17.73 -10.61 8.27
N9A NDP L . -17.15 -9.34 7.83
C8A NDP L . -16.13 -8.69 8.41
N7A NDP L . -15.87 -7.54 7.74
C5A NDP L . -16.74 -7.53 6.71
C6A NDP L . -16.97 -6.55 5.63
N6A NDP L . -16.16 -5.46 5.62
N1A NDP L . -17.98 -6.79 4.74
C2A NDP L . -18.74 -7.90 4.85
N3A NDP L . -18.54 -8.81 5.82
C4A NDP L . -17.56 -8.63 6.76
O3 NDP L . -19.10 -9.24 14.12
PN NDP L . -18.56 -9.55 15.61
O1N NDP L . -17.13 -9.93 15.78
O2N NDP L . -19.06 -8.42 16.48
O5D NDP L . -19.45 -10.86 15.95
C5D NDP L . -19.03 -12.15 15.44
C4D NDP L . -19.44 -13.34 16.30
O4D NDP L . -18.76 -13.31 17.56
C3D NDP L . -20.93 -13.45 16.58
O3D NDP L . -21.29 -14.86 16.65
C2D NDP L . -21.03 -12.86 18.00
O2D NDP L . -22.21 -13.31 18.73
C1D NDP L . -19.72 -13.27 18.64
N1N NDP L . -19.25 -12.23 19.58
C2N NDP L . -18.87 -12.53 20.84
C3N NDP L . -18.47 -11.51 21.70
C7N NDP L . -18.02 -11.82 23.11
O7N NDP L . -17.54 -10.95 23.83
N7N NDP L . -18.06 -13.08 23.51
C4N NDP L . -18.41 -10.30 21.26
C5N NDP L . -18.77 -9.98 20.06
C6N NDP L . -19.20 -10.96 19.16
P2B NDP L . -15.44 -13.39 6.98
O1X NDP L . -14.64 -12.21 6.44
O2X NDP L . -14.85 -14.15 8.14
O3X NDP L . -16.02 -14.31 5.96
C ACT M . 12.06 -30.11 -48.03
O ACT M . 13.02 -29.38 -47.69
OXT ACT M . 12.23 -31.35 -47.88
CH3 ACT M . 10.76 -29.56 -48.57
PA NDP N . 17.43 -37.15 -53.20
O1A NDP N . 17.60 -38.49 -52.56
O2A NDP N . 16.50 -37.04 -54.39
O5B NDP N . 18.88 -36.57 -53.55
C5B NDP N . 20.01 -36.84 -52.70
C4B NDP N . 20.94 -37.93 -53.24
O4B NDP N . 20.26 -39.09 -53.73
C3B NDP N . 21.79 -37.46 -54.41
O3B NDP N . 23.00 -36.97 -53.86
C2B NDP N . 22.01 -38.68 -55.31
O2B NDP N . 23.33 -39.18 -55.14
C1B NDP N . 21.09 -39.73 -54.72
N9A NDP N . 20.27 -40.48 -55.70
C8A NDP N . 19.41 -40.00 -56.61
N7A NDP N . 18.83 -41.04 -57.26
C5A NDP N . 19.32 -42.16 -56.72
C6A NDP N . 19.12 -43.62 -56.96
N6A NDP N . 18.24 -44.05 -57.92
N1A NDP N . 19.79 -44.51 -56.20
C2A NDP N . 20.64 -44.09 -55.24
N3A NDP N . 20.85 -42.79 -54.99
C4A NDP N . 20.20 -41.81 -55.71
O3 NDP N . 17.00 -36.12 -52.02
PN NDP N . 16.41 -34.61 -52.14
O1N NDP N . 16.81 -33.89 -53.40
O2N NDP N . 14.94 -34.69 -51.82
O5D NDP N . 17.23 -33.90 -50.94
C5D NDP N . 18.63 -33.63 -51.04
C4D NDP N . 19.18 -32.66 -50.00
O4D NDP N . 18.63 -31.35 -50.19
C3D NDP N . 18.89 -33.03 -48.53
O3D NDP N . 19.96 -32.45 -47.75
C2D NDP N . 17.60 -32.28 -48.25
O2D NDP N . 17.39 -31.91 -46.88
C1D NDP N . 17.81 -31.02 -49.05
N1N NDP N . 16.55 -30.54 -49.58
C2N NDP N . 16.35 -29.24 -49.55
C3N NDP N . 15.17 -28.77 -50.08
C7N NDP N . 14.90 -27.30 -49.99
O7N NDP N . 13.90 -26.87 -50.52
N7N NDP N . 15.72 -26.52 -49.31
C4N NDP N . 14.33 -29.57 -50.66
C5N NDP N . 14.51 -30.85 -50.69
C6N NDP N . 15.66 -31.38 -50.13
P2B NDP N . 24.61 -38.81 -56.06
O1X NDP N . 24.20 -39.46 -57.35
O2X NDP N . 24.82 -37.33 -56.09
O3X NDP N . 25.77 -39.43 -55.34
C ACT O . -9.57 23.80 -9.93
O ACT O . -10.46 23.03 -10.39
OXT ACT O . -9.30 24.78 -10.67
CH3 ACT O . -8.94 23.63 -8.56
PA NDP P . -4.80 26.32 -18.63
O1A NDP P . -5.30 27.46 -19.44
O2A NDP P . -3.46 26.47 -17.89
O5B NDP P . -4.70 25.06 -19.60
C5B NDP P . -5.73 24.95 -20.60
C4B NDP P . -5.19 25.15 -22.02
O4B NDP P . -4.46 26.36 -22.11
C3B NDP P . -4.19 24.10 -22.49
O3B NDP P . -4.94 23.04 -23.08
C2B NDP P . -3.28 24.81 -23.47
O2B NDP P . -3.55 24.39 -24.82
C1B NDP P . -3.68 26.29 -23.29
N9A NDP P . -2.53 27.21 -23.18
C8A NDP P . -1.57 27.16 -22.26
N7A NDP P . -0.74 28.19 -22.45
C5A NDP P . -1.22 28.92 -23.49
C6A NDP P . -0.80 30.16 -24.19
N6A NDP P . 0.33 30.82 -23.80
N1A NDP P . -1.57 30.64 -25.19
C2A NDP P . -2.67 29.98 -25.57
N3A NDP P . -3.06 28.85 -24.96
C4A NDP P . -2.37 28.31 -23.92
O3 NDP P . -6.00 25.95 -17.57
PN NDP P . -5.89 24.87 -16.34
O1N NDP P . -4.70 24.02 -16.66
O2N NDP P . -5.98 25.51 -14.96
O5D NDP P . -7.22 23.98 -16.49
C5D NDP P . -7.39 23.12 -17.61
C4D NDP P . -8.54 22.14 -17.38
O4D NDP P . -8.32 21.35 -16.21
C3D NDP P . -9.88 22.81 -17.17
O3D NDP P . -10.85 21.92 -17.71
C2D NDP P . -10.03 22.85 -15.64
O2D NDP P . -11.38 22.71 -15.19
C1D NDP P . -9.29 21.61 -15.18
N1N NDP P . -8.67 21.81 -13.87
C2N NDP P . -8.81 20.86 -12.95
C3N NDP P . -8.15 21.04 -11.73
C7N NDP P . -8.34 19.98 -10.71
O7N NDP P . -7.67 20.03 -9.69
N7N NDP P . -9.10 18.96 -11.06
C4N NDP P . -7.36 22.04 -11.51
C5N NDP P . -7.14 22.93 -12.44
C6N NDP P . -7.84 22.85 -13.64
P2B NDP P . -2.64 23.39 -25.72
O1X NDP P . -1.31 24.09 -25.72
O2X NDP P . -2.66 22.07 -24.98
O3X NDP P . -3.42 23.35 -27.01
C ACT Q . -14.61 -22.00 -19.44
O ACT Q . -14.57 -22.97 -18.66
OXT ACT Q . -13.98 -20.96 -19.09
CH3 ACT Q . -15.40 -22.08 -20.72
PA NDP R . -17.26 -16.01 -11.05
O1A NDP R . -16.17 -15.00 -10.78
O2A NDP R . -18.48 -15.66 -11.90
O5B NDP R . -17.69 -16.78 -9.72
C5B NDP R . -16.73 -17.27 -8.78
C4B NDP R . -17.10 -16.81 -7.35
O4B NDP R . -17.04 -15.38 -7.30
C3B NDP R . -18.52 -17.14 -6.86
O3B NDP R . -18.54 -18.39 -6.14
C2B NDP R . -18.94 -15.94 -6.01
O2B NDP R . -18.85 -16.21 -4.60
C1B NDP R . -17.88 -14.90 -6.26
N9A NDP R . -18.44 -13.59 -6.64
C8A NDP R . -19.39 -13.36 -7.56
N7A NDP R . -19.57 -12.03 -7.67
C5A NDP R . -18.72 -11.45 -6.79
C6A NDP R . -18.46 -10.04 -6.39
N6A NDP R . -19.16 -9.05 -7.01
N1A NDP R . -17.49 -9.80 -5.47
C2A NDP R . -16.80 -10.82 -4.89
N3A NDP R . -17.03 -12.11 -5.22
C4A NDP R . -17.99 -12.43 -6.15
O3 NDP R . -16.52 -17.32 -11.71
PN NDP R . -17.03 -18.13 -13.03
O1N NDP R . -18.52 -18.32 -13.02
O2N NDP R . -16.35 -17.50 -14.22
O5D NDP R . -16.46 -19.59 -12.70
C5D NDP R . -16.47 -20.12 -11.39
C4D NDP R . -16.15 -21.60 -11.43
O4D NDP R . -16.85 -22.25 -12.49
C3D NDP R . -14.70 -21.95 -11.68
O3D NDP R . -14.66 -23.24 -11.09
C2D NDP R . -14.60 -22.20 -13.17
O2D NDP R . -13.64 -23.20 -13.50
C1D NDP R . -15.96 -22.77 -13.48
N1N NDP R . -16.41 -22.41 -14.82
C2N NDP R . -16.84 -23.38 -15.65
C3N NDP R . -17.25 -23.06 -16.94
C7N NDP R . -17.72 -24.16 -17.86
O7N NDP R . -17.95 -23.89 -19.02
N7N NDP R . -17.88 -25.40 -17.41
C4N NDP R . -17.25 -21.82 -17.34
C5N NDP R . -16.85 -20.86 -16.56
C6N NDP R . -16.41 -21.13 -15.26
P2B NDP R . -20.12 -16.48 -3.63
O1X NDP R . -20.92 -15.19 -3.74
O2X NDP R . -20.89 -17.65 -4.17
O3X NDP R . -19.46 -16.83 -2.30
#